data_1HUL
# 
_entry.id   1HUL 
# 
_audit_conform.dict_name       mmcif_pdbx.dic 
_audit_conform.dict_version    5.397 
_audit_conform.dict_location   http://mmcif.pdb.org/dictionaries/ascii/mmcif_pdbx.dic 
# 
loop_
_database_2.database_id 
_database_2.database_code 
_database_2.pdbx_database_accession 
_database_2.pdbx_DOI 
PDB   1HUL         pdb_00001hul 10.2210/pdb1hul/pdb 
WWPDB D_1000174030 ?            ?                   
# 
loop_
_pdbx_audit_revision_history.ordinal 
_pdbx_audit_revision_history.data_content_type 
_pdbx_audit_revision_history.major_revision 
_pdbx_audit_revision_history.minor_revision 
_pdbx_audit_revision_history.revision_date 
1 'Structure model' 1 0 1995-12-07 
2 'Structure model' 1 1 2008-03-24 
3 'Structure model' 1 2 2011-07-13 
4 'Structure model' 1 3 2024-06-05 
5 'Structure model' 1 4 2024-10-09 
# 
_pdbx_audit_revision_details.ordinal             1 
_pdbx_audit_revision_details.revision_ordinal    1 
_pdbx_audit_revision_details.data_content_type   'Structure model' 
_pdbx_audit_revision_details.provider            repository 
_pdbx_audit_revision_details.type                'Initial release' 
_pdbx_audit_revision_details.description         ? 
_pdbx_audit_revision_details.details             ? 
# 
loop_
_pdbx_audit_revision_group.ordinal 
_pdbx_audit_revision_group.revision_ordinal 
_pdbx_audit_revision_group.data_content_type 
_pdbx_audit_revision_group.group 
1 2 'Structure model' 'Version format compliance' 
2 3 'Structure model' 'Version format compliance' 
3 4 'Structure model' 'Data collection'           
4 4 'Structure model' 'Database references'       
5 4 'Structure model' Other                       
6 5 'Structure model' 'Structure summary'         
# 
loop_
_pdbx_audit_revision_category.ordinal 
_pdbx_audit_revision_category.revision_ordinal 
_pdbx_audit_revision_category.data_content_type 
_pdbx_audit_revision_category.category 
1 4 'Structure model' chem_comp_atom            
2 4 'Structure model' chem_comp_bond            
3 4 'Structure model' database_2                
4 4 'Structure model' pdbx_database_status      
5 5 'Structure model' pdbx_entry_details        
6 5 'Structure model' pdbx_modification_feature 
# 
loop_
_pdbx_audit_revision_item.ordinal 
_pdbx_audit_revision_item.revision_ordinal 
_pdbx_audit_revision_item.data_content_type 
_pdbx_audit_revision_item.item 
1 4 'Structure model' '_database_2.pdbx_DOI'                
2 4 'Structure model' '_database_2.pdbx_database_accession' 
3 4 'Structure model' '_pdbx_database_status.process_site'  
# 
_pdbx_database_status.status_code                     REL 
_pdbx_database_status.entry_id                        1HUL 
_pdbx_database_status.recvd_initial_deposition_date   1995-03-17 
_pdbx_database_status.deposit_site                    ? 
_pdbx_database_status.process_site                    BNL 
_pdbx_database_status.SG_entry                        . 
_pdbx_database_status.pdb_format_compatible           Y 
_pdbx_database_status.status_code_mr                  ? 
_pdbx_database_status.status_code_sf                  ? 
_pdbx_database_status.status_code_cs                  ? 
_pdbx_database_status.status_code_nmr_data            ? 
_pdbx_database_status.methods_development_category    ? 
# 
_audit_author.name           'Milburn, M.V.' 
_audit_author.pdbx_ordinal   1 
# 
_citation.id                        primary 
_citation.title                     
'A novel dimer configuration revealed by the crystal structure at 2.4 A resolution of human interleukin-5.' 
_citation.journal_abbrev            Nature 
_citation.journal_volume            363 
_citation.page_first                172 
_citation.page_last                 176 
_citation.year                      1993 
_citation.journal_id_ASTM           NATUAS 
_citation.country                   UK 
_citation.journal_id_ISSN           0028-0836 
_citation.journal_id_CSD            0006 
_citation.book_publisher            ? 
_citation.pdbx_database_id_PubMed   8483502 
_citation.pdbx_database_id_DOI      10.1038/363172a0 
# 
loop_
_citation_author.citation_id 
_citation_author.name 
_citation_author.ordinal 
_citation_author.identifier_ORCID 
primary 'Milburn, M.V.'   1 ? 
primary 'Hassell, A.M.'   2 ? 
primary 'Lambert, M.H.'   3 ? 
primary 'Jordan, S.R.'    4 ? 
primary 'Proudfoot, A.E.' 5 ? 
primary 'Graber, P.'      6 ? 
primary 'Wells, T.N.'     7 ? 
# 
loop_
_entity.id 
_entity.type 
_entity.src_method 
_entity.pdbx_description 
_entity.formula_weight 
_entity.pdbx_number_of_molecules 
_entity.pdbx_ec 
_entity.pdbx_mutation 
_entity.pdbx_fragment 
_entity.details 
1 polymer man INTERLEUKIN-5 12396.356 2  ? ? ? ? 
2 water   nat water         18.015    33 ? ? ? ? 
# 
_entity_poly.entity_id                      1 
_entity_poly.type                           'polypeptide(L)' 
_entity_poly.nstd_linkage                   no 
_entity_poly.nstd_monomer                   no 
_entity_poly.pdbx_seq_one_letter_code       
;IPTSALVKETLALLSTHRTLLIANETLRIPVPVHKNHQLCTEEIFQGIGTLESQTVQGGTVERLFKNLSLIKKYIDGQKK
KCGEERRRVNQFLDYLQEFLGVMNTEWI
;
_entity_poly.pdbx_seq_one_letter_code_can   
;IPTSALVKETLALLSTHRTLLIANETLRIPVPVHKNHQLCTEEIFQGIGTLESQTVQGGTVERLFKNLSLIKKYIDGQKK
KCGEERRRVNQFLDYLQEFLGVMNTEWI
;
_entity_poly.pdbx_strand_id                 A,B 
_entity_poly.pdbx_target_identifier         ? 
# 
_pdbx_entity_nonpoly.entity_id   2 
_pdbx_entity_nonpoly.name        water 
_pdbx_entity_nonpoly.comp_id     HOH 
# 
loop_
_entity_poly_seq.entity_id 
_entity_poly_seq.num 
_entity_poly_seq.mon_id 
_entity_poly_seq.hetero 
1 1   ILE n 
1 2   PRO n 
1 3   THR n 
1 4   SER n 
1 5   ALA n 
1 6   LEU n 
1 7   VAL n 
1 8   LYS n 
1 9   GLU n 
1 10  THR n 
1 11  LEU n 
1 12  ALA n 
1 13  LEU n 
1 14  LEU n 
1 15  SER n 
1 16  THR n 
1 17  HIS n 
1 18  ARG n 
1 19  THR n 
1 20  LEU n 
1 21  LEU n 
1 22  ILE n 
1 23  ALA n 
1 24  ASN n 
1 25  GLU n 
1 26  THR n 
1 27  LEU n 
1 28  ARG n 
1 29  ILE n 
1 30  PRO n 
1 31  VAL n 
1 32  PRO n 
1 33  VAL n 
1 34  HIS n 
1 35  LYS n 
1 36  ASN n 
1 37  HIS n 
1 38  GLN n 
1 39  LEU n 
1 40  CYS n 
1 41  THR n 
1 42  GLU n 
1 43  GLU n 
1 44  ILE n 
1 45  PHE n 
1 46  GLN n 
1 47  GLY n 
1 48  ILE n 
1 49  GLY n 
1 50  THR n 
1 51  LEU n 
1 52  GLU n 
1 53  SER n 
1 54  GLN n 
1 55  THR n 
1 56  VAL n 
1 57  GLN n 
1 58  GLY n 
1 59  GLY n 
1 60  THR n 
1 61  VAL n 
1 62  GLU n 
1 63  ARG n 
1 64  LEU n 
1 65  PHE n 
1 66  LYS n 
1 67  ASN n 
1 68  LEU n 
1 69  SER n 
1 70  LEU n 
1 71  ILE n 
1 72  LYS n 
1 73  LYS n 
1 74  TYR n 
1 75  ILE n 
1 76  ASP n 
1 77  GLY n 
1 78  GLN n 
1 79  LYS n 
1 80  LYS n 
1 81  LYS n 
1 82  CYS n 
1 83  GLY n 
1 84  GLU n 
1 85  GLU n 
1 86  ARG n 
1 87  ARG n 
1 88  ARG n 
1 89  VAL n 
1 90  ASN n 
1 91  GLN n 
1 92  PHE n 
1 93  LEU n 
1 94  ASP n 
1 95  TYR n 
1 96  LEU n 
1 97  GLN n 
1 98  GLU n 
1 99  PHE n 
1 100 LEU n 
1 101 GLY n 
1 102 VAL n 
1 103 MET n 
1 104 ASN n 
1 105 THR n 
1 106 GLU n 
1 107 TRP n 
1 108 ILE n 
# 
_entity_src_gen.entity_id                          1 
_entity_src_gen.pdbx_src_id                        1 
_entity_src_gen.pdbx_alt_source_flag               sample 
_entity_src_gen.pdbx_seq_type                      ? 
_entity_src_gen.pdbx_beg_seq_num                   ? 
_entity_src_gen.pdbx_end_seq_num                   ? 
_entity_src_gen.gene_src_common_name               human 
_entity_src_gen.gene_src_genus                     Homo 
_entity_src_gen.pdbx_gene_src_gene                 ? 
_entity_src_gen.gene_src_species                   ? 
_entity_src_gen.gene_src_strain                    ? 
_entity_src_gen.gene_src_tissue                    ? 
_entity_src_gen.gene_src_tissue_fraction           ? 
_entity_src_gen.gene_src_details                   ? 
_entity_src_gen.pdbx_gene_src_fragment             ? 
_entity_src_gen.pdbx_gene_src_scientific_name      'Homo sapiens' 
_entity_src_gen.pdbx_gene_src_ncbi_taxonomy_id     9606 
_entity_src_gen.pdbx_gene_src_variant              ? 
_entity_src_gen.pdbx_gene_src_cell_line            ? 
_entity_src_gen.pdbx_gene_src_atcc                 ? 
_entity_src_gen.pdbx_gene_src_organ                ? 
_entity_src_gen.pdbx_gene_src_organelle            ? 
_entity_src_gen.pdbx_gene_src_cell                 ? 
_entity_src_gen.pdbx_gene_src_cellular_location    ? 
_entity_src_gen.host_org_common_name               ? 
_entity_src_gen.pdbx_host_org_scientific_name      'Escherichia coli' 
_entity_src_gen.pdbx_host_org_ncbi_taxonomy_id     562 
_entity_src_gen.host_org_genus                     Escherichia 
_entity_src_gen.pdbx_host_org_gene                 ? 
_entity_src_gen.pdbx_host_org_organ                ? 
_entity_src_gen.host_org_species                   ? 
_entity_src_gen.pdbx_host_org_tissue               ? 
_entity_src_gen.pdbx_host_org_tissue_fraction      ? 
_entity_src_gen.pdbx_host_org_strain               ? 
_entity_src_gen.pdbx_host_org_variant              ? 
_entity_src_gen.pdbx_host_org_cell_line            ? 
_entity_src_gen.pdbx_host_org_atcc                 ? 
_entity_src_gen.pdbx_host_org_culture_collection   ? 
_entity_src_gen.pdbx_host_org_cell                 ? 
_entity_src_gen.pdbx_host_org_organelle            ? 
_entity_src_gen.pdbx_host_org_cellular_location    ? 
_entity_src_gen.pdbx_host_org_vector_type          ? 
_entity_src_gen.pdbx_host_org_vector               ? 
_entity_src_gen.host_org_details                   ? 
_entity_src_gen.expression_system_id               ? 
_entity_src_gen.plasmid_name                       ? 
_entity_src_gen.plasmid_details                    ? 
_entity_src_gen.pdbx_description                   ? 
# 
loop_
_chem_comp.id 
_chem_comp.type 
_chem_comp.mon_nstd_flag 
_chem_comp.name 
_chem_comp.pdbx_synonyms 
_chem_comp.formula 
_chem_comp.formula_weight 
ALA 'L-peptide linking' y ALANINE         ? 'C3 H7 N O2'     89.093  
ARG 'L-peptide linking' y ARGININE        ? 'C6 H15 N4 O2 1' 175.209 
ASN 'L-peptide linking' y ASPARAGINE      ? 'C4 H8 N2 O3'    132.118 
ASP 'L-peptide linking' y 'ASPARTIC ACID' ? 'C4 H7 N O4'     133.103 
CYS 'L-peptide linking' y CYSTEINE        ? 'C3 H7 N O2 S'   121.158 
GLN 'L-peptide linking' y GLUTAMINE       ? 'C5 H10 N2 O3'   146.144 
GLU 'L-peptide linking' y 'GLUTAMIC ACID' ? 'C5 H9 N O4'     147.129 
GLY 'peptide linking'   y GLYCINE         ? 'C2 H5 N O2'     75.067  
HIS 'L-peptide linking' y HISTIDINE       ? 'C6 H10 N3 O2 1' 156.162 
HOH non-polymer         . WATER           ? 'H2 O'           18.015  
ILE 'L-peptide linking' y ISOLEUCINE      ? 'C6 H13 N O2'    131.173 
LEU 'L-peptide linking' y LEUCINE         ? 'C6 H13 N O2'    131.173 
LYS 'L-peptide linking' y LYSINE          ? 'C6 H15 N2 O2 1' 147.195 
MET 'L-peptide linking' y METHIONINE      ? 'C5 H11 N O2 S'  149.211 
PHE 'L-peptide linking' y PHENYLALANINE   ? 'C9 H11 N O2'    165.189 
PRO 'L-peptide linking' y PROLINE         ? 'C5 H9 N O2'     115.130 
SER 'L-peptide linking' y SERINE          ? 'C3 H7 N O3'     105.093 
THR 'L-peptide linking' y THREONINE       ? 'C4 H9 N O3'     119.119 
TRP 'L-peptide linking' y TRYPTOPHAN      ? 'C11 H12 N2 O2'  204.225 
TYR 'L-peptide linking' y TYROSINE        ? 'C9 H11 N O3'    181.189 
VAL 'L-peptide linking' y VALINE          ? 'C5 H11 N O2'    117.146 
# 
loop_
_pdbx_poly_seq_scheme.asym_id 
_pdbx_poly_seq_scheme.entity_id 
_pdbx_poly_seq_scheme.seq_id 
_pdbx_poly_seq_scheme.mon_id 
_pdbx_poly_seq_scheme.ndb_seq_num 
_pdbx_poly_seq_scheme.pdb_seq_num 
_pdbx_poly_seq_scheme.auth_seq_num 
_pdbx_poly_seq_scheme.pdb_mon_id 
_pdbx_poly_seq_scheme.auth_mon_id 
_pdbx_poly_seq_scheme.pdb_strand_id 
_pdbx_poly_seq_scheme.pdb_ins_code 
_pdbx_poly_seq_scheme.hetero 
A 1 1   ILE 1   5   5   ILE ILE A . n 
A 1 2   PRO 2   6   6   PRO PRO A . n 
A 1 3   THR 3   7   7   THR THR A . n 
A 1 4   SER 4   8   8   SER SER A . n 
A 1 5   ALA 5   9   9   ALA ALA A . n 
A 1 6   LEU 6   10  10  LEU LEU A . n 
A 1 7   VAL 7   11  11  VAL VAL A . n 
A 1 8   LYS 8   12  12  LYS LYS A . n 
A 1 9   GLU 9   13  13  GLU GLU A . n 
A 1 10  THR 10  14  14  THR THR A . n 
A 1 11  LEU 11  15  15  LEU LEU A . n 
A 1 12  ALA 12  16  16  ALA ALA A . n 
A 1 13  LEU 13  17  17  LEU LEU A . n 
A 1 14  LEU 14  18  18  LEU LEU A . n 
A 1 15  SER 15  19  19  SER SER A . n 
A 1 16  THR 16  20  20  THR THR A . n 
A 1 17  HIS 17  21  21  HIS HIS A . n 
A 1 18  ARG 18  22  22  ARG ARG A . n 
A 1 19  THR 19  23  23  THR THR A . n 
A 1 20  LEU 20  24  24  LEU LEU A . n 
A 1 21  LEU 21  25  25  LEU LEU A . n 
A 1 22  ILE 22  26  26  ILE ILE A . n 
A 1 23  ALA 23  27  27  ALA ALA A . n 
A 1 24  ASN 24  28  28  ASN ASN A . n 
A 1 25  GLU 25  29  29  GLU GLU A . n 
A 1 26  THR 26  30  30  THR THR A . n 
A 1 27  LEU 27  31  31  LEU LEU A . n 
A 1 28  ARG 28  32  32  ARG ARG A . n 
A 1 29  ILE 29  33  33  ILE ILE A . n 
A 1 30  PRO 30  34  34  PRO PRO A . n 
A 1 31  VAL 31  35  35  VAL VAL A . n 
A 1 32  PRO 32  36  36  PRO PRO A . n 
A 1 33  VAL 33  37  37  VAL VAL A . n 
A 1 34  HIS 34  38  38  HIS HIS A . n 
A 1 35  LYS 35  39  39  LYS LYS A . n 
A 1 36  ASN 36  40  40  ASN ASN A . n 
A 1 37  HIS 37  41  41  HIS HIS A . n 
A 1 38  GLN 38  42  42  GLN GLN A . n 
A 1 39  LEU 39  43  43  LEU LEU A . n 
A 1 40  CYS 40  44  44  CYS CYS A . n 
A 1 41  THR 41  45  45  THR THR A . n 
A 1 42  GLU 42  46  46  GLU GLU A . n 
A 1 43  GLU 43  47  47  GLU GLU A . n 
A 1 44  ILE 44  48  48  ILE ILE A . n 
A 1 45  PHE 45  49  49  PHE PHE A . n 
A 1 46  GLN 46  50  50  GLN GLN A . n 
A 1 47  GLY 47  51  51  GLY GLY A . n 
A 1 48  ILE 48  52  52  ILE ILE A . n 
A 1 49  GLY 49  53  53  GLY GLY A . n 
A 1 50  THR 50  54  54  THR THR A . n 
A 1 51  LEU 51  55  55  LEU LEU A . n 
A 1 52  GLU 52  56  56  GLU GLU A . n 
A 1 53  SER 53  57  57  SER SER A . n 
A 1 54  GLN 54  58  58  GLN GLN A . n 
A 1 55  THR 55  59  59  THR THR A . n 
A 1 56  VAL 56  60  60  VAL VAL A . n 
A 1 57  GLN 57  61  61  GLN GLN A . n 
A 1 58  GLY 58  62  62  GLY GLY A . n 
A 1 59  GLY 59  63  63  GLY GLY A . n 
A 1 60  THR 60  64  64  THR THR A . n 
A 1 61  VAL 61  65  65  VAL VAL A . n 
A 1 62  GLU 62  66  66  GLU GLU A . n 
A 1 63  ARG 63  67  67  ARG ARG A . n 
A 1 64  LEU 64  68  68  LEU LEU A . n 
A 1 65  PHE 65  69  69  PHE PHE A . n 
A 1 66  LYS 66  70  70  LYS LYS A . n 
A 1 67  ASN 67  71  71  ASN ASN A . n 
A 1 68  LEU 68  72  72  LEU LEU A . n 
A 1 69  SER 69  73  73  SER SER A . n 
A 1 70  LEU 70  74  74  LEU LEU A . n 
A 1 71  ILE 71  75  75  ILE ILE A . n 
A 1 72  LYS 72  76  76  LYS LYS A . n 
A 1 73  LYS 73  77  77  LYS LYS A . n 
A 1 74  TYR 74  78  78  TYR TYR A . n 
A 1 75  ILE 75  79  79  ILE ILE A . n 
A 1 76  ASP 76  80  80  ASP ASP A . n 
A 1 77  GLY 77  81  81  GLY GLY A . n 
A 1 78  GLN 78  82  82  GLN GLN A . n 
A 1 79  LYS 79  83  83  LYS LYS A . n 
A 1 80  LYS 80  84  84  LYS LYS A . n 
A 1 81  LYS 81  85  85  LYS LYS A . n 
A 1 82  CYS 82  86  86  CYS CYS A . n 
A 1 83  GLY 83  87  87  GLY GLY A . n 
A 1 84  GLU 84  88  88  GLU GLU A . n 
A 1 85  GLU 85  89  89  GLU GLU A . n 
A 1 86  ARG 86  90  90  ARG ARG A . n 
A 1 87  ARG 87  91  91  ARG ARG A . n 
A 1 88  ARG 88  92  92  ARG ARG A . n 
A 1 89  VAL 89  93  93  VAL VAL A . n 
A 1 90  ASN 90  94  94  ASN ASN A . n 
A 1 91  GLN 91  95  95  GLN GLN A . n 
A 1 92  PHE 92  96  96  PHE PHE A . n 
A 1 93  LEU 93  97  97  LEU LEU A . n 
A 1 94  ASP 94  98  98  ASP ASP A . n 
A 1 95  TYR 95  99  99  TYR TYR A . n 
A 1 96  LEU 96  100 100 LEU LEU A . n 
A 1 97  GLN 97  101 101 GLN GLN A . n 
A 1 98  GLU 98  102 102 GLU GLU A . n 
A 1 99  PHE 99  103 103 PHE PHE A . n 
A 1 100 LEU 100 104 104 LEU LEU A . n 
A 1 101 GLY 101 105 105 GLY GLY A . n 
A 1 102 VAL 102 106 106 VAL VAL A . n 
A 1 103 MET 103 107 107 MET MET A . n 
A 1 104 ASN 104 108 108 ASN ASN A . n 
A 1 105 THR 105 109 109 THR THR A . n 
A 1 106 GLU 106 110 110 GLU GLU A . n 
A 1 107 TRP 107 111 111 TRP TRP A . n 
A 1 108 ILE 108 112 112 ILE ILE A . n 
B 1 1   ILE 1   5   5   ILE ILE B . n 
B 1 2   PRO 2   6   6   PRO PRO B . n 
B 1 3   THR 3   7   7   THR THR B . n 
B 1 4   SER 4   8   8   SER SER B . n 
B 1 5   ALA 5   9   9   ALA ALA B . n 
B 1 6   LEU 6   10  10  LEU LEU B . n 
B 1 7   VAL 7   11  11  VAL VAL B . n 
B 1 8   LYS 8   12  12  LYS LYS B . n 
B 1 9   GLU 9   13  13  GLU GLU B . n 
B 1 10  THR 10  14  14  THR THR B . n 
B 1 11  LEU 11  15  15  LEU LEU B . n 
B 1 12  ALA 12  16  16  ALA ALA B . n 
B 1 13  LEU 13  17  17  LEU LEU B . n 
B 1 14  LEU 14  18  18  LEU LEU B . n 
B 1 15  SER 15  19  19  SER SER B . n 
B 1 16  THR 16  20  20  THR THR B . n 
B 1 17  HIS 17  21  21  HIS HIS B . n 
B 1 18  ARG 18  22  22  ARG ARG B . n 
B 1 19  THR 19  23  23  THR THR B . n 
B 1 20  LEU 20  24  24  LEU LEU B . n 
B 1 21  LEU 21  25  25  LEU LEU B . n 
B 1 22  ILE 22  26  26  ILE ILE B . n 
B 1 23  ALA 23  27  27  ALA ALA B . n 
B 1 24  ASN 24  28  28  ASN ASN B . n 
B 1 25  GLU 25  29  29  GLU GLU B . n 
B 1 26  THR 26  30  30  THR THR B . n 
B 1 27  LEU 27  31  31  LEU LEU B . n 
B 1 28  ARG 28  32  32  ARG ARG B . n 
B 1 29  ILE 29  33  33  ILE ILE B . n 
B 1 30  PRO 30  34  34  PRO PRO B . n 
B 1 31  VAL 31  35  35  VAL VAL B . n 
B 1 32  PRO 32  36  36  PRO PRO B . n 
B 1 33  VAL 33  37  37  VAL VAL B . n 
B 1 34  HIS 34  38  38  HIS HIS B . n 
B 1 35  LYS 35  39  39  LYS LYS B . n 
B 1 36  ASN 36  40  40  ASN ASN B . n 
B 1 37  HIS 37  41  41  HIS HIS B . n 
B 1 38  GLN 38  42  42  GLN GLN B . n 
B 1 39  LEU 39  43  43  LEU LEU B . n 
B 1 40  CYS 40  44  44  CYS CYS B . n 
B 1 41  THR 41  45  45  THR THR B . n 
B 1 42  GLU 42  46  46  GLU GLU B . n 
B 1 43  GLU 43  47  47  GLU GLU B . n 
B 1 44  ILE 44  48  48  ILE ILE B . n 
B 1 45  PHE 45  49  49  PHE PHE B . n 
B 1 46  GLN 46  50  50  GLN GLN B . n 
B 1 47  GLY 47  51  51  GLY GLY B . n 
B 1 48  ILE 48  52  52  ILE ILE B . n 
B 1 49  GLY 49  53  53  GLY GLY B . n 
B 1 50  THR 50  54  54  THR THR B . n 
B 1 51  LEU 51  55  55  LEU LEU B . n 
B 1 52  GLU 52  56  56  GLU GLU B . n 
B 1 53  SER 53  57  57  SER SER B . n 
B 1 54  GLN 54  58  58  GLN GLN B . n 
B 1 55  THR 55  59  59  THR THR B . n 
B 1 56  VAL 56  60  60  VAL VAL B . n 
B 1 57  GLN 57  61  61  GLN GLN B . n 
B 1 58  GLY 58  62  62  GLY GLY B . n 
B 1 59  GLY 59  63  63  GLY GLY B . n 
B 1 60  THR 60  64  64  THR THR B . n 
B 1 61  VAL 61  65  65  VAL VAL B . n 
B 1 62  GLU 62  66  66  GLU GLU B . n 
B 1 63  ARG 63  67  67  ARG ARG B . n 
B 1 64  LEU 64  68  68  LEU LEU B . n 
B 1 65  PHE 65  69  69  PHE PHE B . n 
B 1 66  LYS 66  70  70  LYS LYS B . n 
B 1 67  ASN 67  71  71  ASN ASN B . n 
B 1 68  LEU 68  72  72  LEU LEU B . n 
B 1 69  SER 69  73  73  SER SER B . n 
B 1 70  LEU 70  74  74  LEU LEU B . n 
B 1 71  ILE 71  75  75  ILE ILE B . n 
B 1 72  LYS 72  76  76  LYS LYS B . n 
B 1 73  LYS 73  77  77  LYS LYS B . n 
B 1 74  TYR 74  78  78  TYR TYR B . n 
B 1 75  ILE 75  79  79  ILE ILE B . n 
B 1 76  ASP 76  80  80  ASP ASP B . n 
B 1 77  GLY 77  81  81  GLY GLY B . n 
B 1 78  GLN 78  82  82  GLN GLN B . n 
B 1 79  LYS 79  83  83  LYS LYS B . n 
B 1 80  LYS 80  84  84  LYS LYS B . n 
B 1 81  LYS 81  85  85  LYS LYS B . n 
B 1 82  CYS 82  86  86  CYS CYS B . n 
B 1 83  GLY 83  87  87  GLY GLY B . n 
B 1 84  GLU 84  88  88  GLU GLU B . n 
B 1 85  GLU 85  89  89  GLU GLU B . n 
B 1 86  ARG 86  90  90  ARG ARG B . n 
B 1 87  ARG 87  91  91  ARG ARG B . n 
B 1 88  ARG 88  92  92  ARG ARG B . n 
B 1 89  VAL 89  93  93  VAL VAL B . n 
B 1 90  ASN 90  94  94  ASN ASN B . n 
B 1 91  GLN 91  95  95  GLN GLN B . n 
B 1 92  PHE 92  96  96  PHE PHE B . n 
B 1 93  LEU 93  97  97  LEU LEU B . n 
B 1 94  ASP 94  98  98  ASP ASP B . n 
B 1 95  TYR 95  99  99  TYR TYR B . n 
B 1 96  LEU 96  100 100 LEU LEU B . n 
B 1 97  GLN 97  101 101 GLN GLN B . n 
B 1 98  GLU 98  102 102 GLU GLU B . n 
B 1 99  PHE 99  103 103 PHE PHE B . n 
B 1 100 LEU 100 104 104 LEU LEU B . n 
B 1 101 GLY 101 105 105 GLY GLY B . n 
B 1 102 VAL 102 106 106 VAL VAL B . n 
B 1 103 MET 103 107 107 MET MET B . n 
B 1 104 ASN 104 108 108 ASN ASN B . n 
B 1 105 THR 105 109 109 THR THR B . n 
B 1 106 GLU 106 110 110 GLU GLU B . n 
B 1 107 TRP 107 111 111 TRP TRP B . n 
B 1 108 ILE 108 112 112 ILE ILE B . n 
# 
loop_
_pdbx_nonpoly_scheme.asym_id 
_pdbx_nonpoly_scheme.entity_id 
_pdbx_nonpoly_scheme.mon_id 
_pdbx_nonpoly_scheme.ndb_seq_num 
_pdbx_nonpoly_scheme.pdb_seq_num 
_pdbx_nonpoly_scheme.auth_seq_num 
_pdbx_nonpoly_scheme.pdb_mon_id 
_pdbx_nonpoly_scheme.auth_mon_id 
_pdbx_nonpoly_scheme.pdb_strand_id 
_pdbx_nonpoly_scheme.pdb_ins_code 
C 2 HOH 1  851 851 HOH HOH A . 
C 2 HOH 2  852 852 HOH HOH A . 
C 2 HOH 3  853 853 HOH HOH A . 
C 2 HOH 4  854 854 HOH HOH A . 
C 2 HOH 5  855 855 HOH HOH A . 
C 2 HOH 6  856 856 HOH HOH A . 
C 2 HOH 7  859 859 HOH HOH A . 
C 2 HOH 8  862 862 HOH HOH A . 
C 2 HOH 9  870 870 HOH HOH A . 
C 2 HOH 10 871 871 HOH HOH A . 
C 2 HOH 11 872 872 HOH HOH A . 
C 2 HOH 12 873 873 HOH HOH A . 
C 2 HOH 13 875 875 HOH HOH A . 
C 2 HOH 14 876 876 HOH HOH A . 
C 2 HOH 15 881 881 HOH HOH A . 
C 2 HOH 16 882 882 HOH HOH A . 
C 2 HOH 17 884 884 HOH HOH A . 
D 2 HOH 1  857 857 HOH HOH B . 
D 2 HOH 2  858 858 HOH HOH B . 
D 2 HOH 3  860 860 HOH HOH B . 
D 2 HOH 4  861 861 HOH HOH B . 
D 2 HOH 5  863 863 HOH HOH B . 
D 2 HOH 6  864 864 HOH HOH B . 
D 2 HOH 7  865 865 HOH HOH B . 
D 2 HOH 8  866 866 HOH HOH B . 
D 2 HOH 9  867 867 HOH HOH B . 
D 2 HOH 10 869 869 HOH HOH B . 
D 2 HOH 11 874 874 HOH HOH B . 
D 2 HOH 12 877 877 HOH HOH B . 
D 2 HOH 13 878 878 HOH HOH B . 
D 2 HOH 14 879 879 HOH HOH B . 
D 2 HOH 15 880 880 HOH HOH B . 
D 2 HOH 16 883 883 HOH HOH B . 
# 
loop_
_software.name 
_software.classification 
_software.version 
_software.citation_id 
_software.pdbx_ordinal 
X-PLOR 'model building' . ? 1 
X-PLOR refinement       . ? 2 
X-PLOR phasing          . ? 3 
# 
_cell.entry_id           1HUL 
_cell.length_a           122.100 
_cell.length_b           36.110 
_cell.length_c           56.420 
_cell.angle_alpha        90.00 
_cell.angle_beta         98.59 
_cell.angle_gamma        90.00 
_cell.Z_PDB              8 
_cell.pdbx_unique_axis   ? 
# 
_symmetry.entry_id                         1HUL 
_symmetry.space_group_name_H-M             'C 1 2 1' 
_symmetry.pdbx_full_space_group_name_H-M   ? 
_symmetry.cell_setting                     ? 
_symmetry.Int_Tables_number                5 
# 
_exptl.entry_id          1HUL 
_exptl.method            'X-RAY DIFFRACTION' 
_exptl.crystals_number   ? 
# 
_exptl_crystal.id                    1 
_exptl_crystal.density_meas          ? 
_exptl_crystal.density_Matthews      2.48 
_exptl_crystal.density_percent_sol   50.40 
_exptl_crystal.description           ? 
# 
_diffrn.id                     1 
_diffrn.ambient_temp           ? 
_diffrn.ambient_temp_details   ? 
_diffrn.crystal_id             1 
# 
_diffrn_radiation.diffrn_id                        1 
_diffrn_radiation.wavelength_id                    1 
_diffrn_radiation.pdbx_monochromatic_or_laue_m_l   ? 
_diffrn_radiation.monochromator                    ? 
_diffrn_radiation.pdbx_diffrn_protocol             ? 
_diffrn_radiation.pdbx_scattering_type             x-ray 
# 
_diffrn_radiation_wavelength.id           1 
_diffrn_radiation_wavelength.wavelength   . 
_diffrn_radiation_wavelength.wt           1.0 
# 
_reflns.entry_id                     1HUL 
_reflns.observed_criterion_sigma_I   1. 
_reflns.observed_criterion_sigma_F   ? 
_reflns.d_resolution_low             ? 
_reflns.d_resolution_high            ? 
_reflns.number_obs                   8934 
_reflns.number_all                   ? 
_reflns.percent_possible_obs         ? 
_reflns.pdbx_Rmerge_I_obs            ? 
_reflns.pdbx_Rsym_value              ? 
_reflns.pdbx_netI_over_sigmaI        ? 
_reflns.B_iso_Wilson_estimate        ? 
_reflns.pdbx_redundancy              ? 
_reflns.pdbx_diffrn_id               1 
_reflns.pdbx_ordinal                 1 
# 
_refine.entry_id                                 1HUL 
_refine.ls_number_reflns_obs                     8880 
_refine.ls_number_reflns_all                     ? 
_refine.pdbx_ls_sigma_I                          ? 
_refine.pdbx_ls_sigma_F                          0. 
_refine.pdbx_data_cutoff_high_absF               ? 
_refine.pdbx_data_cutoff_low_absF                ? 
_refine.pdbx_data_cutoff_high_rms_absF           ? 
_refine.ls_d_res_low                             8.0 
_refine.ls_d_res_high                            2.4 
_refine.ls_percent_reflns_obs                    ? 
_refine.ls_R_factor_obs                          0.213 
_refine.ls_R_factor_all                          ? 
_refine.ls_R_factor_R_work                       0.213 
_refine.ls_R_factor_R_free                       0.369 
_refine.ls_R_factor_R_free_error                 ? 
_refine.ls_R_factor_R_free_error_details         ? 
_refine.ls_percent_reflns_R_free                 ? 
_refine.ls_number_reflns_R_free                  ? 
_refine.ls_number_parameters                     ? 
_refine.ls_number_restraints                     ? 
_refine.occupancy_min                            ? 
_refine.occupancy_max                            ? 
_refine.B_iso_mean                               ? 
_refine.aniso_B[1][1]                            ? 
_refine.aniso_B[2][2]                            ? 
_refine.aniso_B[3][3]                            ? 
_refine.aniso_B[1][2]                            ? 
_refine.aniso_B[1][3]                            ? 
_refine.aniso_B[2][3]                            ? 
_refine.solvent_model_details                    ? 
_refine.solvent_model_param_ksol                 ? 
_refine.solvent_model_param_bsol                 ? 
_refine.pdbx_ls_cross_valid_method               ? 
_refine.details                                  ? 
_refine.pdbx_starting_model                      ? 
_refine.pdbx_method_to_determine_struct          ? 
_refine.pdbx_isotropic_thermal_model             ? 
_refine.pdbx_stereochemistry_target_values       ? 
_refine.pdbx_stereochem_target_val_spec_case     ? 
_refine.pdbx_R_Free_selection_details            ? 
_refine.pdbx_overall_ESU_R                       ? 
_refine.pdbx_overall_ESU_R_Free                  ? 
_refine.overall_SU_ML                            ? 
_refine.overall_SU_B                             ? 
_refine.pdbx_refine_id                           'X-RAY DIFFRACTION' 
_refine.pdbx_diffrn_id                           1 
_refine.pdbx_TLS_residual_ADP_flag               ? 
_refine.correlation_coeff_Fo_to_Fc               ? 
_refine.correlation_coeff_Fo_to_Fc_free          ? 
_refine.pdbx_solvent_vdw_probe_radii             ? 
_refine.pdbx_solvent_ion_probe_radii             ? 
_refine.pdbx_solvent_shrinkage_radii             ? 
_refine.pdbx_overall_phase_error                 ? 
_refine.overall_SU_R_Cruickshank_DPI             ? 
_refine.pdbx_overall_SU_R_free_Cruickshank_DPI   ? 
_refine.pdbx_overall_SU_R_Blow_DPI               ? 
_refine.pdbx_overall_SU_R_free_Blow_DPI          ? 
# 
_refine_hist.pdbx_refine_id                   'X-RAY DIFFRACTION' 
_refine_hist.cycle_id                         LAST 
_refine_hist.pdbx_number_atoms_protein        1742 
_refine_hist.pdbx_number_atoms_nucleic_acid   0 
_refine_hist.pdbx_number_atoms_ligand         0 
_refine_hist.number_atoms_solvent             33 
_refine_hist.number_atoms_total               1775 
_refine_hist.d_res_high                       2.4 
_refine_hist.d_res_low                        8.0 
# 
loop_
_refine_ls_restr.type 
_refine_ls_restr.dev_ideal 
_refine_ls_restr.dev_ideal_target 
_refine_ls_restr.weight 
_refine_ls_restr.number 
_refine_ls_restr.pdbx_refine_id 
_refine_ls_restr.pdbx_restraint_function 
x_bond_d                0.015 ? ? ? 'X-RAY DIFFRACTION' ? 
x_bond_d_na             ?     ? ? ? 'X-RAY DIFFRACTION' ? 
x_bond_d_prot           ?     ? ? ? 'X-RAY DIFFRACTION' ? 
x_angle_d               ?     ? ? ? 'X-RAY DIFFRACTION' ? 
x_angle_d_na            ?     ? ? ? 'X-RAY DIFFRACTION' ? 
x_angle_d_prot          ?     ? ? ? 'X-RAY DIFFRACTION' ? 
x_angle_deg             3.1   ? ? ? 'X-RAY DIFFRACTION' ? 
x_angle_deg_na          ?     ? ? ? 'X-RAY DIFFRACTION' ? 
x_angle_deg_prot        ?     ? ? ? 'X-RAY DIFFRACTION' ? 
x_dihedral_angle_d      ?     ? ? ? 'X-RAY DIFFRACTION' ? 
x_dihedral_angle_d_na   ?     ? ? ? 'X-RAY DIFFRACTION' ? 
x_dihedral_angle_d_prot ?     ? ? ? 'X-RAY DIFFRACTION' ? 
x_improper_angle_d      ?     ? ? ? 'X-RAY DIFFRACTION' ? 
x_improper_angle_d_na   ?     ? ? ? 'X-RAY DIFFRACTION' ? 
x_improper_angle_d_prot ?     ? ? ? 'X-RAY DIFFRACTION' ? 
x_mcbond_it             ?     ? ? ? 'X-RAY DIFFRACTION' ? 
x_mcangle_it            ?     ? ? ? 'X-RAY DIFFRACTION' ? 
x_scbond_it             ?     ? ? ? 'X-RAY DIFFRACTION' ? 
x_scangle_it            ?     ? ? ? 'X-RAY DIFFRACTION' ? 
# 
_struct.entry_id                  1HUL 
_struct.title                     
'A NOVEL DIMER CONFIGURATION REVEALED BY THE CRYSTAL STRUCTURE AT 2.4 ANGSTROMS RESOLUTION OF HUMAN INTERLEUKIN-5' 
_struct.pdbx_model_details        ? 
_struct.pdbx_CASP_flag            ? 
_struct.pdbx_model_type_details   ? 
# 
_struct_keywords.entry_id        1HUL 
_struct_keywords.pdbx_keywords   CYTOKINE 
_struct_keywords.text            CYTOKINE 
# 
loop_
_struct_asym.id 
_struct_asym.pdbx_blank_PDB_chainid_flag 
_struct_asym.pdbx_modified 
_struct_asym.entity_id 
_struct_asym.details 
A N N 1 ? 
B N N 1 ? 
C N N 2 ? 
D N N 2 ? 
# 
_struct_ref.id                         1 
_struct_ref.db_name                    UNP 
_struct_ref.db_code                    IL5_HUMAN 
_struct_ref.entity_id                  1 
_struct_ref.pdbx_db_accession          P05113 
_struct_ref.pdbx_align_begin           1 
_struct_ref.pdbx_seq_one_letter_code   
;MRMLLHLSLLALGAAYVYAIPTEIPTSALVKETLALLSTHRTLLIANETLRIPVPVHKNHQLCTEEIFQGIGTLESQTVQ
GGTVERLFKNLSLIKKYIDGQKKKCGEERRRVNQFLDYLQEFLGVMNTEWIIES
;
_struct_ref.pdbx_db_isoform            ? 
# 
loop_
_struct_ref_seq.align_id 
_struct_ref_seq.ref_id 
_struct_ref_seq.pdbx_PDB_id_code 
_struct_ref_seq.pdbx_strand_id 
_struct_ref_seq.seq_align_beg 
_struct_ref_seq.pdbx_seq_align_beg_ins_code 
_struct_ref_seq.seq_align_end 
_struct_ref_seq.pdbx_seq_align_end_ins_code 
_struct_ref_seq.pdbx_db_accession 
_struct_ref_seq.db_align_beg 
_struct_ref_seq.pdbx_db_align_beg_ins_code 
_struct_ref_seq.db_align_end 
_struct_ref_seq.pdbx_db_align_end_ins_code 
_struct_ref_seq.pdbx_auth_seq_align_beg 
_struct_ref_seq.pdbx_auth_seq_align_end 
1 1 1HUL A 1 ? 108 ? P05113 24 ? 131 ? 5 112 
2 1 1HUL B 1 ? 108 ? P05113 24 ? 131 ? 5 112 
# 
_pdbx_struct_assembly.id                   1 
_pdbx_struct_assembly.details              author_and_software_defined_assembly 
_pdbx_struct_assembly.method_details       PISA 
_pdbx_struct_assembly.oligomeric_details   dimeric 
_pdbx_struct_assembly.oligomeric_count     2 
# 
loop_
_pdbx_struct_assembly_prop.biol_id 
_pdbx_struct_assembly_prop.type 
_pdbx_struct_assembly_prop.value 
_pdbx_struct_assembly_prop.details 
1 'ABSA (A^2)' 6620  ? 
1 MORE         -58   ? 
1 'SSA (A^2)'  11370 ? 
# 
_pdbx_struct_assembly_gen.assembly_id       1 
_pdbx_struct_assembly_gen.oper_expression   1 
_pdbx_struct_assembly_gen.asym_id_list      A,B,C,D 
# 
_pdbx_struct_oper_list.id                   1 
_pdbx_struct_oper_list.type                 'identity operation' 
_pdbx_struct_oper_list.name                 1_555 
_pdbx_struct_oper_list.symmetry_operation   x,y,z 
_pdbx_struct_oper_list.matrix[1][1]         1.0000000000 
_pdbx_struct_oper_list.matrix[1][2]         0.0000000000 
_pdbx_struct_oper_list.matrix[1][3]         0.0000000000 
_pdbx_struct_oper_list.vector[1]            0.0000000000 
_pdbx_struct_oper_list.matrix[2][1]         0.0000000000 
_pdbx_struct_oper_list.matrix[2][2]         1.0000000000 
_pdbx_struct_oper_list.matrix[2][3]         0.0000000000 
_pdbx_struct_oper_list.vector[2]            0.0000000000 
_pdbx_struct_oper_list.matrix[3][1]         0.0000000000 
_pdbx_struct_oper_list.matrix[3][2]         0.0000000000 
_pdbx_struct_oper_list.matrix[3][3]         1.0000000000 
_pdbx_struct_oper_list.vector[3]            0.0000000000 
# 
_struct_biol.id   1 
# 
loop_
_struct_conf.conf_type_id 
_struct_conf.id 
_struct_conf.pdbx_PDB_helix_id 
_struct_conf.beg_label_comp_id 
_struct_conf.beg_label_asym_id 
_struct_conf.beg_label_seq_id 
_struct_conf.pdbx_beg_PDB_ins_code 
_struct_conf.end_label_comp_id 
_struct_conf.end_label_asym_id 
_struct_conf.end_label_seq_id 
_struct_conf.pdbx_end_PDB_ins_code 
_struct_conf.beg_auth_comp_id 
_struct_conf.beg_auth_asym_id 
_struct_conf.beg_auth_seq_id 
_struct_conf.end_auth_comp_id 
_struct_conf.end_auth_asym_id 
_struct_conf.end_auth_seq_id 
_struct_conf.pdbx_PDB_helix_class 
_struct_conf.details 
_struct_conf.pdbx_PDB_helix_length 
HELX_P HELX_P1  1  THR A 3  ? THR A 16  ? THR A 7  THR A 20  1 ? 14 
HELX_P HELX_P2  2  ARG A 18 ? ALA A 23  ? ARG A 22 ALA A 27  1 ? 6  
HELX_P HELX_P3  3  HIS A 37 ? GLN A 54  ? HIS A 41 GLN A 58  5 ? 18 
HELX_P HELX_P4  4  THR A 60 ? CYS A 82  ? THR A 64 CYS A 86  5 ? 23 
HELX_P HELX_P5  5  VAL A 89 ? THR A 105 ? VAL A 93 THR A 109 1 ? 17 
HELX_P HELX_P6  6  THR B 3  ? ALA B 23  ? THR B 7  ALA B 27  1 ? 21 
HELX_P HELX_P7  7  HIS B 37 ? LEU B 39  ? HIS B 41 LEU B 43  5 ? 3  
HELX_P HELX_P8  8  THR B 41 ? GLN B 54  ? THR B 45 GLN B 58  1 ? 14 
HELX_P HELX_P9  9  GLY B 59 ? CYS B 82  ? GLY B 63 CYS B 86  5 ? 24 
HELX_P HELX_P10 10 VAL B 89 ? THR B 105 ? VAL B 93 THR B 109 1 ? 17 
# 
_struct_conf_type.id          HELX_P 
_struct_conf_type.criteria    ? 
_struct_conf_type.reference   ? 
# 
loop_
_struct_conn.id 
_struct_conn.conn_type_id 
_struct_conn.pdbx_leaving_atom_flag 
_struct_conn.pdbx_PDB_id 
_struct_conn.ptnr1_label_asym_id 
_struct_conn.ptnr1_label_comp_id 
_struct_conn.ptnr1_label_seq_id 
_struct_conn.ptnr1_label_atom_id 
_struct_conn.pdbx_ptnr1_label_alt_id 
_struct_conn.pdbx_ptnr1_PDB_ins_code 
_struct_conn.pdbx_ptnr1_standard_comp_id 
_struct_conn.ptnr1_symmetry 
_struct_conn.ptnr2_label_asym_id 
_struct_conn.ptnr2_label_comp_id 
_struct_conn.ptnr2_label_seq_id 
_struct_conn.ptnr2_label_atom_id 
_struct_conn.pdbx_ptnr2_label_alt_id 
_struct_conn.pdbx_ptnr2_PDB_ins_code 
_struct_conn.ptnr1_auth_asym_id 
_struct_conn.ptnr1_auth_comp_id 
_struct_conn.ptnr1_auth_seq_id 
_struct_conn.ptnr2_auth_asym_id 
_struct_conn.ptnr2_auth_comp_id 
_struct_conn.ptnr2_auth_seq_id 
_struct_conn.ptnr2_symmetry 
_struct_conn.pdbx_ptnr3_label_atom_id 
_struct_conn.pdbx_ptnr3_label_seq_id 
_struct_conn.pdbx_ptnr3_label_comp_id 
_struct_conn.pdbx_ptnr3_label_asym_id 
_struct_conn.pdbx_ptnr3_label_alt_id 
_struct_conn.pdbx_ptnr3_PDB_ins_code 
_struct_conn.details 
_struct_conn.pdbx_dist_value 
_struct_conn.pdbx_value_order 
_struct_conn.pdbx_role 
disulf1 disulf ? ? A CYS 40 SG ? ? ? 1_555 B CYS 82 SG ? ? A CYS 44 B CYS 86 1_555 ? ? ? ? ? ? ? 2.019 ? ? 
disulf2 disulf ? ? A CYS 82 SG ? ? ? 1_555 B CYS 40 SG ? ? A CYS 86 B CYS 44 1_555 ? ? ? ? ? ? ? 1.997 ? ? 
# 
_struct_conn_type.id          disulf 
_struct_conn_type.criteria    ? 
_struct_conn_type.reference   ? 
# 
loop_
_pdbx_modification_feature.ordinal 
_pdbx_modification_feature.label_comp_id 
_pdbx_modification_feature.label_asym_id 
_pdbx_modification_feature.label_seq_id 
_pdbx_modification_feature.label_alt_id 
_pdbx_modification_feature.modified_residue_label_comp_id 
_pdbx_modification_feature.modified_residue_label_asym_id 
_pdbx_modification_feature.modified_residue_label_seq_id 
_pdbx_modification_feature.modified_residue_label_alt_id 
_pdbx_modification_feature.auth_comp_id 
_pdbx_modification_feature.auth_asym_id 
_pdbx_modification_feature.auth_seq_id 
_pdbx_modification_feature.PDB_ins_code 
_pdbx_modification_feature.symmetry 
_pdbx_modification_feature.modified_residue_auth_comp_id 
_pdbx_modification_feature.modified_residue_auth_asym_id 
_pdbx_modification_feature.modified_residue_auth_seq_id 
_pdbx_modification_feature.modified_residue_PDB_ins_code 
_pdbx_modification_feature.modified_residue_symmetry 
_pdbx_modification_feature.comp_id_linking_atom 
_pdbx_modification_feature.modified_residue_id_linking_atom 
_pdbx_modification_feature.modified_residue_id 
_pdbx_modification_feature.ref_pcm_id 
_pdbx_modification_feature.ref_comp_id 
_pdbx_modification_feature.type 
_pdbx_modification_feature.category 
1 CYS A 40 ? CYS B 82 ? CYS A 44 ? 1_555 CYS B 86 ? 1_555 SG SG . . . None 'Disulfide bridge' 
2 CYS A 82 ? CYS B 40 ? CYS A 86 ? 1_555 CYS B 44 ? 1_555 SG SG . . . None 'Disulfide bridge' 
# 
loop_
_struct_sheet.id 
_struct_sheet.type 
_struct_sheet.number_strands 
_struct_sheet.details 
A ? 2 ? 
B ? 2 ? 
# 
loop_
_struct_sheet_order.sheet_id 
_struct_sheet_order.range_id_1 
_struct_sheet_order.range_id_2 
_struct_sheet_order.offset 
_struct_sheet_order.sense 
A 1 2 ? anti-parallel 
B 1 2 ? anti-parallel 
# 
loop_
_struct_sheet_range.sheet_id 
_struct_sheet_range.id 
_struct_sheet_range.beg_label_comp_id 
_struct_sheet_range.beg_label_asym_id 
_struct_sheet_range.beg_label_seq_id 
_struct_sheet_range.pdbx_beg_PDB_ins_code 
_struct_sheet_range.end_label_comp_id 
_struct_sheet_range.end_label_asym_id 
_struct_sheet_range.end_label_seq_id 
_struct_sheet_range.pdbx_end_PDB_ins_code 
_struct_sheet_range.beg_auth_comp_id 
_struct_sheet_range.beg_auth_asym_id 
_struct_sheet_range.beg_auth_seq_id 
_struct_sheet_range.end_auth_comp_id 
_struct_sheet_range.end_auth_asym_id 
_struct_sheet_range.end_auth_seq_id 
A 1 ARG A 28 ? VAL A 31 ? ARG A 32 VAL A 35 
A 2 GLU B 85 ? ARG B 88 ? GLU B 89 ARG B 92 
B 1 GLU A 85 ? ARG A 88 ? GLU A 89 ARG A 92 
B 2 ARG B 28 ? VAL B 31 ? ARG B 32 VAL B 35 
# 
loop_
_pdbx_struct_sheet_hbond.sheet_id 
_pdbx_struct_sheet_hbond.range_id_1 
_pdbx_struct_sheet_hbond.range_id_2 
_pdbx_struct_sheet_hbond.range_1_label_atom_id 
_pdbx_struct_sheet_hbond.range_1_label_comp_id 
_pdbx_struct_sheet_hbond.range_1_label_asym_id 
_pdbx_struct_sheet_hbond.range_1_label_seq_id 
_pdbx_struct_sheet_hbond.range_1_PDB_ins_code 
_pdbx_struct_sheet_hbond.range_1_auth_atom_id 
_pdbx_struct_sheet_hbond.range_1_auth_comp_id 
_pdbx_struct_sheet_hbond.range_1_auth_asym_id 
_pdbx_struct_sheet_hbond.range_1_auth_seq_id 
_pdbx_struct_sheet_hbond.range_2_label_atom_id 
_pdbx_struct_sheet_hbond.range_2_label_comp_id 
_pdbx_struct_sheet_hbond.range_2_label_asym_id 
_pdbx_struct_sheet_hbond.range_2_label_seq_id 
_pdbx_struct_sheet_hbond.range_2_PDB_ins_code 
_pdbx_struct_sheet_hbond.range_2_auth_atom_id 
_pdbx_struct_sheet_hbond.range_2_auth_comp_id 
_pdbx_struct_sheet_hbond.range_2_auth_asym_id 
_pdbx_struct_sheet_hbond.range_2_auth_seq_id 
A 1 2 O ILE A 29 ? O ILE A 33 N ARG B 87 ? N ARG B 91 
B 1 2 O GLU A 85 ? O GLU A 89 N VAL B 31 ? N VAL B 35 
# 
_pdbx_entry_details.entry_id                   1HUL 
_pdbx_entry_details.compound_details           ? 
_pdbx_entry_details.source_details             ? 
_pdbx_entry_details.nonpolymer_details         ? 
_pdbx_entry_details.sequence_details           ? 
_pdbx_entry_details.has_ligand_of_interest     ? 
_pdbx_entry_details.has_protein_modification   Y 
# 
loop_
_pdbx_validate_rmsd_bond.id 
_pdbx_validate_rmsd_bond.PDB_model_num 
_pdbx_validate_rmsd_bond.auth_atom_id_1 
_pdbx_validate_rmsd_bond.auth_asym_id_1 
_pdbx_validate_rmsd_bond.auth_comp_id_1 
_pdbx_validate_rmsd_bond.auth_seq_id_1 
_pdbx_validate_rmsd_bond.PDB_ins_code_1 
_pdbx_validate_rmsd_bond.label_alt_id_1 
_pdbx_validate_rmsd_bond.auth_atom_id_2 
_pdbx_validate_rmsd_bond.auth_asym_id_2 
_pdbx_validate_rmsd_bond.auth_comp_id_2 
_pdbx_validate_rmsd_bond.auth_seq_id_2 
_pdbx_validate_rmsd_bond.PDB_ins_code_2 
_pdbx_validate_rmsd_bond.label_alt_id_2 
_pdbx_validate_rmsd_bond.bond_value 
_pdbx_validate_rmsd_bond.bond_target_value 
_pdbx_validate_rmsd_bond.bond_deviation 
_pdbx_validate_rmsd_bond.bond_standard_deviation 
_pdbx_validate_rmsd_bond.linker_flag 
1 1 NE2 B HIS 21 ? ? CD2 B HIS 21 ? ? 1.304 1.373 -0.069 0.011 N 
2 1 NE2 B HIS 38 ? ? CD2 B HIS 38 ? ? 1.300 1.373 -0.073 0.011 N 
3 1 NE2 B HIS 41 ? ? CD2 B HIS 41 ? ? 1.299 1.373 -0.074 0.011 N 
# 
loop_
_pdbx_validate_rmsd_angle.id 
_pdbx_validate_rmsd_angle.PDB_model_num 
_pdbx_validate_rmsd_angle.auth_atom_id_1 
_pdbx_validate_rmsd_angle.auth_asym_id_1 
_pdbx_validate_rmsd_angle.auth_comp_id_1 
_pdbx_validate_rmsd_angle.auth_seq_id_1 
_pdbx_validate_rmsd_angle.PDB_ins_code_1 
_pdbx_validate_rmsd_angle.label_alt_id_1 
_pdbx_validate_rmsd_angle.auth_atom_id_2 
_pdbx_validate_rmsd_angle.auth_asym_id_2 
_pdbx_validate_rmsd_angle.auth_comp_id_2 
_pdbx_validate_rmsd_angle.auth_seq_id_2 
_pdbx_validate_rmsd_angle.PDB_ins_code_2 
_pdbx_validate_rmsd_angle.label_alt_id_2 
_pdbx_validate_rmsd_angle.auth_atom_id_3 
_pdbx_validate_rmsd_angle.auth_asym_id_3 
_pdbx_validate_rmsd_angle.auth_comp_id_3 
_pdbx_validate_rmsd_angle.auth_seq_id_3 
_pdbx_validate_rmsd_angle.PDB_ins_code_3 
_pdbx_validate_rmsd_angle.label_alt_id_3 
_pdbx_validate_rmsd_angle.angle_value 
_pdbx_validate_rmsd_angle.angle_target_value 
_pdbx_validate_rmsd_angle.angle_deviation 
_pdbx_validate_rmsd_angle.angle_standard_deviation 
_pdbx_validate_rmsd_angle.linker_flag 
1  1 NE  A ARG 22  ? ? CZ  A ARG 22  ? ? NH2 A ARG 22  ? ? 117.14 120.30 -3.16  0.50 N 
2  1 NE  A ARG 32  ? ? CZ  A ARG 32  ? ? NH2 A ARG 32  ? ? 115.08 120.30 -5.22  0.50 N 
3  1 NE  A ARG 67  ? ? CZ  A ARG 67  ? ? NH1 A ARG 67  ? ? 123.88 120.30 3.58   0.50 N 
4  1 CB  A TYR 78  ? ? CG  A TYR 78  ? ? CD1 A TYR 78  ? ? 117.36 121.00 -3.64  0.60 N 
5  1 CB  A LYS 83  ? ? CG  A LYS 83  ? ? CD  A LYS 83  ? ? 94.86  111.60 -16.74 2.60 N 
6  1 CB  A TRP 111 ? ? CG  A TRP 111 ? ? CD1 A TRP 111 ? ? 118.88 127.00 -8.12  1.30 N 
7  1 NE1 A TRP 111 ? ? CE2 A TRP 111 ? ? CZ2 A TRP 111 ? ? 122.16 130.40 -8.24  1.10 N 
8  1 CE2 A TRP 111 ? ? CD2 A TRP 111 ? ? CG  A TRP 111 ? ? 102.11 107.30 -5.19  0.80 N 
9  1 CG  A TRP 111 ? ? CD2 A TRP 111 ? ? CE3 A TRP 111 ? ? 140.53 133.90 6.63   0.90 N 
10 1 CA  A TRP 111 ? ? C   A TRP 111 ? ? N   A ILE 112 ? ? 101.83 117.20 -15.37 2.20 Y 
11 1 O   A TRP 111 ? ? C   A TRP 111 ? ? N   A ILE 112 ? ? 133.15 122.70 10.45  1.60 Y 
12 1 CA  B LEU 18  ? ? CB  B LEU 18  ? ? CG  B LEU 18  ? ? 130.59 115.30 15.29  2.30 N 
13 1 CA  B CYS 86  ? ? CB  B CYS 86  ? ? SG  B CYS 86  ? ? 122.20 114.20 8.00   1.10 N 
14 1 CA  B GLU 88  ? ? CB  B GLU 88  ? ? CG  B GLU 88  ? ? 128.11 113.40 14.71  2.20 N 
15 1 CA  B ARG 90  ? ? CB  B ARG 90  ? ? CG  B ARG 90  ? ? 95.56  113.40 -17.84 2.20 N 
16 1 NE  B ARG 90  ? ? CZ  B ARG 90  ? ? NH1 B ARG 90  ? ? 123.44 120.30 3.14   0.50 N 
17 1 NE  B ARG 90  ? ? CZ  B ARG 90  ? ? NH2 B ARG 90  ? ? 114.24 120.30 -6.06  0.50 N 
18 1 CG1 B VAL 93  ? ? CB  B VAL 93  ? ? CG2 B VAL 93  ? ? 101.22 110.90 -9.68  1.60 N 
19 1 CD1 B TRP 111 ? ? CG  B TRP 111 ? ? CD2 B TRP 111 ? ? 113.48 106.30 7.18   0.80 N 
20 1 CE2 B TRP 111 ? ? CD2 B TRP 111 ? ? CG  B TRP 111 ? ? 101.53 107.30 -5.77  0.80 N 
# 
loop_
_pdbx_validate_torsion.id 
_pdbx_validate_torsion.PDB_model_num 
_pdbx_validate_torsion.auth_comp_id 
_pdbx_validate_torsion.auth_asym_id 
_pdbx_validate_torsion.auth_seq_id 
_pdbx_validate_torsion.PDB_ins_code 
_pdbx_validate_torsion.label_alt_id 
_pdbx_validate_torsion.phi 
_pdbx_validate_torsion.psi 
1 1 ASN A 108 ? ? -87.70  -77.86 
2 1 GLU A 110 ? ? -166.19 28.74  
3 1 PRO B 6   ? ? -39.08  119.55 
4 1 PRO B 34  ? ? -42.92  99.94  
5 1 VAL B 37  ? ? -67.63  1.49   
6 1 GLN B 42  ? ? -49.51  -11.82 
7 1 LYS B 85  ? ? -66.23  6.63   
# 
loop_
_chem_comp_atom.comp_id 
_chem_comp_atom.atom_id 
_chem_comp_atom.type_symbol 
_chem_comp_atom.pdbx_aromatic_flag 
_chem_comp_atom.pdbx_stereo_config 
_chem_comp_atom.pdbx_ordinal 
ALA N    N N N 1   
ALA CA   C N S 2   
ALA C    C N N 3   
ALA O    O N N 4   
ALA CB   C N N 5   
ALA OXT  O N N 6   
ALA H    H N N 7   
ALA H2   H N N 8   
ALA HA   H N N 9   
ALA HB1  H N N 10  
ALA HB2  H N N 11  
ALA HB3  H N N 12  
ALA HXT  H N N 13  
ARG N    N N N 14  
ARG CA   C N S 15  
ARG C    C N N 16  
ARG O    O N N 17  
ARG CB   C N N 18  
ARG CG   C N N 19  
ARG CD   C N N 20  
ARG NE   N N N 21  
ARG CZ   C N N 22  
ARG NH1  N N N 23  
ARG NH2  N N N 24  
ARG OXT  O N N 25  
ARG H    H N N 26  
ARG H2   H N N 27  
ARG HA   H N N 28  
ARG HB2  H N N 29  
ARG HB3  H N N 30  
ARG HG2  H N N 31  
ARG HG3  H N N 32  
ARG HD2  H N N 33  
ARG HD3  H N N 34  
ARG HE   H N N 35  
ARG HH11 H N N 36  
ARG HH12 H N N 37  
ARG HH21 H N N 38  
ARG HH22 H N N 39  
ARG HXT  H N N 40  
ASN N    N N N 41  
ASN CA   C N S 42  
ASN C    C N N 43  
ASN O    O N N 44  
ASN CB   C N N 45  
ASN CG   C N N 46  
ASN OD1  O N N 47  
ASN ND2  N N N 48  
ASN OXT  O N N 49  
ASN H    H N N 50  
ASN H2   H N N 51  
ASN HA   H N N 52  
ASN HB2  H N N 53  
ASN HB3  H N N 54  
ASN HD21 H N N 55  
ASN HD22 H N N 56  
ASN HXT  H N N 57  
ASP N    N N N 58  
ASP CA   C N S 59  
ASP C    C N N 60  
ASP O    O N N 61  
ASP CB   C N N 62  
ASP CG   C N N 63  
ASP OD1  O N N 64  
ASP OD2  O N N 65  
ASP OXT  O N N 66  
ASP H    H N N 67  
ASP H2   H N N 68  
ASP HA   H N N 69  
ASP HB2  H N N 70  
ASP HB3  H N N 71  
ASP HD2  H N N 72  
ASP HXT  H N N 73  
CYS N    N N N 74  
CYS CA   C N R 75  
CYS C    C N N 76  
CYS O    O N N 77  
CYS CB   C N N 78  
CYS SG   S N N 79  
CYS OXT  O N N 80  
CYS H    H N N 81  
CYS H2   H N N 82  
CYS HA   H N N 83  
CYS HB2  H N N 84  
CYS HB3  H N N 85  
CYS HG   H N N 86  
CYS HXT  H N N 87  
GLN N    N N N 88  
GLN CA   C N S 89  
GLN C    C N N 90  
GLN O    O N N 91  
GLN CB   C N N 92  
GLN CG   C N N 93  
GLN CD   C N N 94  
GLN OE1  O N N 95  
GLN NE2  N N N 96  
GLN OXT  O N N 97  
GLN H    H N N 98  
GLN H2   H N N 99  
GLN HA   H N N 100 
GLN HB2  H N N 101 
GLN HB3  H N N 102 
GLN HG2  H N N 103 
GLN HG3  H N N 104 
GLN HE21 H N N 105 
GLN HE22 H N N 106 
GLN HXT  H N N 107 
GLU N    N N N 108 
GLU CA   C N S 109 
GLU C    C N N 110 
GLU O    O N N 111 
GLU CB   C N N 112 
GLU CG   C N N 113 
GLU CD   C N N 114 
GLU OE1  O N N 115 
GLU OE2  O N N 116 
GLU OXT  O N N 117 
GLU H    H N N 118 
GLU H2   H N N 119 
GLU HA   H N N 120 
GLU HB2  H N N 121 
GLU HB3  H N N 122 
GLU HG2  H N N 123 
GLU HG3  H N N 124 
GLU HE2  H N N 125 
GLU HXT  H N N 126 
GLY N    N N N 127 
GLY CA   C N N 128 
GLY C    C N N 129 
GLY O    O N N 130 
GLY OXT  O N N 131 
GLY H    H N N 132 
GLY H2   H N N 133 
GLY HA2  H N N 134 
GLY HA3  H N N 135 
GLY HXT  H N N 136 
HIS N    N N N 137 
HIS CA   C N S 138 
HIS C    C N N 139 
HIS O    O N N 140 
HIS CB   C N N 141 
HIS CG   C Y N 142 
HIS ND1  N Y N 143 
HIS CD2  C Y N 144 
HIS CE1  C Y N 145 
HIS NE2  N Y N 146 
HIS OXT  O N N 147 
HIS H    H N N 148 
HIS H2   H N N 149 
HIS HA   H N N 150 
HIS HB2  H N N 151 
HIS HB3  H N N 152 
HIS HD1  H N N 153 
HIS HD2  H N N 154 
HIS HE1  H N N 155 
HIS HE2  H N N 156 
HIS HXT  H N N 157 
HOH O    O N N 158 
HOH H1   H N N 159 
HOH H2   H N N 160 
ILE N    N N N 161 
ILE CA   C N S 162 
ILE C    C N N 163 
ILE O    O N N 164 
ILE CB   C N S 165 
ILE CG1  C N N 166 
ILE CG2  C N N 167 
ILE CD1  C N N 168 
ILE OXT  O N N 169 
ILE H    H N N 170 
ILE H2   H N N 171 
ILE HA   H N N 172 
ILE HB   H N N 173 
ILE HG12 H N N 174 
ILE HG13 H N N 175 
ILE HG21 H N N 176 
ILE HG22 H N N 177 
ILE HG23 H N N 178 
ILE HD11 H N N 179 
ILE HD12 H N N 180 
ILE HD13 H N N 181 
ILE HXT  H N N 182 
LEU N    N N N 183 
LEU CA   C N S 184 
LEU C    C N N 185 
LEU O    O N N 186 
LEU CB   C N N 187 
LEU CG   C N N 188 
LEU CD1  C N N 189 
LEU CD2  C N N 190 
LEU OXT  O N N 191 
LEU H    H N N 192 
LEU H2   H N N 193 
LEU HA   H N N 194 
LEU HB2  H N N 195 
LEU HB3  H N N 196 
LEU HG   H N N 197 
LEU HD11 H N N 198 
LEU HD12 H N N 199 
LEU HD13 H N N 200 
LEU HD21 H N N 201 
LEU HD22 H N N 202 
LEU HD23 H N N 203 
LEU HXT  H N N 204 
LYS N    N N N 205 
LYS CA   C N S 206 
LYS C    C N N 207 
LYS O    O N N 208 
LYS CB   C N N 209 
LYS CG   C N N 210 
LYS CD   C N N 211 
LYS CE   C N N 212 
LYS NZ   N N N 213 
LYS OXT  O N N 214 
LYS H    H N N 215 
LYS H2   H N N 216 
LYS HA   H N N 217 
LYS HB2  H N N 218 
LYS HB3  H N N 219 
LYS HG2  H N N 220 
LYS HG3  H N N 221 
LYS HD2  H N N 222 
LYS HD3  H N N 223 
LYS HE2  H N N 224 
LYS HE3  H N N 225 
LYS HZ1  H N N 226 
LYS HZ2  H N N 227 
LYS HZ3  H N N 228 
LYS HXT  H N N 229 
MET N    N N N 230 
MET CA   C N S 231 
MET C    C N N 232 
MET O    O N N 233 
MET CB   C N N 234 
MET CG   C N N 235 
MET SD   S N N 236 
MET CE   C N N 237 
MET OXT  O N N 238 
MET H    H N N 239 
MET H2   H N N 240 
MET HA   H N N 241 
MET HB2  H N N 242 
MET HB3  H N N 243 
MET HG2  H N N 244 
MET HG3  H N N 245 
MET HE1  H N N 246 
MET HE2  H N N 247 
MET HE3  H N N 248 
MET HXT  H N N 249 
PHE N    N N N 250 
PHE CA   C N S 251 
PHE C    C N N 252 
PHE O    O N N 253 
PHE CB   C N N 254 
PHE CG   C Y N 255 
PHE CD1  C Y N 256 
PHE CD2  C Y N 257 
PHE CE1  C Y N 258 
PHE CE2  C Y N 259 
PHE CZ   C Y N 260 
PHE OXT  O N N 261 
PHE H    H N N 262 
PHE H2   H N N 263 
PHE HA   H N N 264 
PHE HB2  H N N 265 
PHE HB3  H N N 266 
PHE HD1  H N N 267 
PHE HD2  H N N 268 
PHE HE1  H N N 269 
PHE HE2  H N N 270 
PHE HZ   H N N 271 
PHE HXT  H N N 272 
PRO N    N N N 273 
PRO CA   C N S 274 
PRO C    C N N 275 
PRO O    O N N 276 
PRO CB   C N N 277 
PRO CG   C N N 278 
PRO CD   C N N 279 
PRO OXT  O N N 280 
PRO H    H N N 281 
PRO HA   H N N 282 
PRO HB2  H N N 283 
PRO HB3  H N N 284 
PRO HG2  H N N 285 
PRO HG3  H N N 286 
PRO HD2  H N N 287 
PRO HD3  H N N 288 
PRO HXT  H N N 289 
SER N    N N N 290 
SER CA   C N S 291 
SER C    C N N 292 
SER O    O N N 293 
SER CB   C N N 294 
SER OG   O N N 295 
SER OXT  O N N 296 
SER H    H N N 297 
SER H2   H N N 298 
SER HA   H N N 299 
SER HB2  H N N 300 
SER HB3  H N N 301 
SER HG   H N N 302 
SER HXT  H N N 303 
THR N    N N N 304 
THR CA   C N S 305 
THR C    C N N 306 
THR O    O N N 307 
THR CB   C N R 308 
THR OG1  O N N 309 
THR CG2  C N N 310 
THR OXT  O N N 311 
THR H    H N N 312 
THR H2   H N N 313 
THR HA   H N N 314 
THR HB   H N N 315 
THR HG1  H N N 316 
THR HG21 H N N 317 
THR HG22 H N N 318 
THR HG23 H N N 319 
THR HXT  H N N 320 
TRP N    N N N 321 
TRP CA   C N S 322 
TRP C    C N N 323 
TRP O    O N N 324 
TRP CB   C N N 325 
TRP CG   C Y N 326 
TRP CD1  C Y N 327 
TRP CD2  C Y N 328 
TRP NE1  N Y N 329 
TRP CE2  C Y N 330 
TRP CE3  C Y N 331 
TRP CZ2  C Y N 332 
TRP CZ3  C Y N 333 
TRP CH2  C Y N 334 
TRP OXT  O N N 335 
TRP H    H N N 336 
TRP H2   H N N 337 
TRP HA   H N N 338 
TRP HB2  H N N 339 
TRP HB3  H N N 340 
TRP HD1  H N N 341 
TRP HE1  H N N 342 
TRP HE3  H N N 343 
TRP HZ2  H N N 344 
TRP HZ3  H N N 345 
TRP HH2  H N N 346 
TRP HXT  H N N 347 
TYR N    N N N 348 
TYR CA   C N S 349 
TYR C    C N N 350 
TYR O    O N N 351 
TYR CB   C N N 352 
TYR CG   C Y N 353 
TYR CD1  C Y N 354 
TYR CD2  C Y N 355 
TYR CE1  C Y N 356 
TYR CE2  C Y N 357 
TYR CZ   C Y N 358 
TYR OH   O N N 359 
TYR OXT  O N N 360 
TYR H    H N N 361 
TYR H2   H N N 362 
TYR HA   H N N 363 
TYR HB2  H N N 364 
TYR HB3  H N N 365 
TYR HD1  H N N 366 
TYR HD2  H N N 367 
TYR HE1  H N N 368 
TYR HE2  H N N 369 
TYR HH   H N N 370 
TYR HXT  H N N 371 
VAL N    N N N 372 
VAL CA   C N S 373 
VAL C    C N N 374 
VAL O    O N N 375 
VAL CB   C N N 376 
VAL CG1  C N N 377 
VAL CG2  C N N 378 
VAL OXT  O N N 379 
VAL H    H N N 380 
VAL H2   H N N 381 
VAL HA   H N N 382 
VAL HB   H N N 383 
VAL HG11 H N N 384 
VAL HG12 H N N 385 
VAL HG13 H N N 386 
VAL HG21 H N N 387 
VAL HG22 H N N 388 
VAL HG23 H N N 389 
VAL HXT  H N N 390 
# 
loop_
_chem_comp_bond.comp_id 
_chem_comp_bond.atom_id_1 
_chem_comp_bond.atom_id_2 
_chem_comp_bond.value_order 
_chem_comp_bond.pdbx_aromatic_flag 
_chem_comp_bond.pdbx_stereo_config 
_chem_comp_bond.pdbx_ordinal 
ALA N   CA   sing N N 1   
ALA N   H    sing N N 2   
ALA N   H2   sing N N 3   
ALA CA  C    sing N N 4   
ALA CA  CB   sing N N 5   
ALA CA  HA   sing N N 6   
ALA C   O    doub N N 7   
ALA C   OXT  sing N N 8   
ALA CB  HB1  sing N N 9   
ALA CB  HB2  sing N N 10  
ALA CB  HB3  sing N N 11  
ALA OXT HXT  sing N N 12  
ARG N   CA   sing N N 13  
ARG N   H    sing N N 14  
ARG N   H2   sing N N 15  
ARG CA  C    sing N N 16  
ARG CA  CB   sing N N 17  
ARG CA  HA   sing N N 18  
ARG C   O    doub N N 19  
ARG C   OXT  sing N N 20  
ARG CB  CG   sing N N 21  
ARG CB  HB2  sing N N 22  
ARG CB  HB3  sing N N 23  
ARG CG  CD   sing N N 24  
ARG CG  HG2  sing N N 25  
ARG CG  HG3  sing N N 26  
ARG CD  NE   sing N N 27  
ARG CD  HD2  sing N N 28  
ARG CD  HD3  sing N N 29  
ARG NE  CZ   sing N N 30  
ARG NE  HE   sing N N 31  
ARG CZ  NH1  sing N N 32  
ARG CZ  NH2  doub N N 33  
ARG NH1 HH11 sing N N 34  
ARG NH1 HH12 sing N N 35  
ARG NH2 HH21 sing N N 36  
ARG NH2 HH22 sing N N 37  
ARG OXT HXT  sing N N 38  
ASN N   CA   sing N N 39  
ASN N   H    sing N N 40  
ASN N   H2   sing N N 41  
ASN CA  C    sing N N 42  
ASN CA  CB   sing N N 43  
ASN CA  HA   sing N N 44  
ASN C   O    doub N N 45  
ASN C   OXT  sing N N 46  
ASN CB  CG   sing N N 47  
ASN CB  HB2  sing N N 48  
ASN CB  HB3  sing N N 49  
ASN CG  OD1  doub N N 50  
ASN CG  ND2  sing N N 51  
ASN ND2 HD21 sing N N 52  
ASN ND2 HD22 sing N N 53  
ASN OXT HXT  sing N N 54  
ASP N   CA   sing N N 55  
ASP N   H    sing N N 56  
ASP N   H2   sing N N 57  
ASP CA  C    sing N N 58  
ASP CA  CB   sing N N 59  
ASP CA  HA   sing N N 60  
ASP C   O    doub N N 61  
ASP C   OXT  sing N N 62  
ASP CB  CG   sing N N 63  
ASP CB  HB2  sing N N 64  
ASP CB  HB3  sing N N 65  
ASP CG  OD1  doub N N 66  
ASP CG  OD2  sing N N 67  
ASP OD2 HD2  sing N N 68  
ASP OXT HXT  sing N N 69  
CYS N   CA   sing N N 70  
CYS N   H    sing N N 71  
CYS N   H2   sing N N 72  
CYS CA  C    sing N N 73  
CYS CA  CB   sing N N 74  
CYS CA  HA   sing N N 75  
CYS C   O    doub N N 76  
CYS C   OXT  sing N N 77  
CYS CB  SG   sing N N 78  
CYS CB  HB2  sing N N 79  
CYS CB  HB3  sing N N 80  
CYS SG  HG   sing N N 81  
CYS OXT HXT  sing N N 82  
GLN N   CA   sing N N 83  
GLN N   H    sing N N 84  
GLN N   H2   sing N N 85  
GLN CA  C    sing N N 86  
GLN CA  CB   sing N N 87  
GLN CA  HA   sing N N 88  
GLN C   O    doub N N 89  
GLN C   OXT  sing N N 90  
GLN CB  CG   sing N N 91  
GLN CB  HB2  sing N N 92  
GLN CB  HB3  sing N N 93  
GLN CG  CD   sing N N 94  
GLN CG  HG2  sing N N 95  
GLN CG  HG3  sing N N 96  
GLN CD  OE1  doub N N 97  
GLN CD  NE2  sing N N 98  
GLN NE2 HE21 sing N N 99  
GLN NE2 HE22 sing N N 100 
GLN OXT HXT  sing N N 101 
GLU N   CA   sing N N 102 
GLU N   H    sing N N 103 
GLU N   H2   sing N N 104 
GLU CA  C    sing N N 105 
GLU CA  CB   sing N N 106 
GLU CA  HA   sing N N 107 
GLU C   O    doub N N 108 
GLU C   OXT  sing N N 109 
GLU CB  CG   sing N N 110 
GLU CB  HB2  sing N N 111 
GLU CB  HB3  sing N N 112 
GLU CG  CD   sing N N 113 
GLU CG  HG2  sing N N 114 
GLU CG  HG3  sing N N 115 
GLU CD  OE1  doub N N 116 
GLU CD  OE2  sing N N 117 
GLU OE2 HE2  sing N N 118 
GLU OXT HXT  sing N N 119 
GLY N   CA   sing N N 120 
GLY N   H    sing N N 121 
GLY N   H2   sing N N 122 
GLY CA  C    sing N N 123 
GLY CA  HA2  sing N N 124 
GLY CA  HA3  sing N N 125 
GLY C   O    doub N N 126 
GLY C   OXT  sing N N 127 
GLY OXT HXT  sing N N 128 
HIS N   CA   sing N N 129 
HIS N   H    sing N N 130 
HIS N   H2   sing N N 131 
HIS CA  C    sing N N 132 
HIS CA  CB   sing N N 133 
HIS CA  HA   sing N N 134 
HIS C   O    doub N N 135 
HIS C   OXT  sing N N 136 
HIS CB  CG   sing N N 137 
HIS CB  HB2  sing N N 138 
HIS CB  HB3  sing N N 139 
HIS CG  ND1  sing Y N 140 
HIS CG  CD2  doub Y N 141 
HIS ND1 CE1  doub Y N 142 
HIS ND1 HD1  sing N N 143 
HIS CD2 NE2  sing Y N 144 
HIS CD2 HD2  sing N N 145 
HIS CE1 NE2  sing Y N 146 
HIS CE1 HE1  sing N N 147 
HIS NE2 HE2  sing N N 148 
HIS OXT HXT  sing N N 149 
HOH O   H1   sing N N 150 
HOH O   H2   sing N N 151 
ILE N   CA   sing N N 152 
ILE N   H    sing N N 153 
ILE N   H2   sing N N 154 
ILE CA  C    sing N N 155 
ILE CA  CB   sing N N 156 
ILE CA  HA   sing N N 157 
ILE C   O    doub N N 158 
ILE C   OXT  sing N N 159 
ILE CB  CG1  sing N N 160 
ILE CB  CG2  sing N N 161 
ILE CB  HB   sing N N 162 
ILE CG1 CD1  sing N N 163 
ILE CG1 HG12 sing N N 164 
ILE CG1 HG13 sing N N 165 
ILE CG2 HG21 sing N N 166 
ILE CG2 HG22 sing N N 167 
ILE CG2 HG23 sing N N 168 
ILE CD1 HD11 sing N N 169 
ILE CD1 HD12 sing N N 170 
ILE CD1 HD13 sing N N 171 
ILE OXT HXT  sing N N 172 
LEU N   CA   sing N N 173 
LEU N   H    sing N N 174 
LEU N   H2   sing N N 175 
LEU CA  C    sing N N 176 
LEU CA  CB   sing N N 177 
LEU CA  HA   sing N N 178 
LEU C   O    doub N N 179 
LEU C   OXT  sing N N 180 
LEU CB  CG   sing N N 181 
LEU CB  HB2  sing N N 182 
LEU CB  HB3  sing N N 183 
LEU CG  CD1  sing N N 184 
LEU CG  CD2  sing N N 185 
LEU CG  HG   sing N N 186 
LEU CD1 HD11 sing N N 187 
LEU CD1 HD12 sing N N 188 
LEU CD1 HD13 sing N N 189 
LEU CD2 HD21 sing N N 190 
LEU CD2 HD22 sing N N 191 
LEU CD2 HD23 sing N N 192 
LEU OXT HXT  sing N N 193 
LYS N   CA   sing N N 194 
LYS N   H    sing N N 195 
LYS N   H2   sing N N 196 
LYS CA  C    sing N N 197 
LYS CA  CB   sing N N 198 
LYS CA  HA   sing N N 199 
LYS C   O    doub N N 200 
LYS C   OXT  sing N N 201 
LYS CB  CG   sing N N 202 
LYS CB  HB2  sing N N 203 
LYS CB  HB3  sing N N 204 
LYS CG  CD   sing N N 205 
LYS CG  HG2  sing N N 206 
LYS CG  HG3  sing N N 207 
LYS CD  CE   sing N N 208 
LYS CD  HD2  sing N N 209 
LYS CD  HD3  sing N N 210 
LYS CE  NZ   sing N N 211 
LYS CE  HE2  sing N N 212 
LYS CE  HE3  sing N N 213 
LYS NZ  HZ1  sing N N 214 
LYS NZ  HZ2  sing N N 215 
LYS NZ  HZ3  sing N N 216 
LYS OXT HXT  sing N N 217 
MET N   CA   sing N N 218 
MET N   H    sing N N 219 
MET N   H2   sing N N 220 
MET CA  C    sing N N 221 
MET CA  CB   sing N N 222 
MET CA  HA   sing N N 223 
MET C   O    doub N N 224 
MET C   OXT  sing N N 225 
MET CB  CG   sing N N 226 
MET CB  HB2  sing N N 227 
MET CB  HB3  sing N N 228 
MET CG  SD   sing N N 229 
MET CG  HG2  sing N N 230 
MET CG  HG3  sing N N 231 
MET SD  CE   sing N N 232 
MET CE  HE1  sing N N 233 
MET CE  HE2  sing N N 234 
MET CE  HE3  sing N N 235 
MET OXT HXT  sing N N 236 
PHE N   CA   sing N N 237 
PHE N   H    sing N N 238 
PHE N   H2   sing N N 239 
PHE CA  C    sing N N 240 
PHE CA  CB   sing N N 241 
PHE CA  HA   sing N N 242 
PHE C   O    doub N N 243 
PHE C   OXT  sing N N 244 
PHE CB  CG   sing N N 245 
PHE CB  HB2  sing N N 246 
PHE CB  HB3  sing N N 247 
PHE CG  CD1  doub Y N 248 
PHE CG  CD2  sing Y N 249 
PHE CD1 CE1  sing Y N 250 
PHE CD1 HD1  sing N N 251 
PHE CD2 CE2  doub Y N 252 
PHE CD2 HD2  sing N N 253 
PHE CE1 CZ   doub Y N 254 
PHE CE1 HE1  sing N N 255 
PHE CE2 CZ   sing Y N 256 
PHE CE2 HE2  sing N N 257 
PHE CZ  HZ   sing N N 258 
PHE OXT HXT  sing N N 259 
PRO N   CA   sing N N 260 
PRO N   CD   sing N N 261 
PRO N   H    sing N N 262 
PRO CA  C    sing N N 263 
PRO CA  CB   sing N N 264 
PRO CA  HA   sing N N 265 
PRO C   O    doub N N 266 
PRO C   OXT  sing N N 267 
PRO CB  CG   sing N N 268 
PRO CB  HB2  sing N N 269 
PRO CB  HB3  sing N N 270 
PRO CG  CD   sing N N 271 
PRO CG  HG2  sing N N 272 
PRO CG  HG3  sing N N 273 
PRO CD  HD2  sing N N 274 
PRO CD  HD3  sing N N 275 
PRO OXT HXT  sing N N 276 
SER N   CA   sing N N 277 
SER N   H    sing N N 278 
SER N   H2   sing N N 279 
SER CA  C    sing N N 280 
SER CA  CB   sing N N 281 
SER CA  HA   sing N N 282 
SER C   O    doub N N 283 
SER C   OXT  sing N N 284 
SER CB  OG   sing N N 285 
SER CB  HB2  sing N N 286 
SER CB  HB3  sing N N 287 
SER OG  HG   sing N N 288 
SER OXT HXT  sing N N 289 
THR N   CA   sing N N 290 
THR N   H    sing N N 291 
THR N   H2   sing N N 292 
THR CA  C    sing N N 293 
THR CA  CB   sing N N 294 
THR CA  HA   sing N N 295 
THR C   O    doub N N 296 
THR C   OXT  sing N N 297 
THR CB  OG1  sing N N 298 
THR CB  CG2  sing N N 299 
THR CB  HB   sing N N 300 
THR OG1 HG1  sing N N 301 
THR CG2 HG21 sing N N 302 
THR CG2 HG22 sing N N 303 
THR CG2 HG23 sing N N 304 
THR OXT HXT  sing N N 305 
TRP N   CA   sing N N 306 
TRP N   H    sing N N 307 
TRP N   H2   sing N N 308 
TRP CA  C    sing N N 309 
TRP CA  CB   sing N N 310 
TRP CA  HA   sing N N 311 
TRP C   O    doub N N 312 
TRP C   OXT  sing N N 313 
TRP CB  CG   sing N N 314 
TRP CB  HB2  sing N N 315 
TRP CB  HB3  sing N N 316 
TRP CG  CD1  doub Y N 317 
TRP CG  CD2  sing Y N 318 
TRP CD1 NE1  sing Y N 319 
TRP CD1 HD1  sing N N 320 
TRP CD2 CE2  doub Y N 321 
TRP CD2 CE3  sing Y N 322 
TRP NE1 CE2  sing Y N 323 
TRP NE1 HE1  sing N N 324 
TRP CE2 CZ2  sing Y N 325 
TRP CE3 CZ3  doub Y N 326 
TRP CE3 HE3  sing N N 327 
TRP CZ2 CH2  doub Y N 328 
TRP CZ2 HZ2  sing N N 329 
TRP CZ3 CH2  sing Y N 330 
TRP CZ3 HZ3  sing N N 331 
TRP CH2 HH2  sing N N 332 
TRP OXT HXT  sing N N 333 
TYR N   CA   sing N N 334 
TYR N   H    sing N N 335 
TYR N   H2   sing N N 336 
TYR CA  C    sing N N 337 
TYR CA  CB   sing N N 338 
TYR CA  HA   sing N N 339 
TYR C   O    doub N N 340 
TYR C   OXT  sing N N 341 
TYR CB  CG   sing N N 342 
TYR CB  HB2  sing N N 343 
TYR CB  HB3  sing N N 344 
TYR CG  CD1  doub Y N 345 
TYR CG  CD2  sing Y N 346 
TYR CD1 CE1  sing Y N 347 
TYR CD1 HD1  sing N N 348 
TYR CD2 CE2  doub Y N 349 
TYR CD2 HD2  sing N N 350 
TYR CE1 CZ   doub Y N 351 
TYR CE1 HE1  sing N N 352 
TYR CE2 CZ   sing Y N 353 
TYR CE2 HE2  sing N N 354 
TYR CZ  OH   sing N N 355 
TYR OH  HH   sing N N 356 
TYR OXT HXT  sing N N 357 
VAL N   CA   sing N N 358 
VAL N   H    sing N N 359 
VAL N   H2   sing N N 360 
VAL CA  C    sing N N 361 
VAL CA  CB   sing N N 362 
VAL CA  HA   sing N N 363 
VAL C   O    doub N N 364 
VAL C   OXT  sing N N 365 
VAL CB  CG1  sing N N 366 
VAL CB  CG2  sing N N 367 
VAL CB  HB   sing N N 368 
VAL CG1 HG11 sing N N 369 
VAL CG1 HG12 sing N N 370 
VAL CG1 HG13 sing N N 371 
VAL CG2 HG21 sing N N 372 
VAL CG2 HG22 sing N N 373 
VAL CG2 HG23 sing N N 374 
VAL OXT HXT  sing N N 375 
# 
_atom_sites.entry_id                    1HUL 
_atom_sites.fract_transf_matrix[1][1]   0.00301498 
_atom_sites.fract_transf_matrix[1][2]   -0.00633935 
_atom_sites.fract_transf_matrix[1][3]   -0.00439645 
_atom_sites.fract_transf_matrix[2][1]   0.01790040 
_atom_sites.fract_transf_matrix[2][2]   -0.00561397 
_atom_sites.fract_transf_matrix[2][3]   0.02037059 
_atom_sites.fract_transf_matrix[3][1]   -0.01091103 
_atom_sites.fract_transf_matrix[3][2]   -0.01287552 
_atom_sites.fract_transf_matrix[3][3]   0.00603954 
_atom_sites.fract_transf_vector[1]      0.286570 
_atom_sites.fract_transf_vector[2]      0.754005 
_atom_sites.fract_transf_vector[3]      0.761184 
# 
loop_
_atom_type.symbol 
C 
N 
O 
S 
# 
loop_
_atom_site.group_PDB 
_atom_site.id 
_atom_site.type_symbol 
_atom_site.label_atom_id 
_atom_site.label_alt_id 
_atom_site.label_comp_id 
_atom_site.label_asym_id 
_atom_site.label_entity_id 
_atom_site.label_seq_id 
_atom_site.pdbx_PDB_ins_code 
_atom_site.Cartn_x 
_atom_site.Cartn_y 
_atom_site.Cartn_z 
_atom_site.occupancy 
_atom_site.B_iso_or_equiv 
_atom_site.pdbx_formal_charge 
_atom_site.auth_seq_id 
_atom_site.auth_comp_id 
_atom_site.auth_asym_id 
_atom_site.auth_atom_id 
_atom_site.pdbx_PDB_model_num 
ATOM   1    N N   . ILE A 1 1   ? -6.646  -22.778 -9.637  1.00 18.44 ? 5   ILE A N   1 
ATOM   2    C CA  . ILE A 1 1   ? -6.741  -22.984 -8.199  1.00 20.99 ? 5   ILE A CA  1 
ATOM   3    C C   . ILE A 1 1   ? -6.787  -21.565 -7.563  1.00 24.87 ? 5   ILE A C   1 
ATOM   4    O O   . ILE A 1 1   ? -6.520  -20.611 -8.328  1.00 27.48 ? 5   ILE A O   1 
ATOM   5    C CB  . ILE A 1 1   ? -5.520  -23.787 -7.649  1.00 18.55 ? 5   ILE A CB  1 
ATOM   6    C CG1 . ILE A 1 1   ? -4.217  -23.082 -7.846  1.00 16.00 ? 5   ILE A CG1 1 
ATOM   7    C CG2 . ILE A 1 1   ? -5.482  -25.122 -8.348  1.00 19.04 ? 5   ILE A CG2 1 
ATOM   8    C CD1 . ILE A 1 1   ? -3.308  -23.445 -6.657  1.00 13.40 ? 5   ILE A CD1 1 
ATOM   9    N N   . PRO A 1 2   ? -7.152  -21.275 -6.288  1.00 25.24 ? 6   PRO A N   1 
ATOM   10   C CA  . PRO A 1 2   ? -7.377  -19.885 -5.805  1.00 20.69 ? 6   PRO A CA  1 
ATOM   11   C C   . PRO A 1 2   ? -6.188  -19.022 -5.399  1.00 17.18 ? 6   PRO A C   1 
ATOM   12   O O   . PRO A 1 2   ? -5.174  -19.544 -4.915  1.00 17.26 ? 6   PRO A O   1 
ATOM   13   C CB  . PRO A 1 2   ? -8.356  -20.092 -4.670  1.00 20.65 ? 6   PRO A CB  1 
ATOM   14   C CG  . PRO A 1 2   ? -7.916  -21.422 -4.089  1.00 23.18 ? 6   PRO A CG  1 
ATOM   15   C CD  . PRO A 1 2   ? -7.722  -22.255 -5.335  1.00 21.67 ? 6   PRO A CD  1 
ATOM   16   N N   . THR A 1 3   ? -6.311  -17.693 -5.477  1.00 14.40 ? 7   THR A N   1 
ATOM   17   C CA  . THR A 1 3   ? -5.264  -16.744 -5.119  1.00 11.37 ? 7   THR A CA  1 
ATOM   18   C C   . THR A 1 3   ? -4.595  -17.031 -3.793  1.00 11.58 ? 7   THR A C   1 
ATOM   19   O O   . THR A 1 3   ? -3.378  -16.891 -3.651  1.00 14.93 ? 7   THR A O   1 
ATOM   20   C CB  . THR A 1 3   ? -5.894  -15.320 -5.147  1.00 13.47 ? 7   THR A CB  1 
ATOM   21   O OG1 . THR A 1 3   ? -6.506  -15.085 -6.432  1.00 13.47 ? 7   THR A OG1 1 
ATOM   22   C CG2 . THR A 1 3   ? -4.853  -14.253 -4.876  1.00 17.96 ? 7   THR A CG2 1 
ATOM   23   N N   . SER A 1 4   ? -5.259  -17.489 -2.759  1.00 10.82 ? 8   SER A N   1 
ATOM   24   C CA  . SER A 1 4   ? -4.548  -17.811 -1.505  1.00 12.17 ? 8   SER A CA  1 
ATOM   25   C C   . SER A 1 4   ? -3.743  -19.079 -1.613  1.00 13.33 ? 8   SER A C   1 
ATOM   26   O O   . SER A 1 4   ? -2.763  -19.319 -0.907  1.00 16.26 ? 8   SER A O   1 
ATOM   27   C CB  . SER A 1 4   ? -5.526  -17.983 -0.398  1.00 9.97  ? 8   SER A CB  1 
ATOM   28   O OG  . SER A 1 4   ? -6.751  -18.345 -1.052  1.00 16.50 ? 8   SER A OG  1 
ATOM   29   N N   . ALA A 1 5   ? -4.177  -19.971 -2.494  1.00 14.41 ? 9   ALA A N   1 
ATOM   30   C CA  . ALA A 1 5   ? -3.429  -21.222 -2.706  1.00 13.72 ? 9   ALA A CA  1 
ATOM   31   C C   . ALA A 1 5   ? -2.211  -20.819 -3.532  1.00 8.95  ? 9   ALA A C   1 
ATOM   32   O O   . ALA A 1 5   ? -1.099  -21.107 -3.131  1.00 8.00  ? 9   ALA A O   1 
ATOM   33   C CB  . ALA A 1 5   ? -4.311  -22.249 -3.468  1.00 13.02 ? 9   ALA A CB  1 
ATOM   34   N N   . LEU A 1 6   ? -2.382  -20.074 -4.601  1.00 6.45  ? 10  LEU A N   1 
ATOM   35   C CA  . LEU A 1 6   ? -1.263  -19.554 -5.347  1.00 11.76 ? 10  LEU A CA  1 
ATOM   36   C C   . LEU A 1 6   ? -0.240  -18.842 -4.471  1.00 14.15 ? 10  LEU A C   1 
ATOM   37   O O   . LEU A 1 6   ? 0.963   -18.952 -4.764  1.00 20.35 ? 10  LEU A O   1 
ATOM   38   C CB  . LEU A 1 6   ? -1.719  -18.554 -6.365  1.00 10.79 ? 10  LEU A CB  1 
ATOM   39   C CG  . LEU A 1 6   ? -1.835  -18.809 -7.839  1.00 15.44 ? 10  LEU A CG  1 
ATOM   40   C CD1 . LEU A 1 6   ? -2.120  -20.242 -8.125  1.00 14.79 ? 10  LEU A CD1 1 
ATOM   41   C CD2 . LEU A 1 6   ? -2.980  -17.984 -8.372  1.00 10.27 ? 10  LEU A CD2 1 
ATOM   42   N N   . VAL A 1 7   ? -0.617  -18.116 -3.402  1.00 11.79 ? 11  VAL A N   1 
ATOM   43   C CA  . VAL A 1 7   ? 0.369   -17.396 -2.619  1.00 9.28  ? 11  VAL A CA  1 
ATOM   44   C C   . VAL A 1 7   ? 1.126   -18.420 -1.845  1.00 8.72  ? 11  VAL A C   1 
ATOM   45   O O   . VAL A 1 7   ? 2.312   -18.274 -1.596  1.00 13.00 ? 11  VAL A O   1 
ATOM   46   C CB  . VAL A 1 7   ? -0.325  -16.332 -1.670  1.00 7.50  ? 11  VAL A CB  1 
ATOM   47   C CG1 . VAL A 1 7   ? 0.689   -15.699 -0.729  1.00 10.95 ? 11  VAL A CG1 1 
ATOM   48   C CG2 . VAL A 1 7   ? -0.893  -15.176 -2.500  1.00 3.98  ? 11  VAL A CG2 1 
ATOM   49   N N   . LYS A 1 8   ? 0.519   -19.535 -1.510  1.00 11.08 ? 12  LYS A N   1 
ATOM   50   C CA  . LYS A 1 8   ? 1.255   -20.510 -0.743  1.00 10.65 ? 12  LYS A CA  1 
ATOM   51   C C   . LYS A 1 8   ? 2.207   -21.232 -1.634  1.00 9.73  ? 12  LYS A C   1 
ATOM   52   O O   . LYS A 1 8   ? 3.291   -21.568 -1.186  1.00 9.00  ? 12  LYS A O   1 
ATOM   53   C CB  . LYS A 1 8   ? 0.305   -21.453 -0.124  1.00 12.22 ? 12  LYS A CB  1 
ATOM   54   C CG  . LYS A 1 8   ? -0.505  -20.755 0.956   1.00 12.62 ? 12  LYS A CG  1 
ATOM   55   C CD  . LYS A 1 8   ? -1.116  -21.749 1.897   1.00 14.29 ? 12  LYS A CD  1 
ATOM   56   C CE  . LYS A 1 8   ? -2.151  -20.988 2.703   1.00 20.33 ? 12  LYS A CE  1 
ATOM   57   N NZ  . LYS A 1 8   ? -3.220  -20.589 1.809   1.00 20.71 ? 12  LYS A NZ  1 
ATOM   58   N N   . GLU A 1 9   ? 1.892   -21.342 -2.932  1.00 12.31 ? 13  GLU A N   1 
ATOM   59   C CA  . GLU A 1 9   ? 2.689   -22.088 -3.931  1.00 11.82 ? 13  GLU A CA  1 
ATOM   60   C C   . GLU A 1 9   ? 3.975   -21.369 -4.286  1.00 11.25 ? 13  GLU A C   1 
ATOM   61   O O   . GLU A 1 9   ? 5.056   -21.950 -4.061  1.00 8.60  ? 13  GLU A O   1 
ATOM   62   C CB  . GLU A 1 9   ? 1.844   -22.328 -5.202  1.00 12.29 ? 13  GLU A CB  1 
ATOM   63   C CG  . GLU A 1 9   ? 2.625   -23.166 -6.198  1.00 13.60 ? 13  GLU A CG  1 
ATOM   64   C CD  . GLU A 1 9   ? 1.821   -23.665 -7.369  1.00 14.07 ? 13  GLU A CD  1 
ATOM   65   O OE1 . GLU A 1 9   ? 1.366   -22.849 -8.166  1.00 18.96 ? 13  GLU A OE1 1 
ATOM   66   O OE2 . GLU A 1 9   ? 1.628   -24.859 -7.483  1.00 11.31 ? 13  GLU A OE2 1 
ATOM   67   N N   . THR A 1 10  ? 3.792   -20.114 -4.763  1.00 10.16 ? 14  THR A N   1 
ATOM   68   C CA  . THR A 1 10  ? 4.850   -19.168 -5.055  1.00 8.17  ? 14  THR A CA  1 
ATOM   69   C C   . THR A 1 10  ? 5.887   -19.057 -3.949  1.00 10.54 ? 14  THR A C   1 
ATOM   70   O O   . THR A 1 10  ? 7.067   -19.090 -4.270  1.00 11.27 ? 14  THR A O   1 
ATOM   71   C CB  . THR A 1 10  ? 4.203   -17.828 -5.302  1.00 7.90  ? 14  THR A CB  1 
ATOM   72   O OG1 . THR A 1 10  ? 3.262   -17.902 -6.382  1.00 3.09  ? 14  THR A OG1 1 
ATOM   73   C CG2 . THR A 1 10  ? 5.255   -16.867 -5.670  1.00 2.70  ? 14  THR A CG2 1 
ATOM   74   N N   . LEU A 1 11  ? 5.548   -18.983 -2.671  1.00 12.60 ? 15  LEU A N   1 
ATOM   75   C CA  . LEU A 1 11  ? 6.563   -18.905 -1.631  1.00 18.04 ? 15  LEU A CA  1 
ATOM   76   C C   . LEU A 1 11  ? 7.376   -20.203 -1.697  1.00 18.91 ? 15  LEU A C   1 
ATOM   77   O O   . LEU A 1 11  ? 8.591   -20.130 -1.691  1.00 24.02 ? 15  LEU A O   1 
ATOM   78   C CB  . LEU A 1 11  ? 5.936   -18.775 -0.196  1.00 13.36 ? 15  LEU A CB  1 
ATOM   79   C CG  . LEU A 1 11  ? 5.207   -17.497 0.279   1.00 17.86 ? 15  LEU A CG  1 
ATOM   80   C CD1 . LEU A 1 11  ? 4.074   -17.750 1.252   1.00 5.97  ? 15  LEU A CD1 1 
ATOM   81   C CD2 . LEU A 1 11  ? 6.246   -16.654 1.047   1.00 16.54 ? 15  LEU A CD2 1 
ATOM   82   N N   . ALA A 1 12  ? 6.787   -21.412 -1.828  1.00 20.43 ? 16  ALA A N   1 
ATOM   83   C CA  . ALA A 1 12  ? 7.481   -22.715 -1.878  1.00 12.60 ? 16  ALA A CA  1 
ATOM   84   C C   . ALA A 1 12  ? 8.430   -22.726 -3.073  1.00 9.39  ? 16  ALA A C   1 
ATOM   85   O O   . ALA A 1 12  ? 9.621   -22.979 -2.977  1.00 8.54  ? 16  ALA A O   1 
ATOM   86   C CB  . ALA A 1 12  ? 6.420   -23.790 -2.025  1.00 10.25 ? 16  ALA A CB  1 
ATOM   87   N N   . LEU A 1 13  ? 7.866   -22.372 -4.202  1.00 3.49  ? 17  LEU A N   1 
ATOM   88   C CA  . LEU A 1 13  ? 8.573   -22.124 -5.432  1.00 8.79  ? 17  LEU A CA  1 
ATOM   89   C C   . LEU A 1 13  ? 9.763   -21.173 -5.275  1.00 12.64 ? 17  LEU A C   1 
ATOM   90   O O   . LEU A 1 13  ? 10.863  -21.554 -5.665  1.00 15.32 ? 17  LEU A O   1 
ATOM   91   C CB  . LEU A 1 13  ? 7.576   -21.566 -6.415  1.00 2.77  ? 17  LEU A CB  1 
ATOM   92   C CG  . LEU A 1 13  ? 7.033   -22.372 -7.549  1.00 3.37  ? 17  LEU A CG  1 
ATOM   93   C CD1 . LEU A 1 13  ? 7.002   -23.845 -7.264  1.00 2.02  ? 17  LEU A CD1 1 
ATOM   94   C CD2 . LEU A 1 13  ? 5.686   -21.839 -7.874  1.00 3.06  ? 17  LEU A CD2 1 
ATOM   95   N N   . LEU A 1 14  ? 9.673   -19.971 -4.701  1.00 15.88 ? 18  LEU A N   1 
ATOM   96   C CA  . LEU A 1 14  ? 10.791  -19.057 -4.578  1.00 14.75 ? 18  LEU A CA  1 
ATOM   97   C C   . LEU A 1 14  ? 11.847  -19.729 -3.770  1.00 16.10 ? 18  LEU A C   1 
ATOM   98   O O   . LEU A 1 14  ? 13.001  -19.633 -4.145  1.00 18.29 ? 18  LEU A O   1 
ATOM   99   C CB  . LEU A 1 14  ? 10.467  -17.749 -3.833  1.00 15.69 ? 18  LEU A CB  1 
ATOM   100  C CG  . LEU A 1 14  ? 9.631   -16.656 -4.432  1.00 15.86 ? 18  LEU A CG  1 
ATOM   101  C CD1 . LEU A 1 14  ? 9.389   -15.685 -3.342  1.00 16.07 ? 18  LEU A CD1 1 
ATOM   102  C CD2 . LEU A 1 14  ? 10.340  -15.934 -5.581  1.00 19.01 ? 18  LEU A CD2 1 
ATOM   103  N N   . SER A 1 15  ? 11.508  -20.433 -2.697  1.00 20.44 ? 19  SER A N   1 
ATOM   104  C CA  . SER A 1 15  ? 12.504  -21.118 -1.869  1.00 25.14 ? 19  SER A CA  1 
ATOM   105  C C   . SER A 1 15  ? 13.239  -22.278 -2.537  1.00 23.70 ? 19  SER A C   1 
ATOM   106  O O   . SER A 1 15  ? 14.366  -22.612 -2.183  1.00 24.09 ? 19  SER A O   1 
ATOM   107  C CB  . SER A 1 15  ? 11.820  -21.633 -0.615  1.00 27.91 ? 19  SER A CB  1 
ATOM   108  O OG  . SER A 1 15  ? 11.043  -20.538 -0.104  1.00 39.76 ? 19  SER A OG  1 
ATOM   109  N N   . THR A 1 16  ? 12.547  -22.890 -3.484  1.00 23.31 ? 20  THR A N   1 
ATOM   110  C CA  . THR A 1 16  ? 13.044  -24.001 -4.267  1.00 24.69 ? 20  THR A CA  1 
ATOM   111  C C   . THR A 1 16  ? 14.116  -23.432 -5.211  1.00 25.46 ? 20  THR A C   1 
ATOM   112  O O   . THR A 1 16  ? 15.270  -23.873 -5.268  1.00 27.29 ? 20  THR A O   1 
ATOM   113  C CB  . THR A 1 16  ? 11.738  -24.546 -4.913  1.00 22.48 ? 20  THR A CB  1 
ATOM   114  O OG1 . THR A 1 16  ? 11.357  -25.510 -3.968  1.00 29.33 ? 20  THR A OG1 1 
ATOM   115  C CG2 . THR A 1 16  ? 11.769  -25.153 -6.266  1.00 26.23 ? 20  THR A CG2 1 
ATOM   116  N N   . HIS A 1 17  ? 13.755  -22.325 -5.867  1.00 23.17 ? 21  HIS A N   1 
ATOM   117  C CA  . HIS A 1 17  ? 14.523  -21.777 -6.943  1.00 18.06 ? 21  HIS A CA  1 
ATOM   118  C C   . HIS A 1 17  ? 15.511  -20.713 -6.584  1.00 16.50 ? 21  HIS A C   1 
ATOM   119  O O   . HIS A 1 17  ? 15.935  -20.023 -7.499  1.00 15.30 ? 21  HIS A O   1 
ATOM   120  C CB  . HIS A 1 17  ? 13.527  -21.288 -7.970  1.00 18.44 ? 21  HIS A CB  1 
ATOM   121  C CG  . HIS A 1 17  ? 12.848  -22.425 -8.729  1.00 26.08 ? 21  HIS A CG  1 
ATOM   122  N ND1 . HIS A 1 17  ? 13.385  -23.363 -9.526  1.00 29.92 ? 21  HIS A ND1 1 
ATOM   123  C CD2 . HIS A 1 17  ? 11.501  -22.636 -8.769  1.00 26.83 ? 21  HIS A CD2 1 
ATOM   124  C CE1 . HIS A 1 17  ? 12.434  -24.104 -10.038 1.00 26.86 ? 21  HIS A CE1 1 
ATOM   125  N NE2 . HIS A 1 17  ? 11.310  -23.650 -9.572  1.00 29.31 ? 21  HIS A NE2 1 
ATOM   126  N N   . ARG A 1 18  ? 16.029  -20.597 -5.373  1.00 17.63 ? 22  ARG A N   1 
ATOM   127  C CA  . ARG A 1 18  ? 16.831  -19.411 -5.084  1.00 22.38 ? 22  ARG A CA  1 
ATOM   128  C C   . ARG A 1 18  ? 18.110  -19.359 -5.859  1.00 23.27 ? 22  ARG A C   1 
ATOM   129  O O   . ARG A 1 18  ? 18.442  -18.385 -6.534  1.00 24.42 ? 22  ARG A O   1 
ATOM   130  C CB  . ARG A 1 18  ? 17.231  -19.297 -3.625  1.00 23.13 ? 22  ARG A CB  1 
ATOM   131  C CG  . ARG A 1 18  ? 16.253  -18.507 -2.816  1.00 30.48 ? 22  ARG A CG  1 
ATOM   132  C CD  . ARG A 1 18  ? 16.807  -18.481 -1.405  1.00 37.95 ? 22  ARG A CD  1 
ATOM   133  N NE  . ARG A 1 18  ? 17.914  -17.535 -1.288  1.00 42.18 ? 22  ARG A NE  1 
ATOM   134  C CZ  . ARG A 1 18  ? 17.729  -16.257 -0.914  1.00 43.91 ? 22  ARG A CZ  1 
ATOM   135  N NH1 . ARG A 1 18  ? 16.504  -15.752 -0.621  1.00 43.30 ? 22  ARG A NH1 1 
ATOM   136  N NH2 . ARG A 1 18  ? 18.814  -15.484 -0.828  1.00 43.49 ? 22  ARG A NH2 1 
ATOM   137  N N   . THR A 1 19  ? 18.795  -20.483 -5.815  1.00 25.33 ? 23  THR A N   1 
ATOM   138  C CA  . THR A 1 19  ? 20.083  -20.650 -6.487  1.00 25.54 ? 23  THR A CA  1 
ATOM   139  C C   . THR A 1 19  ? 20.014  -20.336 -7.960  1.00 19.81 ? 23  THR A C   1 
ATOM   140  O O   . THR A 1 19  ? 20.916  -19.679 -8.466  1.00 20.58 ? 23  THR A O   1 
ATOM   141  C CB  . THR A 1 19  ? 20.573  -22.080 -6.200  1.00 29.90 ? 23  THR A CB  1 
ATOM   142  O OG1 . THR A 1 19  ? 19.642  -22.719 -5.288  1.00 37.01 ? 23  THR A OG1 1 
ATOM   143  C CG2 . THR A 1 19  ? 21.957  -22.036 -5.532  1.00 34.59 ? 23  THR A CG2 1 
ATOM   144  N N   . LEU A 1 20  ? 18.909  -20.589 -8.634  1.00 14.40 ? 24  LEU A N   1 
ATOM   145  C CA  . LEU A 1 20  ? 18.873  -20.232 -10.037 1.00 14.90 ? 24  LEU A CA  1 
ATOM   146  C C   . LEU A 1 20  ? 18.862  -18.725 -10.176 1.00 16.68 ? 24  LEU A C   1 
ATOM   147  O O   . LEU A 1 20  ? 19.530  -18.074 -11.003 1.00 18.96 ? 24  LEU A O   1 
ATOM   148  C CB  . LEU A 1 20  ? 17.626  -20.871 -10.659 1.00 13.51 ? 24  LEU A CB  1 
ATOM   149  C CG  . LEU A 1 20  ? 16.936  -20.300 -11.920 1.00 16.99 ? 24  LEU A CG  1 
ATOM   150  C CD1 . LEU A 1 20  ? 17.862  -20.077 -13.134 1.00 17.89 ? 24  LEU A CD1 1 
ATOM   151  C CD2 . LEU A 1 20  ? 15.879  -21.320 -12.285 1.00 13.25 ? 24  LEU A CD2 1 
ATOM   152  N N   . LEU A 1 21  ? 18.130  -18.102 -9.270  1.00 19.21 ? 25  LEU A N   1 
ATOM   153  C CA  . LEU A 1 21  ? 17.877  -16.678 -9.471  1.00 18.75 ? 25  LEU A CA  1 
ATOM   154  C C   . LEU A 1 21  ? 19.057  -15.799 -8.986  1.00 17.29 ? 25  LEU A C   1 
ATOM   155  O O   . LEU A 1 21  ? 19.343  -14.789 -9.645  1.00 14.13 ? 25  LEU A O   1 
ATOM   156  C CB  . LEU A 1 21  ? 16.522  -16.415 -8.778  1.00 15.23 ? 25  LEU A CB  1 
ATOM   157  C CG  . LEU A 1 21  ? 15.271  -17.161 -9.199  1.00 10.71 ? 25  LEU A CG  1 
ATOM   158  C CD1 . LEU A 1 21  ? 14.415  -17.266 -7.964  1.00 11.27 ? 25  LEU A CD1 1 
ATOM   159  C CD2 . LEU A 1 21  ? 14.542  -16.501 -10.320 1.00 6.32  ? 25  LEU A CD2 1 
ATOM   160  N N   . ILE A 1 22  ? 19.773  -16.170 -7.906  1.00 15.63 ? 26  ILE A N   1 
ATOM   161  C CA  . ILE A 1 22  ? 20.961  -15.442 -7.483  1.00 22.13 ? 26  ILE A CA  1 
ATOM   162  C C   . ILE A 1 22  ? 22.189  -15.692 -8.386  1.00 29.12 ? 26  ILE A C   1 
ATOM   163  O O   . ILE A 1 22  ? 23.266  -15.074 -8.255  1.00 28.35 ? 26  ILE A O   1 
ATOM   164  C CB  . ILE A 1 22  ? 21.373  -15.789 -6.036  1.00 18.71 ? 26  ILE A CB  1 
ATOM   165  C CG1 . ILE A 1 22  ? 21.725  -17.237 -5.822  1.00 19.58 ? 26  ILE A CG1 1 
ATOM   166  C CG2 . ILE A 1 22  ? 20.187  -15.430 -5.169  1.00 20.26 ? 26  ILE A CG2 1 
ATOM   167  C CD1 . ILE A 1 22  ? 22.161  -17.517 -4.350  1.00 17.88 ? 26  ILE A CD1 1 
ATOM   168  N N   . ALA A 1 23  ? 22.090  -16.634 -9.343  1.00 37.21 ? 27  ALA A N   1 
ATOM   169  C CA  . ALA A 1 23  ? 23.165  -16.862 -10.312 1.00 41.55 ? 27  ALA A CA  1 
ATOM   170  C C   . ALA A 1 23  ? 23.400  -15.600 -11.167 1.00 45.30 ? 27  ALA A C   1 
ATOM   171  O O   . ALA A 1 23  ? 24.463  -15.401 -11.773 1.00 46.59 ? 27  ALA A O   1 
ATOM   172  C CB  . ALA A 1 23  ? 22.807  -17.980 -11.251 1.00 42.02 ? 27  ALA A CB  1 
ATOM   173  N N   . ASN A 1 24  ? 22.420  -14.687 -11.215 1.00 45.94 ? 28  ASN A N   1 
ATOM   174  C CA  . ASN A 1 24  ? 22.531  -13.410 -11.915 1.00 45.67 ? 28  ASN A CA  1 
ATOM   175  C C   . ASN A 1 24  ? 23.402  -12.540 -10.971 1.00 43.52 ? 28  ASN A C   1 
ATOM   176  O O   . ASN A 1 24  ? 22.953  -11.492 -10.489 1.00 43.65 ? 28  ASN A O   1 
ATOM   177  C CB  . ASN A 1 24  ? 21.091  -12.822 -12.081 1.00 49.50 ? 28  ASN A CB  1 
ATOM   178  C CG  . ASN A 1 24  ? 19.980  -13.538 -12.881 1.00 50.99 ? 28  ASN A CG  1 
ATOM   179  O OD1 . ASN A 1 24  ? 19.992  -13.437 -14.106 1.00 54.35 ? 28  ASN A OD1 1 
ATOM   180  N ND2 . ASN A 1 24  ? 18.942  -14.185 -12.342 1.00 46.78 ? 28  ASN A ND2 1 
ATOM   181  N N   . GLU A 1 25  ? 24.660  -12.855 -10.647 1.00 39.97 ? 29  GLU A N   1 
ATOM   182  C CA  . GLU A 1 25  ? 25.418  -12.129 -9.611  1.00 39.98 ? 29  GLU A CA  1 
ATOM   183  C C   . GLU A 1 25  ? 25.639  -10.588 -9.801  1.00 37.52 ? 29  GLU A C   1 
ATOM   184  O O   . GLU A 1 25  ? 25.857  -9.825  -8.854  1.00 36.73 ? 29  GLU A O   1 
ATOM   185  C CB  . GLU A 1 25  ? 26.757  -12.900 -9.457  1.00 39.93 ? 29  GLU A CB  1 
ATOM   186  C CG  . GLU A 1 25  ? 27.599  -12.817 -8.165  1.00 41.35 ? 29  GLU A CG  1 
ATOM   187  C CD  . GLU A 1 25  ? 27.493  -13.972 -7.149  1.00 43.78 ? 29  GLU A CD  1 
ATOM   188  O OE1 . GLU A 1 25  ? 26.456  -14.641 -7.114  1.00 46.81 ? 29  GLU A OE1 1 
ATOM   189  O OE2 . GLU A 1 25  ? 28.437  -14.204 -6.372  1.00 41.99 ? 29  GLU A OE2 1 
ATOM   190  N N   . THR A 1 26  ? 25.500  -10.160 -11.058 1.00 35.51 ? 30  THR A N   1 
ATOM   191  C CA  . THR A 1 26  ? 25.667  -8.825  -11.619 1.00 32.09 ? 30  THR A CA  1 
ATOM   192  C C   . THR A 1 26  ? 24.380  -7.984  -11.601 1.00 32.65 ? 30  THR A C   1 
ATOM   193  O O   . THR A 1 26  ? 24.391  -6.784  -11.945 1.00 31.41 ? 30  THR A O   1 
ATOM   194  C CB  . THR A 1 26  ? 26.244  -9.123  -13.077 1.00 31.21 ? 30  THR A CB  1 
ATOM   195  O OG1 . THR A 1 26  ? 27.670  -9.306  -12.957 1.00 29.89 ? 30  THR A OG1 1 
ATOM   196  C CG2 . THR A 1 26  ? 25.837  -8.088  -14.105 1.00 26.87 ? 30  THR A CG2 1 
ATOM   197  N N   . LEU A 1 27  ? 23.220  -8.580  -11.275 1.00 32.24 ? 31  LEU A N   1 
ATOM   198  C CA  . LEU A 1 27  ? 21.969  -7.810  -11.384 1.00 29.89 ? 31  LEU A CA  1 
ATOM   199  C C   . LEU A 1 27  ? 21.742  -7.057  -10.092 1.00 28.95 ? 31  LEU A C   1 
ATOM   200  O O   . LEU A 1 27  ? 22.016  -7.561  -8.989  1.00 26.70 ? 31  LEU A O   1 
ATOM   201  C CB  . LEU A 1 27  ? 20.795  -8.713  -11.629 1.00 26.81 ? 31  LEU A CB  1 
ATOM   202  C CG  . LEU A 1 27  ? 19.512  -8.163  -12.185 1.00 30.20 ? 31  LEU A CG  1 
ATOM   203  C CD1 . LEU A 1 27  ? 19.656  -7.431  -13.502 1.00 31.29 ? 31  LEU A CD1 1 
ATOM   204  C CD2 . LEU A 1 27  ? 18.642  -9.380  -12.440 1.00 33.71 ? 31  LEU A CD2 1 
ATOM   205  N N   . ARG A 1 28  ? 21.244  -5.835  -10.290 1.00 27.79 ? 32  ARG A N   1 
ATOM   206  C CA  . ARG A 1 28  ? 21.057  -4.902  -9.199  1.00 25.80 ? 32  ARG A CA  1 
ATOM   207  C C   . ARG A 1 28  ? 19.636  -4.413  -9.303  1.00 25.58 ? 32  ARG A C   1 
ATOM   208  O O   . ARG A 1 28  ? 19.303  -3.807  -10.341 1.00 21.48 ? 32  ARG A O   1 
ATOM   209  C CB  . ARG A 1 28  ? 22.033  -3.809  -9.411  1.00 26.25 ? 32  ARG A CB  1 
ATOM   210  C CG  . ARG A 1 28  ? 23.138  -3.913  -8.413  1.00 26.43 ? 32  ARG A CG  1 
ATOM   211  C CD  . ARG A 1 28  ? 24.051  -5.095  -8.486  1.00 28.46 ? 32  ARG A CD  1 
ATOM   212  N NE  . ARG A 1 28  ? 24.984  -4.914  -7.403  1.00 31.68 ? 32  ARG A NE  1 
ATOM   213  C CZ  . ARG A 1 28  ? 25.729  -5.908  -6.945  1.00 36.99 ? 32  ARG A CZ  1 
ATOM   214  N NH1 . ARG A 1 28  ? 25.696  -7.157  -7.489  1.00 37.87 ? 32  ARG A NH1 1 
ATOM   215  N NH2 . ARG A 1 28  ? 26.389  -5.646  -5.800  1.00 37.60 ? 32  ARG A NH2 1 
ATOM   216  N N   . ILE A 1 29  ? 18.791  -4.803  -8.305  1.00 23.87 ? 33  ILE A N   1 
ATOM   217  C CA  . ILE A 1 29  ? 17.362  -4.465  -8.313  1.00 21.19 ? 33  ILE A CA  1 
ATOM   218  C C   . ILE A 1 29  ? 17.079  -3.449  -7.197  1.00 22.42 ? 33  ILE A C   1 
ATOM   219  O O   . ILE A 1 29  ? 17.641  -3.492  -6.096  1.00 18.75 ? 33  ILE A O   1 
ATOM   220  C CB  . ILE A 1 29  ? 16.426  -5.696  -8.075  1.00 19.09 ? 33  ILE A CB  1 
ATOM   221  C CG1 . ILE A 1 29  ? 16.959  -7.083  -8.449  1.00 19.77 ? 33  ILE A CG1 1 
ATOM   222  C CG2 . ILE A 1 29  ? 15.254  -5.433  -9.048  1.00 18.79 ? 33  ILE A CG2 1 
ATOM   223  C CD1 . ILE A 1 29  ? 16.644  -7.628  -9.870  1.00 10.68 ? 33  ILE A CD1 1 
ATOM   224  N N   . PRO A 1 30  ? 16.269  -2.442  -7.445  1.00 23.00 ? 34  PRO A N   1 
ATOM   225  C CA  . PRO A 1 30  ? 15.820  -1.538  -6.403  1.00 26.87 ? 34  PRO A CA  1 
ATOM   226  C C   . PRO A 1 30  ? 15.071  -2.241  -5.262  1.00 27.17 ? 34  PRO A C   1 
ATOM   227  O O   . PRO A 1 30  ? 14.045  -2.869  -5.510  1.00 26.81 ? 34  PRO A O   1 
ATOM   228  C CB  . PRO A 1 30  ? 15.022  -0.528  -7.211  1.00 29.13 ? 34  PRO A CB  1 
ATOM   229  C CG  . PRO A 1 30  ? 14.576  -1.228  -8.491  1.00 28.09 ? 34  PRO A CG  1 
ATOM   230  C CD  . PRO A 1 30  ? 15.828  -2.023  -8.765  1.00 25.57 ? 34  PRO A CD  1 
ATOM   231  N N   . VAL A 1 31  ? 15.600  -2.238  -4.031  1.00 27.32 ? 35  VAL A N   1 
ATOM   232  C CA  . VAL A 1 31  ? 14.929  -2.772  -2.856  1.00 29.86 ? 35  VAL A CA  1 
ATOM   233  C C   . VAL A 1 31  ? 14.531  -1.615  -1.886  1.00 33.86 ? 35  VAL A C   1 
ATOM   234  O O   . VAL A 1 31  ? 15.367  -0.749  -1.558  1.00 33.60 ? 35  VAL A O   1 
ATOM   235  C CB  . VAL A 1 31  ? 15.879  -3.773  -2.193  1.00 29.33 ? 35  VAL A CB  1 
ATOM   236  C CG1 . VAL A 1 31  ? 15.313  -4.400  -0.918  1.00 25.86 ? 35  VAL A CG1 1 
ATOM   237  C CG2 . VAL A 1 31  ? 16.126  -4.862  -3.222  1.00 30.94 ? 35  VAL A CG2 1 
ATOM   238  N N   . PRO A 1 32  ? 13.267  -1.521  -1.418  1.00 35.36 ? 36  PRO A N   1 
ATOM   239  C CA  . PRO A 1 32  ? 12.793  -0.535  -0.440  1.00 36.08 ? 36  PRO A CA  1 
ATOM   240  C C   . PRO A 1 32  ? 13.628  -0.441  0.837   1.00 36.01 ? 36  PRO A C   1 
ATOM   241  O O   . PRO A 1 32  ? 14.032  -1.488  1.352   1.00 34.50 ? 36  PRO A O   1 
ATOM   242  C CB  . PRO A 1 32  ? 11.356  -0.950  -0.165  1.00 35.37 ? 36  PRO A CB  1 
ATOM   243  C CG  . PRO A 1 32  ? 10.880  -1.556  -1.455  1.00 33.97 ? 36  PRO A CG  1 
ATOM   244  C CD  . PRO A 1 32  ? 12.138  -2.288  -1.936  1.00 36.38 ? 36  PRO A CD  1 
ATOM   245  N N   . VAL A 1 33  ? 13.898  0.729   1.449   1.00 34.83 ? 37  VAL A N   1 
ATOM   246  C CA  . VAL A 1 33  ? 14.728  0.662   2.649   1.00 33.08 ? 37  VAL A CA  1 
ATOM   247  C C   . VAL A 1 33  ? 13.850  0.511   3.887   1.00 31.95 ? 37  VAL A C   1 
ATOM   248  O O   . VAL A 1 33  ? 14.375  0.560   5.003   1.00 34.37 ? 37  VAL A O   1 
ATOM   249  C CB  . VAL A 1 33  ? 15.645  1.922   2.834   1.00 35.80 ? 37  VAL A CB  1 
ATOM   250  C CG1 . VAL A 1 33  ? 16.950  1.411   3.453   1.00 34.99 ? 37  VAL A CG1 1 
ATOM   251  C CG2 . VAL A 1 33  ? 16.010  2.644   1.537   1.00 38.48 ? 37  VAL A CG2 1 
ATOM   252  N N   . HIS A 1 34  ? 12.533  0.250   3.796   1.00 27.96 ? 38  HIS A N   1 
ATOM   253  C CA  . HIS A 1 34  ? 11.638  0.164   4.969   1.00 25.72 ? 38  HIS A CA  1 
ATOM   254  C C   . HIS A 1 34  ? 10.745  -1.066  4.801   1.00 27.47 ? 38  HIS A C   1 
ATOM   255  O O   . HIS A 1 34  ? 10.653  -1.582  3.684   1.00 27.57 ? 38  HIS A O   1 
ATOM   256  C CB  . HIS A 1 34  ? 10.693  1.397   5.108   1.00 14.43 ? 38  HIS A CB  1 
ATOM   257  C CG  . HIS A 1 34  ? 9.794   1.575   3.891   1.00 8.09  ? 38  HIS A CG  1 
ATOM   258  N ND1 . HIS A 1 34  ? 8.592   1.072   3.645   1.00 6.67  ? 38  HIS A ND1 1 
ATOM   259  C CD2 . HIS A 1 34  ? 10.120  2.342   2.794   1.00 11.16 ? 38  HIS A CD2 1 
ATOM   260  C CE1 . HIS A 1 34  ? 8.176   1.485   2.468   1.00 7.36  ? 38  HIS A CE1 1 
ATOM   261  N NE2 . HIS A 1 34  ? 9.103   2.251   1.961   1.00 14.30 ? 38  HIS A NE2 1 
ATOM   262  N N   . LYS A 1 35  ? 9.932   -1.372  5.845   1.00 28.98 ? 39  LYS A N   1 
ATOM   263  C CA  . LYS A 1 35  ? 9.052   -2.553  5.893   1.00 27.31 ? 39  LYS A CA  1 
ATOM   264  C C   . LYS A 1 35  ? 7.579   -2.297  5.559   1.00 25.55 ? 39  LYS A C   1 
ATOM   265  O O   . LYS A 1 35  ? 6.802   -3.256  5.598   1.00 26.73 ? 39  LYS A O   1 
ATOM   266  C CB  . LYS A 1 35  ? 9.075   -3.243  7.268   1.00 28.36 ? 39  LYS A CB  1 
ATOM   267  C CG  . LYS A 1 35  ? 10.412  -3.252  8.026   1.00 33.91 ? 39  LYS A CG  1 
ATOM   268  C CD  . LYS A 1 35  ? 10.702  -1.888  8.697   1.00 39.36 ? 39  LYS A CD  1 
ATOM   269  C CE  . LYS A 1 35  ? 12.041  -1.852  9.445   1.00 45.37 ? 39  LYS A CE  1 
ATOM   270  N NZ  . LYS A 1 35  ? 12.326  -0.526  9.987   1.00 50.87 ? 39  LYS A NZ  1 
ATOM   271  N N   . ASN A 1 36  ? 7.154   -1.067  5.198   1.00 21.73 ? 40  ASN A N   1 
ATOM   272  C CA  . ASN A 1 36  ? 5.789   -0.803  4.713   1.00 20.23 ? 40  ASN A CA  1 
ATOM   273  C C   . ASN A 1 36  ? 5.671   -1.287  3.270   1.00 21.44 ? 40  ASN A C   1 
ATOM   274  O O   . ASN A 1 36  ? 5.490   -0.512  2.306   1.00 21.61 ? 40  ASN A O   1 
ATOM   275  C CB  . ASN A 1 36  ? 5.444   0.716   4.789   1.00 20.95 ? 40  ASN A CB  1 
ATOM   276  C CG  . ASN A 1 36  ? 5.803   1.162   6.183   1.00 22.96 ? 40  ASN A CG  1 
ATOM   277  O OD1 . ASN A 1 36  ? 6.982   1.348   6.504   1.00 29.84 ? 40  ASN A OD1 1 
ATOM   278  N ND2 . ASN A 1 36  ? 4.942   1.144   7.141   1.00 23.41 ? 40  ASN A ND2 1 
ATOM   279  N N   . HIS A 1 37  ? 5.704   -2.640  3.182   1.00 18.46 ? 41  HIS A N   1 
ATOM   280  C CA  . HIS A 1 37  ? 5.823   -3.400  1.945   1.00 18.08 ? 41  HIS A CA  1 
ATOM   281  C C   . HIS A 1 37  ? 4.801   -3.006  0.922   1.00 17.52 ? 41  HIS A C   1 
ATOM   282  O O   . HIS A 1 37  ? 5.159   -2.875  -0.249  1.00 19.10 ? 41  HIS A O   1 
ATOM   283  C CB  . HIS A 1 37  ? 5.696   -4.942  2.195   1.00 17.62 ? 41  HIS A CB  1 
ATOM   284  C CG  . HIS A 1 37  ? 6.728   -5.571  3.154   1.00 19.29 ? 41  HIS A CG  1 
ATOM   285  N ND1 . HIS A 1 37  ? 6.644   -5.883  4.476   1.00 22.19 ? 41  HIS A ND1 1 
ATOM   286  C CD2 . HIS A 1 37  ? 8.014   -5.861  2.794   1.00 19.63 ? 41  HIS A CD2 1 
ATOM   287  C CE1 . HIS A 1 37  ? 7.800   -6.323  4.915   1.00 21.68 ? 41  HIS A CE1 1 
ATOM   288  N NE2 . HIS A 1 37  ? 8.624   -6.303  3.888   1.00 24.57 ? 41  HIS A NE2 1 
ATOM   289  N N   . GLN A 1 38  ? 3.581   -2.674  1.340   1.00 17.00 ? 42  GLN A N   1 
ATOM   290  C CA  . GLN A 1 38  ? 2.473   -2.463  0.398   1.00 19.26 ? 42  GLN A CA  1 
ATOM   291  C C   . GLN A 1 38  ? 2.403   -1.104  -0.261  1.00 21.10 ? 42  GLN A C   1 
ATOM   292  O O   . GLN A 1 38  ? 1.575   -0.915  -1.177  1.00 20.49 ? 42  GLN A O   1 
ATOM   293  C CB  . GLN A 1 38  ? 1.104   -2.692  1.053   1.00 21.47 ? 42  GLN A CB  1 
ATOM   294  C CG  . GLN A 1 38  ? 1.114   -3.768  2.152   1.00 24.98 ? 42  GLN A CG  1 
ATOM   295  C CD  . GLN A 1 38  ? -0.274  -4.047  2.715   1.00 28.60 ? 42  GLN A CD  1 
ATOM   296  O OE1 . GLN A 1 38  ? -1.297  -3.818  2.067   1.00 27.10 ? 42  GLN A OE1 1 
ATOM   297  N NE2 . GLN A 1 38  ? -0.378  -4.536  3.954   1.00 29.40 ? 42  GLN A NE2 1 
ATOM   298  N N   . LEU A 1 39  ? 3.266   -0.144  0.157   1.00 22.58 ? 43  LEU A N   1 
ATOM   299  C CA  . LEU A 1 39  ? 3.353   1.128   -0.588  1.00 24.03 ? 43  LEU A CA  1 
ATOM   300  C C   . LEU A 1 39  ? 4.186   0.843   -1.856  1.00 26.90 ? 43  LEU A C   1 
ATOM   301  O O   . LEU A 1 39  ? 3.919   1.309   -2.972  1.00 30.14 ? 43  LEU A O   1 
ATOM   302  C CB  . LEU A 1 39  ? 4.038   2.235   0.263   1.00 21.13 ? 43  LEU A CB  1 
ATOM   303  C CG  . LEU A 1 39  ? 3.537   2.433   1.723   1.00 20.86 ? 43  LEU A CG  1 
ATOM   304  C CD1 . LEU A 1 39  ? 4.508   3.302   2.498   1.00 19.72 ? 43  LEU A CD1 1 
ATOM   305  C CD2 . LEU A 1 39  ? 2.130   3.018   1.705   1.00 16.82 ? 43  LEU A CD2 1 
ATOM   306  N N   . CYS A 1 40  ? 5.194   -0.039  -1.763  1.00 28.18 ? 44  CYS A N   1 
ATOM   307  C CA  . CYS A 1 40  ? 6.078   -0.329  -2.869  1.00 25.47 ? 44  CYS A CA  1 
ATOM   308  C C   . CYS A 1 40  ? 5.583   -1.428  -3.838  1.00 26.08 ? 44  CYS A C   1 
ATOM   309  O O   . CYS A 1 40  ? 6.383   -1.931  -4.623  1.00 21.79 ? 44  CYS A O   1 
ATOM   310  C CB  . CYS A 1 40  ? 7.393   -0.679  -2.237  1.00 26.46 ? 44  CYS A CB  1 
ATOM   311  S SG  . CYS A 1 40  ? 7.990   0.412   -0.902  1.00 21.10 ? 44  CYS A SG  1 
ATOM   312  N N   . THR A 1 41  ? 4.294   -1.785  -3.984  1.00 27.95 ? 45  THR A N   1 
ATOM   313  C CA  . THR A 1 41  ? 3.954   -2.975  -4.753  1.00 28.73 ? 45  THR A CA  1 
ATOM   314  C C   . THR A 1 41  ? 4.327   -2.763  -6.185  1.00 31.12 ? 45  THR A C   1 
ATOM   315  O O   . THR A 1 41  ? 4.866   -3.697  -6.774  1.00 34.55 ? 45  THR A O   1 
ATOM   316  C CB  . THR A 1 41  ? 2.460   -3.381  -4.773  1.00 21.08 ? 45  THR A CB  1 
ATOM   317  O OG1 . THR A 1 41  ? 1.750   -2.297  -5.262  1.00 21.84 ? 45  THR A OG1 1 
ATOM   318  C CG2 . THR A 1 41  ? 1.909   -3.733  -3.438  1.00 21.51 ? 45  THR A CG2 1 
ATOM   319  N N   . GLU A 1 42  ? 4.153   -1.606  -6.799  1.00 33.30 ? 46  GLU A N   1 
ATOM   320  C CA  . GLU A 1 42  ? 4.555   -1.575  -8.188  1.00 37.28 ? 46  GLU A CA  1 
ATOM   321  C C   . GLU A 1 42  ? 6.061   -1.382  -8.525  1.00 35.92 ? 46  GLU A C   1 
ATOM   322  O O   . GLU A 1 42  ? 6.520   -1.698  -9.628  1.00 33.82 ? 46  GLU A O   1 
ATOM   323  C CB  . GLU A 1 42  ? 3.555   -0.584  -8.787  1.00 40.81 ? 46  GLU A CB  1 
ATOM   324  C CG  . GLU A 1 42  ? 2.385   -1.402  -9.515  1.00 49.68 ? 46  GLU A CG  1 
ATOM   325  C CD  . GLU A 1 42  ? 1.572   -2.624  -8.925  1.00 53.47 ? 46  GLU A CD  1 
ATOM   326  O OE1 . GLU A 1 42  ? 2.042   -3.412  -8.084  1.00 51.38 ? 46  GLU A OE1 1 
ATOM   327  O OE2 . GLU A 1 42  ? 0.419   -2.821  -9.353  1.00 54.13 ? 46  GLU A OE2 1 
ATOM   328  N N   . GLU A 1 43  ? 6.904   -1.083  -7.533  1.00 33.95 ? 47  GLU A N   1 
ATOM   329  C CA  . GLU A 1 43  ? 8.353   -1.109  -7.700  1.00 32.78 ? 47  GLU A CA  1 
ATOM   330  C C   . GLU A 1 43  ? 8.848   -2.556  -7.569  1.00 33.53 ? 47  GLU A C   1 
ATOM   331  O O   . GLU A 1 43  ? 9.934   -2.896  -8.067  1.00 34.09 ? 47  GLU A O   1 
ATOM   332  C CB  . GLU A 1 43  ? 9.060   -0.296  -6.636  1.00 32.67 ? 47  GLU A CB  1 
ATOM   333  C CG  . GLU A 1 43  ? 8.918   1.206   -6.824  1.00 39.85 ? 47  GLU A CG  1 
ATOM   334  C CD  . GLU A 1 43  ? 7.550   1.818   -6.467  1.00 45.57 ? 47  GLU A CD  1 
ATOM   335  O OE1 . GLU A 1 43  ? 6.960   1.429   -5.446  1.00 45.75 ? 47  GLU A OE1 1 
ATOM   336  O OE2 . GLU A 1 43  ? 7.081   2.699   -7.211  1.00 47.47 ? 47  GLU A OE2 1 
ATOM   337  N N   . ILE A 1 44  ? 8.073   -3.393  -6.826  1.00 30.57 ? 48  ILE A N   1 
ATOM   338  C CA  . ILE A 1 44  ? 8.308   -4.814  -6.648  1.00 25.35 ? 48  ILE A CA  1 
ATOM   339  C C   . ILE A 1 44  ? 7.904   -5.469  -7.946  1.00 23.95 ? 48  ILE A C   1 
ATOM   340  O O   . ILE A 1 44  ? 8.733   -6.190  -8.494  1.00 22.29 ? 48  ILE A O   1 
ATOM   341  C CB  . ILE A 1 44  ? 7.485   -5.387  -5.509  1.00 24.77 ? 48  ILE A CB  1 
ATOM   342  C CG1 . ILE A 1 44  ? 8.102   -4.855  -4.230  1.00 26.37 ? 48  ILE A CG1 1 
ATOM   343  C CG2 . ILE A 1 44  ? 7.502   -6.912  -5.471  1.00 21.48 ? 48  ILE A CG2 1 
ATOM   344  C CD1 . ILE A 1 44  ? 7.225   -5.070  -2.942  1.00 22.48 ? 48  ILE A CD1 1 
ATOM   345  N N   . PHE A 1 45  ? 6.737   -5.221  -8.516  1.00 21.66 ? 49  PHE A N   1 
ATOM   346  C CA  . PHE A 1 45  ? 6.434   -5.845  -9.776  1.00 22.77 ? 49  PHE A CA  1 
ATOM   347  C C   . PHE A 1 45  ? 7.346   -5.469  -10.940 1.00 26.84 ? 49  PHE A C   1 
ATOM   348  O O   . PHE A 1 45  ? 7.530   -6.248  -11.884 1.00 30.77 ? 49  PHE A O   1 
ATOM   349  C CB  . PHE A 1 45  ? 4.981   -5.572  -10.045 1.00 20.83 ? 49  PHE A CB  1 
ATOM   350  C CG  . PHE A 1 45  ? 4.313   -6.698  -9.263  1.00 26.71 ? 49  PHE A CG  1 
ATOM   351  C CD1 . PHE A 1 45  ? 4.337   -8.005  -9.749  1.00 23.44 ? 49  PHE A CD1 1 
ATOM   352  C CD2 . PHE A 1 45  ? 3.776   -6.475  -8.012  1.00 24.46 ? 49  PHE A CD2 1 
ATOM   353  C CE1 . PHE A 1 45  ? 3.852   -9.049  -8.996  1.00 23.57 ? 49  PHE A CE1 1 
ATOM   354  C CE2 . PHE A 1 45  ? 3.294   -7.550  -7.272  1.00 26.76 ? 49  PHE A CE2 1 
ATOM   355  C CZ  . PHE A 1 45  ? 3.327   -8.837  -7.750  1.00 23.29 ? 49  PHE A CZ  1 
ATOM   356  N N   . GLN A 1 46  ? 8.002   -4.306  -10.885 1.00 30.12 ? 50  GLN A N   1 
ATOM   357  C CA  . GLN A 1 46  ? 9.024   -3.922  -11.839 1.00 28.92 ? 50  GLN A CA  1 
ATOM   358  C C   . GLN A 1 46  ? 10.249  -4.776  -11.560 1.00 28.17 ? 50  GLN A C   1 
ATOM   359  O O   . GLN A 1 46  ? 10.783  -5.339  -12.516 1.00 30.55 ? 50  GLN A O   1 
ATOM   360  C CB  . GLN A 1 46  ? 9.344   -2.445  -11.695 1.00 29.48 ? 50  GLN A CB  1 
ATOM   361  C CG  . GLN A 1 46  ? 8.529   -1.783  -12.780 1.00 33.57 ? 50  GLN A CG  1 
ATOM   362  C CD  . GLN A 1 46  ? 8.270   -0.302  -12.556 1.00 40.08 ? 50  GLN A CD  1 
ATOM   363  O OE1 . GLN A 1 46  ? 8.983   0.407   -11.835 1.00 40.15 ? 50  GLN A OE1 1 
ATOM   364  N NE2 . GLN A 1 46  ? 7.220   0.212   -13.195 1.00 41.37 ? 50  GLN A NE2 1 
ATOM   365  N N   . GLY A 1 47  ? 10.693  -4.970  -10.315 1.00 25.76 ? 51  GLY A N   1 
ATOM   366  C CA  . GLY A 1 47  ? 11.777  -5.912  -10.005 1.00 24.90 ? 51  GLY A CA  1 
ATOM   367  C C   . GLY A 1 47  ? 11.551  -7.343  -10.530 1.00 22.64 ? 51  GLY A C   1 
ATOM   368  O O   . GLY A 1 47  ? 12.467  -7.918  -11.066 1.00 18.70 ? 51  GLY A O   1 
ATOM   369  N N   . ILE A 1 48  ? 10.380  -7.968  -10.424 1.00 23.81 ? 52  ILE A N   1 
ATOM   370  C CA  . ILE A 1 48  ? 10.111  -9.309  -10.945 1.00 24.20 ? 52  ILE A CA  1 
ATOM   371  C C   . ILE A 1 48  ? 10.252  -9.324  -12.463 1.00 25.86 ? 52  ILE A C   1 
ATOM   372  O O   . ILE A 1 48  ? 11.089  -10.104 -12.907 1.00 28.06 ? 52  ILE A O   1 
ATOM   373  C CB  . ILE A 1 48  ? 8.699   -9.744  -10.518 1.00 18.35 ? 52  ILE A CB  1 
ATOM   374  C CG1 . ILE A 1 48  ? 8.761   -9.992  -9.043  1.00 18.70 ? 52  ILE A CG1 1 
ATOM   375  C CG2 . ILE A 1 48  ? 8.209   -10.965 -11.259 1.00 12.42 ? 52  ILE A CG2 1 
ATOM   376  C CD1 . ILE A 1 48  ? 7.348   -9.903  -8.486  1.00 15.79 ? 52  ILE A CD1 1 
ATOM   377  N N   . GLY A 1 49  ? 9.557   -8.556  -13.308 1.00 26.07 ? 53  GLY A N   1 
ATOM   378  C CA  . GLY A 1 49  ? 9.791   -8.545  -14.764 1.00 27.97 ? 53  GLY A CA  1 
ATOM   379  C C   . GLY A 1 49  ? 11.296  -8.365  -15.170 1.00 29.28 ? 53  GLY A C   1 
ATOM   380  O O   . GLY A 1 49  ? 11.724  -8.890  -16.203 1.00 27.61 ? 53  GLY A O   1 
ATOM   381  N N   . THR A 1 50  ? 12.166  -7.659  -14.418 1.00 25.40 ? 54  THR A N   1 
ATOM   382  C CA  . THR A 1 50  ? 13.582  -7.632  -14.726 1.00 25.32 ? 54  THR A CA  1 
ATOM   383  C C   . THR A 1 50  ? 14.104  -9.032  -14.486 1.00 24.23 ? 54  THR A C   1 
ATOM   384  O O   . THR A 1 50  ? 14.644  -9.607  -15.417 1.00 27.34 ? 54  THR A O   1 
ATOM   385  C CB  . THR A 1 50  ? 14.345  -6.541  -13.838 1.00 25.36 ? 54  THR A CB  1 
ATOM   386  O OG1 . THR A 1 50  ? 14.138  -5.283  -14.519 1.00 23.79 ? 54  THR A OG1 1 
ATOM   387  C CG2 . THR A 1 50  ? 15.836  -6.767  -13.659 1.00 20.81 ? 54  THR A CG2 1 
ATOM   388  N N   . LEU A 1 51  ? 13.885  -9.656  -13.354 1.00 22.17 ? 55  LEU A N   1 
ATOM   389  C CA  . LEU A 1 51  ? 14.357  -10.988 -13.064 1.00 21.71 ? 55  LEU A CA  1 
ATOM   390  C C   . LEU A 1 51  ? 13.796  -11.973 -14.080 1.00 22.07 ? 55  LEU A C   1 
ATOM   391  O O   . LEU A 1 51  ? 14.477  -12.878 -14.537 1.00 22.31 ? 55  LEU A O   1 
ATOM   392  C CB  . LEU A 1 51  ? 13.912  -11.304 -11.685 1.00 18.08 ? 55  LEU A CB  1 
ATOM   393  C CG  . LEU A 1 51  ? 14.757  -12.181 -10.835 1.00 21.59 ? 55  LEU A CG  1 
ATOM   394  C CD1 . LEU A 1 51  ? 16.147  -11.650 -10.749 1.00 27.66 ? 55  LEU A CD1 1 
ATOM   395  C CD2 . LEU A 1 51  ? 14.201  -12.176 -9.422  1.00 20.57 ? 55  LEU A CD2 1 
ATOM   396  N N   . GLU A 1 52  ? 12.599  -11.739 -14.569 1.00 20.81 ? 56  GLU A N   1 
ATOM   397  C CA  . GLU A 1 52  ? 11.991  -12.607 -15.539 1.00 21.10 ? 56  GLU A CA  1 
ATOM   398  C C   . GLU A 1 52  ? 12.752  -12.579 -16.835 1.00 25.05 ? 56  GLU A C   1 
ATOM   399  O O   . GLU A 1 52  ? 12.737  -13.561 -17.573 1.00 30.54 ? 56  GLU A O   1 
ATOM   400  C CB  . GLU A 1 52  ? 10.589  -12.183 -15.851 1.00 20.39 ? 56  GLU A CB  1 
ATOM   401  C CG  . GLU A 1 52  ? 9.810   -13.212 -16.620 1.00 18.39 ? 56  GLU A CG  1 
ATOM   402  C CD  . GLU A 1 52  ? 8.353   -12.896 -16.783 1.00 26.98 ? 56  GLU A CD  1 
ATOM   403  O OE1 . GLU A 1 52  ? 7.807   -12.184 -15.930 1.00 34.13 ? 56  GLU A OE1 1 
ATOM   404  O OE2 . GLU A 1 52  ? 7.742   -13.392 -17.736 1.00 28.30 ? 56  GLU A OE2 1 
ATOM   405  N N   . SER A 1 53  ? 13.414  -11.489 -17.178 1.00 25.59 ? 57  SER A N   1 
ATOM   406  C CA  . SER A 1 53  ? 14.090  -11.409 -18.445 1.00 25.00 ? 57  SER A CA  1 
ATOM   407  C C   . SER A 1 53  ? 15.584  -11.689 -18.302 1.00 22.61 ? 57  SER A C   1 
ATOM   408  O O   . SER A 1 53  ? 16.369  -11.570 -19.229 1.00 26.11 ? 57  SER A O   1 
ATOM   409  C CB  . SER A 1 53  ? 13.729  -10.014 -18.986 1.00 28.41 ? 57  SER A CB  1 
ATOM   410  O OG  . SER A 1 53  ? 14.009  -8.955  -18.062 1.00 26.32 ? 57  SER A OG  1 
ATOM   411  N N   . GLN A 1 54  ? 16.060  -12.067 -17.146 1.00 23.28 ? 58  GLN A N   1 
ATOM   412  C CA  . GLN A 1 54  ? 17.446  -12.419 -16.942 1.00 26.79 ? 58  GLN A CA  1 
ATOM   413  C C   . GLN A 1 54  ? 17.456  -13.896 -16.618 1.00 27.88 ? 58  GLN A C   1 
ATOM   414  O O   . GLN A 1 54  ? 18.477  -14.409 -16.149 1.00 32.89 ? 58  GLN A O   1 
ATOM   415  C CB  . GLN A 1 54  ? 18.039  -11.725 -15.759 1.00 31.57 ? 58  GLN A CB  1 
ATOM   416  C CG  . GLN A 1 54  ? 17.952  -10.216 -15.788 1.00 44.37 ? 58  GLN A CG  1 
ATOM   417  C CD  . GLN A 1 54  ? 18.850  -9.562  -16.831 1.00 49.52 ? 58  GLN A CD  1 
ATOM   418  O OE1 . GLN A 1 54  ? 20.085  -9.657  -16.793 1.00 52.88 ? 58  GLN A OE1 1 
ATOM   419  N NE2 . GLN A 1 54  ? 18.229  -8.861  -17.781 1.00 51.94 ? 58  GLN A NE2 1 
ATOM   420  N N   . THR A 1 55  ? 16.389  -14.697 -16.765 1.00 26.14 ? 59  THR A N   1 
ATOM   421  C CA  . THR A 1 55  ? 16.438  -16.080 -16.348 1.00 20.45 ? 59  THR A CA  1 
ATOM   422  C C   . THR A 1 55  ? 15.959  -17.026 -17.459 1.00 18.78 ? 59  THR A C   1 
ATOM   423  O O   . THR A 1 55  ? 15.191  -16.655 -18.365 1.00 15.15 ? 59  THR A O   1 
ATOM   424  C CB  . THR A 1 55  ? 15.632  -16.034 -15.022 1.00 20.44 ? 59  THR A CB  1 
ATOM   425  O OG1 . THR A 1 55  ? 16.441  -15.291 -14.101 1.00 19.96 ? 59  THR A OG1 1 
ATOM   426  C CG2 . THR A 1 55  ? 15.394  -17.395 -14.390 1.00 22.23 ? 59  THR A CG2 1 
ATOM   427  N N   . VAL A 1 56  ? 16.518  -18.254 -17.446 1.00 18.91 ? 60  VAL A N   1 
ATOM   428  C CA  . VAL A 1 56  ? 16.253  -19.239 -18.509 1.00 18.46 ? 60  VAL A CA  1 
ATOM   429  C C   . VAL A 1 56  ? 14.822  -19.617 -18.369 1.00 16.76 ? 60  VAL A C   1 
ATOM   430  O O   . VAL A 1 56  ? 14.478  -20.104 -17.305 1.00 18.38 ? 60  VAL A O   1 
ATOM   431  C CB  . VAL A 1 56  ? 16.968  -20.659 -18.451 1.00 20.85 ? 60  VAL A CB  1 
ATOM   432  C CG1 . VAL A 1 56  ? 17.309  -21.034 -19.881 1.00 19.00 ? 60  VAL A CG1 1 
ATOM   433  C CG2 . VAL A 1 56  ? 18.159  -20.705 -17.529 1.00 20.10 ? 60  VAL A CG2 1 
ATOM   434  N N   . GLN A 1 57  ? 14.007  -19.476 -19.373 1.00 16.31 ? 61  GLN A N   1 
ATOM   435  C CA  . GLN A 1 57  ? 12.657  -19.932 -19.228 1.00 22.04 ? 61  GLN A CA  1 
ATOM   436  C C   . GLN A 1 57  ? 12.464  -21.349 -19.764 1.00 26.05 ? 61  GLN A C   1 
ATOM   437  O O   . GLN A 1 57  ? 13.438  -21.980 -20.191 1.00 30.13 ? 61  GLN A O   1 
ATOM   438  C CB  . GLN A 1 57  ? 11.786  -18.911 -19.932 1.00 30.33 ? 61  GLN A CB  1 
ATOM   439  C CG  . GLN A 1 57  ? 11.698  -17.524 -19.183 1.00 33.82 ? 61  GLN A CG  1 
ATOM   440  C CD  . GLN A 1 57  ? 11.070  -17.627 -17.792 1.00 34.88 ? 61  GLN A CD  1 
ATOM   441  O OE1 . GLN A 1 57  ? 11.741  -17.916 -16.805 1.00 33.83 ? 61  GLN A OE1 1 
ATOM   442  N NE2 . GLN A 1 57  ? 9.758   -17.455 -17.644 1.00 36.63 ? 61  GLN A NE2 1 
ATOM   443  N N   . GLY A 1 58  ? 11.257  -21.939 -19.815 1.00 24.84 ? 62  GLY A N   1 
ATOM   444  C CA  . GLY A 1 58  ? 11.127  -23.318 -20.291 1.00 18.18 ? 62  GLY A CA  1 
ATOM   445  C C   . GLY A 1 58  ? 11.152  -24.303 -19.145 1.00 14.78 ? 62  GLY A C   1 
ATOM   446  O O   . GLY A 1 58  ? 10.474  -25.299 -19.298 1.00 16.24 ? 62  GLY A O   1 
ATOM   447  N N   . GLY A 1 59  ? 11.823  -24.164 -17.999 1.00 13.56 ? 63  GLY A N   1 
ATOM   448  C CA  . GLY A 1 59  ? 11.757  -25.171 -16.956 1.00 11.74 ? 63  GLY A CA  1 
ATOM   449  C C   . GLY A 1 59  ? 10.735  -24.942 -15.846 1.00 16.42 ? 63  GLY A C   1 
ATOM   450  O O   . GLY A 1 59  ? 9.768   -24.190 -15.955 1.00 13.12 ? 63  GLY A O   1 
ATOM   451  N N   . THR A 1 60  ? 10.998  -25.538 -14.674 1.00 17.90 ? 64  THR A N   1 
ATOM   452  C CA  . THR A 1 60  ? 10.150  -25.427 -13.526 1.00 18.07 ? 64  THR A CA  1 
ATOM   453  C C   . THR A 1 60  ? 9.997   -23.992 -12.995 1.00 20.90 ? 64  THR A C   1 
ATOM   454  O O   . THR A 1 60  ? 9.015   -23.738 -12.304 1.00 24.27 ? 64  THR A O   1 
ATOM   455  C CB  . THR A 1 60  ? 10.707  -26.337 -12.413 1.00 15.53 ? 64  THR A CB  1 
ATOM   456  O OG1 . THR A 1 60  ? 12.083  -26.087 -12.419 1.00 18.95 ? 64  THR A OG1 1 
ATOM   457  C CG2 . THR A 1 60  ? 10.443  -27.789 -12.568 1.00 11.96 ? 64  THR A CG2 1 
ATOM   458  N N   . VAL A 1 61  ? 10.911  -23.016 -13.215 1.00 21.72 ? 65  VAL A N   1 
ATOM   459  C CA  . VAL A 1 61  ? 10.858  -21.613 -12.766 1.00 16.31 ? 65  VAL A CA  1 
ATOM   460  C C   . VAL A 1 61  ? 9.749   -20.839 -13.464 1.00 16.16 ? 65  VAL A C   1 
ATOM   461  O O   . VAL A 1 61  ? 9.319   -19.812 -12.965 1.00 21.63 ? 65  VAL A O   1 
ATOM   462  C CB  . VAL A 1 61  ? 12.259  -20.856 -12.992 1.00 13.97 ? 65  VAL A CB  1 
ATOM   463  C CG1 . VAL A 1 61  ? 12.448  -20.362 -14.409 1.00 6.38  ? 65  VAL A CG1 1 
ATOM   464  C CG2 . VAL A 1 61  ? 12.341  -19.700 -11.997 1.00 13.57 ? 65  VAL A CG2 1 
ATOM   465  N N   . GLU A 1 62  ? 9.171   -21.316 -14.544 1.00 15.03 ? 66  GLU A N   1 
ATOM   466  C CA  . GLU A 1 62  ? 8.076   -20.661 -15.224 1.00 15.53 ? 66  GLU A CA  1 
ATOM   467  C C   . GLU A 1 62  ? 6.752   -20.754 -14.459 1.00 16.66 ? 66  GLU A C   1 
ATOM   468  O O   . GLU A 1 62  ? 5.792   -20.056 -14.773 1.00 20.32 ? 66  GLU A O   1 
ATOM   469  C CB  . GLU A 1 62  ? 7.898   -21.281 -16.567 1.00 17.76 ? 66  GLU A CB  1 
ATOM   470  C CG  . GLU A 1 62  ? 8.075   -20.273 -17.664 1.00 27.70 ? 66  GLU A CG  1 
ATOM   471  C CD  . GLU A 1 62  ? 7.397   -20.754 -18.940 1.00 37.51 ? 66  GLU A CD  1 
ATOM   472  O OE1 . GLU A 1 62  ? 6.227   -21.157 -18.862 1.00 38.23 ? 66  GLU A OE1 1 
ATOM   473  O OE2 . GLU A 1 62  ? 8.035   -20.732 -20.004 1.00 43.19 ? 66  GLU A OE2 1 
ATOM   474  N N   . ARG A 1 63  ? 6.590   -21.596 -13.445 1.00 14.90 ? 67  ARG A N   1 
ATOM   475  C CA  . ARG A 1 63  ? 5.365   -21.628 -12.692 1.00 12.12 ? 67  ARG A CA  1 
ATOM   476  C C   . ARG A 1 63  ? 5.527   -20.399 -11.789 1.00 11.72 ? 67  ARG A C   1 
ATOM   477  O O   . ARG A 1 63  ? 4.586   -19.636 -11.717 1.00 9.36  ? 67  ARG A O   1 
ATOM   478  C CB  . ARG A 1 63  ? 5.258   -22.915 -11.847 1.00 8.63  ? 67  ARG A CB  1 
ATOM   479  C CG  . ARG A 1 63  ? 3.932   -23.109 -11.119 1.00 3.49  ? 67  ARG A CG  1 
ATOM   480  C CD  . ARG A 1 63  ? 2.840   -23.428 -12.079 1.00 4.02  ? 67  ARG A CD  1 
ATOM   481  N NE  . ARG A 1 63  ? 3.006   -24.831 -12.457 1.00 11.90 ? 67  ARG A NE  1 
ATOM   482  C CZ  . ARG A 1 63  ? 2.365   -25.375 -13.501 1.00 10.90 ? 67  ARG A CZ  1 
ATOM   483  N NH1 . ARG A 1 63  ? 1.515   -24.711 -14.275 1.00 3.91  ? 67  ARG A NH1 1 
ATOM   484  N NH2 . ARG A 1 63  ? 2.699   -26.604 -13.862 1.00 15.64 ? 67  ARG A NH2 1 
ATOM   485  N N   . LEU A 1 64  ? 6.699   -20.116 -11.208 1.00 11.33 ? 68  LEU A N   1 
ATOM   486  C CA  . LEU A 1 64  ? 6.925   -18.987 -10.310 1.00 13.43 ? 68  LEU A CA  1 
ATOM   487  C C   . LEU A 1 64  ? 6.613   -17.699 -11.000 1.00 14.43 ? 68  LEU A C   1 
ATOM   488  O O   . LEU A 1 64  ? 5.853   -16.905 -10.460 1.00 17.48 ? 68  LEU A O   1 
ATOM   489  C CB  . LEU A 1 64  ? 8.337   -18.933 -9.858  1.00 13.78 ? 68  LEU A CB  1 
ATOM   490  C CG  . LEU A 1 64  ? 8.800   -17.745 -9.010  1.00 14.32 ? 68  LEU A CG  1 
ATOM   491  C CD1 . LEU A 1 64  ? 8.256   -17.959 -7.617  1.00 15.69 ? 68  LEU A CD1 1 
ATOM   492  C CD2 . LEU A 1 64  ? 10.337  -17.662 -8.890  1.00 5.84  ? 68  LEU A CD2 1 
ATOM   493  N N   . PHE A 1 65  ? 7.051   -17.525 -12.244 1.00 16.43 ? 69  PHE A N   1 
ATOM   494  C CA  . PHE A 1 65  ? 6.770   -16.310 -13.003 1.00 16.31 ? 69  PHE A CA  1 
ATOM   495  C C   . PHE A 1 65  ? 5.363   -16.207 -13.543 1.00 17.05 ? 69  PHE A C   1 
ATOM   496  O O   . PHE A 1 65  ? 4.877   -15.090 -13.782 1.00 17.57 ? 69  PHE A O   1 
ATOM   497  C CB  . PHE A 1 65  ? 7.799   -16.146 -14.182 1.00 14.24 ? 69  PHE A CB  1 
ATOM   498  C CG  . PHE A 1 65  ? 9.218   -15.864 -13.673 1.00 17.29 ? 69  PHE A CG  1 
ATOM   499  C CD1 . PHE A 1 65  ? 9.429   -14.879 -12.668 1.00 17.05 ? 69  PHE A CD1 1 
ATOM   500  C CD2 . PHE A 1 65  ? 10.275  -16.638 -14.145 1.00 14.47 ? 69  PHE A CD2 1 
ATOM   501  C CE1 . PHE A 1 65  ? 10.677  -14.658 -12.102 1.00 13.52 ? 69  PHE A CE1 1 
ATOM   502  C CE2 . PHE A 1 65  ? 11.520  -16.413 -13.577 1.00 14.95 ? 69  PHE A CE2 1 
ATOM   503  C CZ  . PHE A 1 65  ? 11.718  -15.449 -12.573 1.00 19.09 ? 69  PHE A CZ  1 
ATOM   504  N N   . LYS A 1 66  ? 4.675   -17.321 -13.739 1.00 17.66 ? 70  LYS A N   1 
ATOM   505  C CA  . LYS A 1 66  ? 3.326   -17.261 -14.265 1.00 18.61 ? 70  LYS A CA  1 
ATOM   506  C C   . LYS A 1 66  ? 2.357   -16.986 -13.104 1.00 17.76 ? 70  LYS A C   1 
ATOM   507  O O   . LYS A 1 66  ? 1.353   -16.284 -13.297 1.00 19.25 ? 70  LYS A O   1 
ATOM   508  C CB  . LYS A 1 66  ? 3.085   -18.580 -14.995 1.00 21.03 ? 70  LYS A CB  1 
ATOM   509  C CG  . LYS A 1 66  ? 1.805   -19.362 -14.771 1.00 31.00 ? 70  LYS A CG  1 
ATOM   510  C CD  . LYS A 1 66  ? 1.680   -20.165 -13.420 1.00 34.94 ? 70  LYS A CD  1 
ATOM   511  C CE  . LYS A 1 66  ? 0.262   -20.821 -13.318 1.00 35.85 ? 70  LYS A CE  1 
ATOM   512  N NZ  . LYS A 1 66  ? -0.279  -20.777 -11.978 1.00 29.54 ? 70  LYS A NZ  1 
ATOM   513  N N   . ASN A 1 67  ? 2.666   -17.526 -11.915 1.00 13.39 ? 71  ASN A N   1 
ATOM   514  C CA  . ASN A 1 67  ? 1.964   -17.290 -10.645 1.00 11.50 ? 71  ASN A CA  1 
ATOM   515  C C   . ASN A 1 67  ? 1.964   -15.802 -10.284 1.00 12.58 ? 71  ASN A C   1 
ATOM   516  O O   . ASN A 1 67  ? 0.898   -15.227 -10.068 1.00 8.49  ? 71  ASN A O   1 
ATOM   517  C CB  . ASN A 1 67  ? 2.609   -17.979 -9.442  1.00 2.03  ? 71  ASN A CB  1 
ATOM   518  C CG  . ASN A 1 67  ? 2.117   -19.386 -9.269  1.00 3.11  ? 71  ASN A CG  1 
ATOM   519  O OD1 . ASN A 1 67  ? 1.434   -19.971 -10.110 1.00 4.27  ? 71  ASN A OD1 1 
ATOM   520  N ND2 . ASN A 1 67  ? 2.457   -20.020 -8.174  1.00 2.65  ? 71  ASN A ND2 1 
ATOM   521  N N   . LEU A 1 68  ? 3.188   -15.253 -10.244 1.00 12.57 ? 72  LEU A N   1 
ATOM   522  C CA  . LEU A 1 68  ? 3.521   -13.881 -9.912  1.00 17.29 ? 72  LEU A CA  1 
ATOM   523  C C   . LEU A 1 68  ? 2.792   -12.990 -10.913 1.00 18.97 ? 72  LEU A C   1 
ATOM   524  O O   . LEU A 1 68  ? 2.329   -11.934 -10.554 1.00 18.03 ? 72  LEU A O   1 
ATOM   525  C CB  . LEU A 1 68  ? 5.054   -13.738 -9.980  1.00 14.21 ? 72  LEU A CB  1 
ATOM   526  C CG  . LEU A 1 68  ? 5.953   -13.292 -8.828  1.00 17.41 ? 72  LEU A CG  1 
ATOM   527  C CD1 . LEU A 1 68  ? 5.356   -13.613 -7.484  1.00 10.75 ? 72  LEU A CD1 1 
ATOM   528  C CD2 . LEU A 1 68  ? 7.284   -13.985 -8.962  1.00 10.99 ? 72  LEU A CD2 1 
ATOM   529  N N   . SER A 1 69  ? 2.555   -13.377 -12.146 1.00 20.68 ? 73  SER A N   1 
ATOM   530  C CA  . SER A 1 69  ? 1.784   -12.567 -13.059 1.00 22.71 ? 73  SER A CA  1 
ATOM   531  C C   . SER A 1 69  ? 0.334   -12.578 -12.568 1.00 25.18 ? 73  SER A C   1 
ATOM   532  O O   . SER A 1 69  ? -0.415  -11.604 -12.682 1.00 25.35 ? 73  SER A O   1 
ATOM   533  C CB  . SER A 1 69  ? 1.923   -13.195 -14.431 1.00 23.82 ? 73  SER A CB  1 
ATOM   534  O OG  . SER A 1 69  ? 1.354   -12.592 -15.589 1.00 27.88 ? 73  SER A OG  1 
ATOM   535  N N   . LEU A 1 70  ? -0.135  -13.699 -12.035 1.00 24.14 ? 74  LEU A N   1 
ATOM   536  C CA  . LEU A 1 70  ? -1.509  -13.788 -11.596 1.00 20.47 ? 74  LEU A CA  1 
ATOM   537  C C   . LEU A 1 70  ? -1.707  -12.954 -10.340 1.00 19.42 ? 74  LEU A C   1 
ATOM   538  O O   . LEU A 1 70  ? -2.655  -12.176 -10.244 1.00 18.97 ? 74  LEU A O   1 
ATOM   539  C CB  . LEU A 1 70  ? -1.800  -15.249 -11.383 1.00 18.98 ? 74  LEU A CB  1 
ATOM   540  C CG  . LEU A 1 70  ? -2.693  -15.992 -12.396 1.00 18.37 ? 74  LEU A CG  1 
ATOM   541  C CD1 . LEU A 1 70  ? -2.960  -15.202 -13.673 1.00 15.41 ? 74  LEU A CD1 1 
ATOM   542  C CD2 . LEU A 1 70  ? -1.994  -17.300 -12.666 1.00 17.20 ? 74  LEU A CD2 1 
ATOM   543  N N   . ILE A 1 71  ? -0.784  -13.028 -9.400  1.00 14.91 ? 75  ILE A N   1 
ATOM   544  C CA  . ILE A 1 71  ? -0.903  -12.270 -8.183  1.00 16.53 ? 75  ILE A CA  1 
ATOM   545  C C   . ILE A 1 71  ? -0.912  -10.757 -8.416  1.00 20.15 ? 75  ILE A C   1 
ATOM   546  O O   . ILE A 1 71  ? -1.551  -9.979  -7.688  1.00 26.95 ? 75  ILE A O   1 
ATOM   547  C CB  . ILE A 1 71  ? 0.228   -12.720 -7.280  1.00 10.07 ? 75  ILE A CB  1 
ATOM   548  C CG1 . ILE A 1 71  ? -0.127  -14.077 -6.724  1.00 8.92  ? 75  ILE A CG1 1 
ATOM   549  C CG2 . ILE A 1 71  ? 0.455   -11.707 -6.183  1.00 10.27 ? 75  ILE A CG2 1 
ATOM   550  C CD1 . ILE A 1 71  ? 0.963   -14.585 -5.767  1.00 9.69  ? 75  ILE A CD1 1 
ATOM   551  N N   . LYS A 1 72  ? -0.242  -10.321 -9.461  1.00 21.23 ? 76  LYS A N   1 
ATOM   552  C CA  . LYS A 1 72  ? -0.181  -8.935  -9.839  1.00 20.73 ? 76  LYS A CA  1 
ATOM   553  C C   . LYS A 1 72  ? -1.532  -8.600  -10.441 1.00 21.77 ? 76  LYS A C   1 
ATOM   554  O O   . LYS A 1 72  ? -2.051  -7.564  -10.101 1.00 26.45 ? 76  LYS A O   1 
ATOM   555  C CB  . LYS A 1 72  ? 0.912   -8.740  -10.850 1.00 20.17 ? 76  LYS A CB  1 
ATOM   556  C CG  . LYS A 1 72  ? 1.237   -7.323  -11.150 1.00 22.26 ? 76  LYS A CG  1 
ATOM   557  C CD  . LYS A 1 72  ? 0.603   -6.871  -12.425 1.00 25.95 ? 76  LYS A CD  1 
ATOM   558  C CE  . LYS A 1 72  ? 1.102   -5.432  -12.553 1.00 32.52 ? 76  LYS A CE  1 
ATOM   559  N NZ  . LYS A 1 72  ? 0.631   -4.847  -13.798 1.00 32.80 ? 76  LYS A NZ  1 
ATOM   560  N N   . LYS A 1 73  ? -2.187  -9.359  -11.296 1.00 20.66 ? 77  LYS A N   1 
ATOM   561  C CA  . LYS A 1 73  ? -3.486  -9.037  -11.824 1.00 21.03 ? 77  LYS A CA  1 
ATOM   562  C C   . LYS A 1 73  ? -4.477  -9.012  -10.639 1.00 22.91 ? 77  LYS A C   1 
ATOM   563  O O   . LYS A 1 73  ? -5.503  -8.324  -10.704 1.00 19.01 ? 77  LYS A O   1 
ATOM   564  C CB  . LYS A 1 73  ? -3.898  -10.110 -12.829 1.00 25.42 ? 77  LYS A CB  1 
ATOM   565  C CG  . LYS A 1 73  ? -5.020  -9.702  -13.752 1.00 29.86 ? 77  LYS A CG  1 
ATOM   566  C CD  . LYS A 1 73  ? -5.787  -10.917 -14.255 1.00 38.01 ? 77  LYS A CD  1 
ATOM   567  C CE  . LYS A 1 73  ? -6.848  -10.359 -15.235 1.00 45.10 ? 77  LYS A CE  1 
ATOM   568  N NZ  . LYS A 1 73  ? -7.489  -11.371 -16.076 1.00 49.31 ? 77  LYS A NZ  1 
ATOM   569  N N   . TYR A 1 74  ? -4.225  -9.750  -9.538  1.00 22.56 ? 78  TYR A N   1 
ATOM   570  C CA  . TYR A 1 74  ? -5.092  -9.672  -8.373  1.00 23.15 ? 78  TYR A CA  1 
ATOM   571  C C   . TYR A 1 74  ? -4.947  -8.284  -7.693  1.00 23.36 ? 78  TYR A C   1 
ATOM   572  O O   . TYR A 1 74  ? -5.978  -7.612  -7.509  1.00 23.94 ? 78  TYR A O   1 
ATOM   573  C CB  . TYR A 1 74  ? -4.743  -10.796 -7.372  1.00 21.65 ? 78  TYR A CB  1 
ATOM   574  C CG  . TYR A 1 74  ? -5.465  -10.635 -6.020  1.00 19.56 ? 78  TYR A CG  1 
ATOM   575  C CD1 . TYR A 1 74  ? -6.810  -10.859 -5.996  1.00 16.09 ? 78  TYR A CD1 1 
ATOM   576  C CD2 . TYR A 1 74  ? -4.749  -10.265 -4.862  1.00 19.53 ? 78  TYR A CD2 1 
ATOM   577  C CE1 . TYR A 1 74  ? -7.450  -10.715 -4.808  1.00 18.68 ? 78  TYR A CE1 1 
ATOM   578  C CE2 . TYR A 1 74  ? -5.379  -10.125 -3.658  1.00 14.13 ? 78  TYR A CE2 1 
ATOM   579  C CZ  . TYR A 1 74  ? -6.731  -10.365 -3.685  1.00 19.38 ? 78  TYR A CZ  1 
ATOM   580  O OH  . TYR A 1 74  ? -7.448  -10.287 -2.525  1.00 25.01 ? 78  TYR A OH  1 
ATOM   581  N N   . ILE A 1 75  ? -3.733  -7.880  -7.261  1.00 18.01 ? 79  ILE A N   1 
ATOM   582  C CA  . ILE A 1 75  ? -3.476  -6.558  -6.744  1.00 16.35 ? 79  ILE A CA  1 
ATOM   583  C C   . ILE A 1 75  ? -4.021  -5.515  -7.698  1.00 19.64 ? 79  ILE A C   1 
ATOM   584  O O   . ILE A 1 75  ? -4.745  -4.647  -7.242  1.00 25.99 ? 79  ILE A O   1 
ATOM   585  C CB  . ILE A 1 75  ? -1.988  -6.360  -6.551  1.00 12.79 ? 79  ILE A CB  1 
ATOM   586  C CG1 . ILE A 1 75  ? -1.629  -7.211  -5.404  1.00 7.70  ? 79  ILE A CG1 1 
ATOM   587  C CG2 . ILE A 1 75  ? -1.596  -4.921  -6.271  1.00 9.92  ? 79  ILE A CG2 1 
ATOM   588  C CD1 . ILE A 1 75  ? -0.153  -7.466  -5.353  1.00 12.46 ? 79  ILE A CD1 1 
ATOM   589  N N   . ASP A 1 76  ? -3.824  -5.502  -8.995  1.00 21.82 ? 80  ASP A N   1 
ATOM   590  C CA  . ASP A 1 76  ? -4.397  -4.509  -9.875  1.00 21.87 ? 80  ASP A CA  1 
ATOM   591  C C   . ASP A 1 76  ? -5.881  -4.532  -9.824  1.00 23.87 ? 80  ASP A C   1 
ATOM   592  O O   . ASP A 1 76  ? -6.466  -3.582  -10.337 1.00 27.74 ? 80  ASP A O   1 
ATOM   593  C CB  . ASP A 1 76  ? -4.063  -4.723  -11.326 1.00 21.39 ? 80  ASP A CB  1 
ATOM   594  C CG  . ASP A 1 76  ? -2.596  -4.497  -11.657 1.00 26.58 ? 80  ASP A CG  1 
ATOM   595  O OD1 . ASP A 1 76  ? -1.846  -3.928  -10.841 1.00 23.66 ? 80  ASP A OD1 1 
ATOM   596  O OD2 . ASP A 1 76  ? -2.224  -4.915  -12.765 1.00 32.56 ? 80  ASP A OD2 1 
ATOM   597  N N   . GLY A 1 77  ? -6.501  -5.580  -9.290  1.00 20.65 ? 81  GLY A N   1 
ATOM   598  C CA  . GLY A 1 77  ? -7.943  -5.591  -9.165  1.00 22.12 ? 81  GLY A CA  1 
ATOM   599  C C   . GLY A 1 77  ? -8.380  -4.820  -7.909  1.00 22.51 ? 81  GLY A C   1 
ATOM   600  O O   . GLY A 1 77  ? -9.283  -3.977  -7.942  1.00 23.22 ? 81  GLY A O   1 
ATOM   601  N N   . GLN A 1 78  ? -7.698  -5.112  -6.796  1.00 21.59 ? 82  GLN A N   1 
ATOM   602  C CA  . GLN A 1 78  ? -7.903  -4.508  -5.500  1.00 19.34 ? 82  GLN A CA  1 
ATOM   603  C C   . GLN A 1 78  ? -7.712  -3.033  -5.645  1.00 20.77 ? 82  GLN A C   1 
ATOM   604  O O   . GLN A 1 78  ? -8.506  -2.256  -5.117  1.00 23.90 ? 82  GLN A O   1 
ATOM   605  C CB  . GLN A 1 78  ? -6.895  -4.974  -4.460  1.00 17.13 ? 82  GLN A CB  1 
ATOM   606  C CG  . GLN A 1 78  ? -6.956  -6.402  -3.951  1.00 12.70 ? 82  GLN A CG  1 
ATOM   607  C CD  . GLN A 1 78  ? -8.210  -6.711  -3.174  1.00 19.60 ? 82  GLN A CD  1 
ATOM   608  O OE1 . GLN A 1 78  ? -9.324  -6.708  -3.690  1.00 17.12 ? 82  GLN A OE1 1 
ATOM   609  N NE2 . GLN A 1 78  ? -8.069  -6.981  -1.883  1.00 21.27 ? 82  GLN A NE2 1 
ATOM   610  N N   . LYS A 1 79  ? -6.665  -2.633  -6.355  1.00 21.88 ? 83  LYS A N   1 
ATOM   611  C CA  . LYS A 1 79  ? -6.418  -1.235  -6.565  1.00 20.74 ? 83  LYS A CA  1 
ATOM   612  C C   . LYS A 1 79  ? -7.500  -0.507  -7.307  1.00 21.90 ? 83  LYS A C   1 
ATOM   613  O O   . LYS A 1 79  ? -7.794  0.573   -6.817  1.00 26.18 ? 83  LYS A O   1 
ATOM   614  C CB  . LYS A 1 79  ? -5.188  -0.966  -7.326  1.00 19.84 ? 83  LYS A CB  1 
ATOM   615  C CG  . LYS A 1 79  ? -4.023  -0.994  -6.424  1.00 20.07 ? 83  LYS A CG  1 
ATOM   616  C CD  . LYS A 1 79  ? -3.296  0.110   -7.121  1.00 27.00 ? 83  LYS A CD  1 
ATOM   617  C CE  . LYS A 1 79  ? -2.260  -0.375  -8.129  1.00 29.88 ? 83  LYS A CE  1 
ATOM   618  N NZ  . LYS A 1 79  ? -1.122  -0.938  -7.419  1.00 34.31 ? 83  LYS A NZ  1 
ATOM   619  N N   . LYS A 1 80  ? -8.143  -0.914  -8.399  1.00 18.52 ? 84  LYS A N   1 
ATOM   620  C CA  . LYS A 1 80  ? -9.177  -0.078  -8.944  1.00 19.56 ? 84  LYS A CA  1 
ATOM   621  C C   . LYS A 1 80  ? -10.440 -0.215  -8.124  1.00 23.54 ? 84  LYS A C   1 
ATOM   622  O O   . LYS A 1 80  ? -11.375 0.568   -8.298  1.00 26.30 ? 84  LYS A O   1 
ATOM   623  C CB  . LYS A 1 80  ? -9.507  -0.400  -10.374 1.00 19.40 ? 84  LYS A CB  1 
ATOM   624  C CG  . LYS A 1 80  ? -9.981  -1.788  -10.716 1.00 24.93 ? 84  LYS A CG  1 
ATOM   625  C CD  . LYS A 1 80  ? -10.188 -1.850  -12.238 1.00 27.40 ? 84  LYS A CD  1 
ATOM   626  C CE  . LYS A 1 80  ? -8.986  -1.481  -13.136 1.00 27.60 ? 84  LYS A CE  1 
ATOM   627  N NZ  . LYS A 1 80  ? -7.714  -2.112  -12.795 1.00 29.47 ? 84  LYS A NZ  1 
ATOM   628  N N   . LYS A 1 81  ? -10.489 -1.178  -7.189  1.00 24.56 ? 85  LYS A N   1 
ATOM   629  C CA  . LYS A 1 81  ? -11.585 -1.248  -6.245  1.00 26.70 ? 85  LYS A CA  1 
ATOM   630  C C   . LYS A 1 81  ? -11.394 -0.092  -5.197  1.00 28.19 ? 85  LYS A C   1 
ATOM   631  O O   . LYS A 1 81  ? -12.248 0.139   -4.326  1.00 28.69 ? 85  LYS A O   1 
ATOM   632  C CB  . LYS A 1 81  ? -11.588 -2.621  -5.545  1.00 27.97 ? 85  LYS A CB  1 
ATOM   633  C CG  . LYS A 1 81  ? -11.954 -3.894  -6.313  1.00 33.61 ? 85  LYS A CG  1 
ATOM   634  C CD  . LYS A 1 81  ? -13.398 -3.932  -6.795  1.00 38.61 ? 85  LYS A CD  1 
ATOM   635  C CE  . LYS A 1 81  ? -14.031 -5.364  -6.811  1.00 43.14 ? 85  LYS A CE  1 
ATOM   636  N NZ  . LYS A 1 81  ? -14.244 -5.968  -5.488  1.00 44.30 ? 85  LYS A NZ  1 
ATOM   637  N N   . CYS A 1 82  ? -10.293 0.678   -5.198  1.00 24.31 ? 86  CYS A N   1 
ATOM   638  C CA  . CYS A 1 82  ? -10.123 1.761   -4.277  1.00 23.81 ? 86  CYS A CA  1 
ATOM   639  C C   . CYS A 1 82  ? -10.946 2.987   -4.601  1.00 24.04 ? 86  CYS A C   1 
ATOM   640  O O   . CYS A 1 82  ? -10.948 3.878   -3.764  1.00 24.70 ? 86  CYS A O   1 
ATOM   641  C CB  . CYS A 1 82  ? -8.740  2.259   -4.233  1.00 21.82 ? 86  CYS A CB  1 
ATOM   642  S SG  . CYS A 1 82  ? -7.531  1.155   -3.592  1.00 19.29 ? 86  CYS A SG  1 
ATOM   643  N N   . GLY A 1 83  ? -11.635 3.106   -5.738  1.00 22.64 ? 87  GLY A N   1 
ATOM   644  C CA  . GLY A 1 83  ? -12.270 4.357   -6.064  1.00 21.92 ? 87  GLY A CA  1 
ATOM   645  C C   . GLY A 1 83  ? -13.443 4.185   -6.992  1.00 24.00 ? 87  GLY A C   1 
ATOM   646  O O   . GLY A 1 83  ? -13.727 5.036   -7.824  1.00 24.25 ? 87  GLY A O   1 
ATOM   647  N N   . GLU A 1 84  ? -14.205 3.126   -6.835  1.00 26.92 ? 88  GLU A N   1 
ATOM   648  C CA  . GLU A 1 84  ? -15.303 2.937   -7.759  1.00 29.50 ? 88  GLU A CA  1 
ATOM   649  C C   . GLU A 1 84  ? -16.674 3.229   -7.192  1.00 30.89 ? 88  GLU A C   1 
ATOM   650  O O   . GLU A 1 84  ? -17.686 3.320   -7.898  1.00 33.71 ? 88  GLU A O   1 
ATOM   651  C CB  . GLU A 1 84  ? -15.279 1.528   -8.277  1.00 32.27 ? 88  GLU A CB  1 
ATOM   652  C CG  . GLU A 1 84  ? -15.081 0.474   -7.219  1.00 37.19 ? 88  GLU A CG  1 
ATOM   653  C CD  . GLU A 1 84  ? -15.326 -0.889  -7.817  1.00 41.01 ? 88  GLU A CD  1 
ATOM   654  O OE1 . GLU A 1 84  ? -14.720 -1.182  -8.859  1.00 43.53 ? 88  GLU A OE1 1 
ATOM   655  O OE2 . GLU A 1 84  ? -16.126 -1.631  -7.234  1.00 40.08 ? 88  GLU A OE2 1 
ATOM   656  N N   . GLU A 1 85  ? -16.755 3.322   -5.878  1.00 31.34 ? 89  GLU A N   1 
ATOM   657  C CA  . GLU A 1 85  ? -17.992 3.738   -5.251  1.00 27.73 ? 89  GLU A CA  1 
ATOM   658  C C   . GLU A 1 85  ? -17.714 5.121   -4.748  1.00 24.44 ? 89  GLU A C   1 
ATOM   659  O O   . GLU A 1 85  ? -16.727 5.365   -4.044  1.00 22.59 ? 89  GLU A O   1 
ATOM   660  C CB  . GLU A 1 85  ? -18.345 2.850   -4.077  1.00 30.50 ? 89  GLU A CB  1 
ATOM   661  C CG  . GLU A 1 85  ? -18.754 1.443   -4.494  1.00 31.93 ? 89  GLU A CG  1 
ATOM   662  C CD  . GLU A 1 85  ? -19.683 0.829   -3.463  1.00 33.55 ? 89  GLU A CD  1 
ATOM   663  O OE1 . GLU A 1 85  ? -19.212 0.476   -2.372  1.00 33.90 ? 89  GLU A OE1 1 
ATOM   664  O OE2 . GLU A 1 85  ? -20.875 0.735   -3.766  1.00 31.68 ? 89  GLU A OE2 1 
ATOM   665  N N   . ARG A 1 86  ? -18.526 6.037   -5.231  1.00 24.35 ? 90  ARG A N   1 
ATOM   666  C CA  . ARG A 1 86  ? -18.515 7.392   -4.704  1.00 26.07 ? 90  ARG A CA  1 
ATOM   667  C C   . ARG A 1 86  ? -19.650 7.442   -3.655  1.00 26.86 ? 90  ARG A C   1 
ATOM   668  O O   . ARG A 1 86  ? -20.828 7.278   -4.003  1.00 23.55 ? 90  ARG A O   1 
ATOM   669  C CB  . ARG A 1 86  ? -18.801 8.363   -5.804  1.00 24.17 ? 90  ARG A CB  1 
ATOM   670  C CG  . ARG A 1 86  ? -17.530 8.945   -6.343  1.00 28.89 ? 90  ARG A CG  1 
ATOM   671  C CD  . ARG A 1 86  ? -17.803 10.295  -7.022  1.00 35.60 ? 90  ARG A CD  1 
ATOM   672  N NE  . ARG A 1 86  ? -18.054 10.131  -8.435  1.00 40.95 ? 90  ARG A NE  1 
ATOM   673  C CZ  . ARG A 1 86  ? -19.214 9.710   -8.963  1.00 43.35 ? 90  ARG A CZ  1 
ATOM   674  N NH1 . ARG A 1 86  ? -20.287 9.408   -8.223  1.00 42.50 ? 90  ARG A NH1 1 
ATOM   675  N NH2 . ARG A 1 86  ? -19.259 9.536   -10.293 1.00 44.25 ? 90  ARG A NH2 1 
ATOM   676  N N   . ARG A 1 87  ? -19.374 7.627   -2.356  1.00 27.30 ? 91  ARG A N   1 
ATOM   677  C CA  . ARG A 1 87  ? -20.445 7.688   -1.380  1.00 26.09 ? 91  ARG A CA  1 
ATOM   678  C C   . ARG A 1 87  ? -20.311 8.875   -0.425  1.00 25.47 ? 91  ARG A C   1 
ATOM   679  O O   . ARG A 1 87  ? -19.396 9.700   -0.593  1.00 23.94 ? 91  ARG A O   1 
ATOM   680  C CB  . ARG A 1 87  ? -20.476 6.367   -0.655  1.00 25.89 ? 91  ARG A CB  1 
ATOM   681  C CG  . ARG A 1 87  ? -19.202 5.961   -0.008  1.00 27.85 ? 91  ARG A CG  1 
ATOM   682  C CD  . ARG A 1 87  ? -19.277 4.500   0.411   1.00 32.70 ? 91  ARG A CD  1 
ATOM   683  N NE  . ARG A 1 87  ? -20.035 3.646   -0.497  1.00 41.38 ? 91  ARG A NE  1 
ATOM   684  C CZ  . ARG A 1 87  ? -20.732 2.579   -0.026  1.00 45.60 ? 91  ARG A CZ  1 
ATOM   685  N NH1 . ARG A 1 87  ? -20.746 2.244   1.282   1.00 45.20 ? 91  ARG A NH1 1 
ATOM   686  N NH2 . ARG A 1 87  ? -21.488 1.859   -0.863  1.00 43.83 ? 91  ARG A NH2 1 
ATOM   687  N N   . ARG A 1 88  ? -21.202 9.031   0.567   1.00 21.69 ? 92  ARG A N   1 
ATOM   688  C CA  . ARG A 1 88  ? -21.272 10.293  1.296   1.00 17.85 ? 92  ARG A CA  1 
ATOM   689  C C   . ARG A 1 88  ? -20.122 10.496  2.240   1.00 15.51 ? 92  ARG A C   1 
ATOM   690  O O   . ARG A 1 88  ? -19.423 9.564   2.667   1.00 17.80 ? 92  ARG A O   1 
ATOM   691  C CB  . ARG A 1 88  ? -22.628 10.349  2.041   1.00 17.07 ? 92  ARG A CB  1 
ATOM   692  C CG  . ARG A 1 88  ? -23.805 10.631  1.110   1.00 18.54 ? 92  ARG A CG  1 
ATOM   693  C CD  . ARG A 1 88  ? -25.070 9.747   1.301   1.00 19.98 ? 92  ARG A CD  1 
ATOM   694  N NE  . ARG A 1 88  ? -25.373 9.442   2.693   1.00 21.98 ? 92  ARG A NE  1 
ATOM   695  C CZ  . ARG A 1 88  ? -25.781 8.239   3.095   1.00 21.97 ? 92  ARG A CZ  1 
ATOM   696  N NH1 . ARG A 1 88  ? -25.974 7.241   2.249   1.00 23.44 ? 92  ARG A NH1 1 
ATOM   697  N NH2 . ARG A 1 88  ? -25.839 7.940   4.384   1.00 25.03 ? 92  ARG A NH2 1 
ATOM   698  N N   . VAL A 1 89  ? -20.007 11.746  2.655   1.00 15.58 ? 93  VAL A N   1 
ATOM   699  C CA  . VAL A 1 89  ? -18.925 12.259  3.498   1.00 11.65 ? 93  VAL A CA  1 
ATOM   700  C C   . VAL A 1 89  ? -18.772 11.535  4.809   1.00 11.94 ? 93  VAL A C   1 
ATOM   701  O O   . VAL A 1 89  ? -17.647 11.211  5.176   1.00 11.23 ? 93  VAL A O   1 
ATOM   702  C CB  . VAL A 1 89  ? -19.135 13.824  3.753   1.00 11.29 ? 93  VAL A CB  1 
ATOM   703  C CG1 . VAL A 1 89  ? -18.014 14.444  4.561   1.00 5.57  ? 93  VAL A CG1 1 
ATOM   704  C CG2 . VAL A 1 89  ? -19.048 14.557  2.454   1.00 7.26  ? 93  VAL A CG2 1 
ATOM   705  N N   . ASN A 1 90  ? -19.815 11.263  5.609   1.00 15.07 ? 94  ASN A N   1 
ATOM   706  C CA  . ASN A 1 90  ? -19.589 10.520  6.867   1.00 14.02 ? 94  ASN A CA  1 
ATOM   707  C C   . ASN A 1 90  ? -19.083 9.097   6.606   1.00 13.02 ? 94  ASN A C   1 
ATOM   708  O O   . ASN A 1 90  ? -18.338 8.512   7.406   1.00 13.85 ? 94  ASN A O   1 
ATOM   709  C CB  . ASN A 1 90  ? -20.829 10.393  7.660   1.00 11.99 ? 94  ASN A CB  1 
ATOM   710  C CG  . ASN A 1 90  ? -21.988 9.869   6.852   1.00 13.56 ? 94  ASN A CG  1 
ATOM   711  O OD1 . ASN A 1 90  ? -22.402 10.630  5.979   1.00 15.01 ? 94  ASN A OD1 1 
ATOM   712  N ND2 . ASN A 1 90  ? -22.555 8.693   7.030   1.00 7.68  ? 94  ASN A ND2 1 
ATOM   713  N N   . GLN A 1 91  ? -19.453 8.514   5.468   1.00 13.31 ? 95  GLN A N   1 
ATOM   714  C CA  . GLN A 1 91  ? -18.966 7.191   5.096   1.00 9.83  ? 95  GLN A CA  1 
ATOM   715  C C   . GLN A 1 91  ? -17.523 7.378   4.704   1.00 13.24 ? 95  GLN A C   1 
ATOM   716  O O   . GLN A 1 91  ? -16.722 6.629   5.250   1.00 14.56 ? 95  GLN A O   1 
ATOM   717  C CB  . GLN A 1 91  ? -19.759 6.675   3.961   1.00 9.63  ? 95  GLN A CB  1 
ATOM   718  C CG  . GLN A 1 91  ? -21.139 6.295   4.464   1.00 5.14  ? 95  GLN A CG  1 
ATOM   719  C CD  . GLN A 1 91  ? -21.966 5.721   3.355   1.00 9.76  ? 95  GLN A CD  1 
ATOM   720  O OE1 . GLN A 1 91  ? -21.832 6.120   2.208   1.00 11.16 ? 95  GLN A OE1 1 
ATOM   721  N NE2 . GLN A 1 91  ? -22.831 4.779   3.602   1.00 11.42 ? 95  GLN A NE2 1 
ATOM   722  N N   . PHE A 1 92  ? -17.103 8.343   3.865   1.00 14.12 ? 96  PHE A N   1 
ATOM   723  C CA  . PHE A 1 92  ? -15.675 8.602   3.690   1.00 13.91 ? 96  PHE A CA  1 
ATOM   724  C C   . PHE A 1 92  ? -14.997 8.758   5.034   1.00 15.26 ? 96  PHE A C   1 
ATOM   725  O O   . PHE A 1 92  ? -13.965 8.094   5.207   1.00 21.73 ? 96  PHE A O   1 
ATOM   726  C CB  . PHE A 1 92  ? -15.377 9.882   2.896   1.00 13.90 ? 96  PHE A CB  1 
ATOM   727  C CG  . PHE A 1 92  ? -13.882 10.170  2.706   1.00 18.84 ? 96  PHE A CG  1 
ATOM   728  C CD1 . PHE A 1 92  ? -13.064 9.312   1.973   1.00 18.69 ? 96  PHE A CD1 1 
ATOM   729  C CD2 . PHE A 1 92  ? -13.297 11.247  3.317   1.00 17.89 ? 96  PHE A CD2 1 
ATOM   730  C CE1 . PHE A 1 92  ? -11.700 9.524   1.867   1.00 14.34 ? 96  PHE A CE1 1 
ATOM   731  C CE2 . PHE A 1 92  ? -11.933 11.441  3.207   1.00 18.61 ? 96  PHE A CE2 1 
ATOM   732  C CZ  . PHE A 1 92  ? -11.123 10.591  2.493   1.00 12.45 ? 96  PHE A CZ  1 
ATOM   733  N N   . LEU A 1 93  ? -15.498 9.497   6.034   1.00 14.60 ? 97  LEU A N   1 
ATOM   734  C CA  . LEU A 1 93  ? -14.770 9.642   7.302   1.00 12.74 ? 97  LEU A CA  1 
ATOM   735  C C   . LEU A 1 93  ? -14.598 8.347   8.066   1.00 11.04 ? 97  LEU A C   1 
ATOM   736  O O   . LEU A 1 93  ? -13.592 8.073   8.717   1.00 12.54 ? 97  LEU A O   1 
ATOM   737  C CB  . LEU A 1 93  ? -15.476 10.697  8.229   1.00 13.98 ? 97  LEU A CB  1 
ATOM   738  C CG  . LEU A 1 93  ? -15.347 12.253  8.118   1.00 9.46  ? 97  LEU A CG  1 
ATOM   739  C CD1 . LEU A 1 93  ? -13.927 12.661  8.039   1.00 7.13  ? 97  LEU A CD1 1 
ATOM   740  C CD2 . LEU A 1 93  ? -15.942 12.766  6.870   1.00 10.31 ? 97  LEU A CD2 1 
ATOM   741  N N   . ASP A 1 94  ? -15.550 7.455   7.995   1.00 13.75 ? 98  ASP A N   1 
ATOM   742  C CA  . ASP A 1 94  ? -15.404 6.165   8.670   1.00 15.61 ? 98  ASP A CA  1 
ATOM   743  C C   . ASP A 1 94  ? -14.239 5.346   8.121   1.00 15.00 ? 98  ASP A C   1 
ATOM   744  O O   . ASP A 1 94  ? -13.563 4.683   8.916   1.00 14.61 ? 98  ASP A O   1 
ATOM   745  C CB  . ASP A 1 94  ? -16.738 5.380   8.553   1.00 20.60 ? 98  ASP A CB  1 
ATOM   746  C CG  . ASP A 1 94  ? -17.937 5.950   9.339   1.00 20.16 ? 98  ASP A CG  1 
ATOM   747  O OD1 . ASP A 1 94  ? -17.763 6.409   10.473  1.00 22.50 ? 98  ASP A OD1 1 
ATOM   748  O OD2 . ASP A 1 94  ? -19.051 5.914   8.822   1.00 19.12 ? 98  ASP A OD2 1 
ATOM   749  N N   . TYR A 1 95  ? -13.928 5.442   6.809   1.00 14.10 ? 99  TYR A N   1 
ATOM   750  C CA  . TYR A 1 95  ? -12.777 4.772   6.262   1.00 16.45 ? 99  TYR A CA  1 
ATOM   751  C C   . TYR A 1 95  ? -11.525 5.424   6.797   1.00 18.14 ? 99  TYR A C   1 
ATOM   752  O O   . TYR A 1 95  ? -10.613 4.696   7.209   1.00 20.31 ? 99  TYR A O   1 
ATOM   753  C CB  . TYR A 1 95  ? -12.735 4.844   4.764   1.00 23.10 ? 99  TYR A CB  1 
ATOM   754  C CG  . TYR A 1 95  ? -11.802 3.780   4.140   1.00 34.25 ? 99  TYR A CG  1 
ATOM   755  C CD1 . TYR A 1 95  ? -12.336 2.515   3.878   1.00 36.82 ? 99  TYR A CD1 1 
ATOM   756  C CD2 . TYR A 1 95  ? -10.472 4.042   3.785   1.00 33.04 ? 99  TYR A CD2 1 
ATOM   757  C CE1 . TYR A 1 95  ? -11.582 1.532   3.271   1.00 35.61 ? 99  TYR A CE1 1 
ATOM   758  C CE2 . TYR A 1 95  ? -9.721  3.053   3.178   1.00 34.60 ? 99  TYR A CE2 1 
ATOM   759  C CZ  . TYR A 1 95  ? -10.284 1.806   2.929   1.00 35.28 ? 99  TYR A CZ  1 
ATOM   760  O OH  . TYR A 1 95  ? -9.546  0.793   2.331   1.00 32.73 ? 99  TYR A OH  1 
ATOM   761  N N   . LEU A 1 96  ? -11.458 6.768   6.827   1.00 18.97 ? 100 LEU A N   1 
ATOM   762  C CA  . LEU A 1 96  ? -10.333 7.509   7.411   1.00 19.76 ? 100 LEU A CA  1 
ATOM   763  C C   . LEU A 1 96  ? -10.013 7.199   8.863   1.00 19.58 ? 100 LEU A C   1 
ATOM   764  O O   . LEU A 1 96  ? -8.827  7.098   9.177   1.00 20.78 ? 100 LEU A O   1 
ATOM   765  C CB  . LEU A 1 96  ? -10.536 9.017   7.356   1.00 20.19 ? 100 LEU A CB  1 
ATOM   766  C CG  . LEU A 1 96  ? -9.527  9.849   6.624   1.00 19.46 ? 100 LEU A CG  1 
ATOM   767  C CD1 . LEU A 1 96  ? -10.017 11.271  6.680   1.00 20.22 ? 100 LEU A CD1 1 
ATOM   768  C CD2 . LEU A 1 96  ? -8.149  9.765   7.247   1.00 20.39 ? 100 LEU A CD2 1 
ATOM   769  N N   . GLN A 1 97  ? -10.923 7.065   9.824   1.00 21.87 ? 101 GLN A N   1 
ATOM   770  C CA  . GLN A 1 97  ? -10.519 6.686   11.191  1.00 24.99 ? 101 GLN A CA  1 
ATOM   771  C C   . GLN A 1 97  ? -9.928  5.271   11.155  1.00 26.31 ? 101 GLN A C   1 
ATOM   772  O O   . GLN A 1 97  ? -9.028  4.974   11.949  1.00 25.57 ? 101 GLN A O   1 
ATOM   773  C CB  . GLN A 1 97  ? -11.655 6.568   12.200  1.00 29.19 ? 101 GLN A CB  1 
ATOM   774  C CG  . GLN A 1 97  ? -12.692 7.646   12.381  1.00 39.30 ? 101 GLN A CG  1 
ATOM   775  C CD  . GLN A 1 97  ? -13.893 7.128   13.184  1.00 45.70 ? 101 GLN A CD  1 
ATOM   776  O OE1 . GLN A 1 97  ? -15.061 7.336   12.827  1.00 48.37 ? 101 GLN A OE1 1 
ATOM   777  N NE2 . GLN A 1 97  ? -13.671 6.393   14.285  1.00 47.89 ? 101 GLN A NE2 1 
ATOM   778  N N   . GLU A 1 98  ? -10.426 4.341   10.310  1.00 26.23 ? 102 GLU A N   1 
ATOM   779  C CA  . GLU A 1 98  ? -9.825  3.009   10.282  1.00 28.06 ? 102 GLU A CA  1 
ATOM   780  C C   . GLU A 1 98  ? -8.408  3.162   9.817   1.00 26.50 ? 102 GLU A C   1 
ATOM   781  O O   . GLU A 1 98  ? -7.518  2.623   10.479  1.00 25.71 ? 102 GLU A O   1 
ATOM   782  C CB  . GLU A 1 98  ? -10.412 2.018   9.300   1.00 30.63 ? 102 GLU A CB  1 
ATOM   783  C CG  . GLU A 1 98  ? -11.750 1.383   9.587   1.00 33.69 ? 102 GLU A CG  1 
ATOM   784  C CD  . GLU A 1 98  ? -12.309 0.888   8.254   1.00 42.05 ? 102 GLU A CD  1 
ATOM   785  O OE1 . GLU A 1 98  ? -11.683 0.010   7.621   1.00 43.15 ? 102 GLU A OE1 1 
ATOM   786  O OE2 . GLU A 1 98  ? -13.358 1.415   7.844   1.00 41.02 ? 102 GLU A OE2 1 
ATOM   787  N N   . PHE A 1 99  ? -8.222  3.901   8.711   1.00 24.55 ? 103 PHE A N   1 
ATOM   788  C CA  . PHE A 1 99  ? -6.903  4.157   8.135   1.00 25.05 ? 103 PHE A CA  1 
ATOM   789  C C   . PHE A 1 99  ? -5.909  4.683   9.155   1.00 24.90 ? 103 PHE A C   1 
ATOM   790  O O   . PHE A 1 99  ? -4.805  4.151   9.292   1.00 25.48 ? 103 PHE A O   1 
ATOM   791  C CB  . PHE A 1 99  ? -7.070  5.130   7.014   1.00 23.25 ? 103 PHE A CB  1 
ATOM   792  C CG  . PHE A 1 99  ? -5.777  5.348   6.296   1.00 29.12 ? 103 PHE A CG  1 
ATOM   793  C CD1 . PHE A 1 99  ? -5.427  4.510   5.269   1.00 32.24 ? 103 PHE A CD1 1 
ATOM   794  C CD2 . PHE A 1 99  ? -4.956  6.405   6.640   1.00 34.57 ? 103 PHE A CD2 1 
ATOM   795  C CE1 . PHE A 1 99  ? -4.248  4.726   4.577   1.00 36.42 ? 103 PHE A CE1 1 
ATOM   796  C CE2 . PHE A 1 99  ? -3.779  6.615   5.949   1.00 37.33 ? 103 PHE A CE2 1 
ATOM   797  C CZ  . PHE A 1 99  ? -3.422  5.774   4.911   1.00 36.53 ? 103 PHE A CZ  1 
ATOM   798  N N   . LEU A 1 100 ? -6.309  5.682   9.939   1.00 26.08 ? 104 LEU A N   1 
ATOM   799  C CA  . LEU A 1 100 ? -5.448  6.254   10.967  1.00 25.79 ? 104 LEU A CA  1 
ATOM   800  C C   . LEU A 1 100 ? -5.268  5.308   12.132  1.00 24.76 ? 104 LEU A C   1 
ATOM   801  O O   . LEU A 1 100 ? -4.175  5.259   12.694  1.00 24.95 ? 104 LEU A O   1 
ATOM   802  C CB  . LEU A 1 100 ? -6.035  7.615   11.402  1.00 25.71 ? 104 LEU A CB  1 
ATOM   803  C CG  . LEU A 1 100 ? -6.060  8.706   10.314  1.00 23.88 ? 104 LEU A CG  1 
ATOM   804  C CD1 . LEU A 1 100 ? -6.934  9.878   10.779  1.00 25.27 ? 104 LEU A CD1 1 
ATOM   805  C CD2 . LEU A 1 100 ? -4.623  9.136   10.002  1.00 20.51 ? 104 LEU A CD2 1 
ATOM   806  N N   . GLY A 1 101 ? -6.278  4.490   12.442  1.00 28.68 ? 105 GLY A N   1 
ATOM   807  C CA  . GLY A 1 101 ? -6.188  3.446   13.463  1.00 31.81 ? 105 GLY A CA  1 
ATOM   808  C C   . GLY A 1 101 ? -5.106  2.433   13.075  1.00 34.79 ? 105 GLY A C   1 
ATOM   809  O O   . GLY A 1 101 ? -4.153  2.194   13.818  1.00 33.73 ? 105 GLY A O   1 
ATOM   810  N N   . VAL A 1 102 ? -5.184  1.883   11.858  1.00 37.06 ? 106 VAL A N   1 
ATOM   811  C CA  . VAL A 1 102 ? -4.228  0.922   11.325  1.00 37.81 ? 106 VAL A CA  1 
ATOM   812  C C   . VAL A 1 102 ? -2.848  1.494   11.447  1.00 40.44 ? 106 VAL A C   1 
ATOM   813  O O   . VAL A 1 102 ? -1.995  0.750   11.917  1.00 41.82 ? 106 VAL A O   1 
ATOM   814  C CB  . VAL A 1 102 ? -4.573  0.618   9.842   1.00 39.79 ? 106 VAL A CB  1 
ATOM   815  C CG1 . VAL A 1 102 ? -3.419  0.538   8.864   1.00 39.49 ? 106 VAL A CG1 1 
ATOM   816  C CG2 . VAL A 1 102 ? -5.177  -0.746  9.876   1.00 40.30 ? 106 VAL A CG2 1 
ATOM   817  N N   . MET A 1 103 ? -2.655  2.795   11.121  1.00 41.77 ? 107 MET A N   1 
ATOM   818  C CA  . MET A 1 103 ? -1.336  3.415   11.108  1.00 41.16 ? 107 MET A CA  1 
ATOM   819  C C   . MET A 1 103 ? -0.613  3.411   12.423  1.00 42.99 ? 107 MET A C   1 
ATOM   820  O O   . MET A 1 103 ? 0.599   3.179   12.529  1.00 42.08 ? 107 MET A O   1 
ATOM   821  C CB  . MET A 1 103 ? -1.429  4.840   10.643  1.00 41.25 ? 107 MET A CB  1 
ATOM   822  C CG  . MET A 1 103 ? -1.488  4.837   9.137   1.00 39.18 ? 107 MET A CG  1 
ATOM   823  S SD  . MET A 1 103 ? -1.146  6.457   8.406   1.00 40.78 ? 107 MET A SD  1 
ATOM   824  C CE  . MET A 1 103 ? 0.387   6.830   9.209   1.00 38.45 ? 107 MET A CE  1 
ATOM   825  N N   . ASN A 1 104 ? -1.428  3.661   13.432  1.00 45.24 ? 108 ASN A N   1 
ATOM   826  C CA  . ASN A 1 104 ? -0.928  3.679   14.789  1.00 47.61 ? 108 ASN A CA  1 
ATOM   827  C C   . ASN A 1 104 ? -1.022  2.242   15.267  1.00 47.21 ? 108 ASN A C   1 
ATOM   828  O O   . ASN A 1 104 ? -0.052  1.490   15.172  1.00 43.24 ? 108 ASN A O   1 
ATOM   829  C CB  . ASN A 1 104 ? -1.815  4.649   15.600  1.00 50.68 ? 108 ASN A CB  1 
ATOM   830  C CG  . ASN A 1 104 ? -1.330  5.076   16.979  1.00 52.57 ? 108 ASN A CG  1 
ATOM   831  O OD1 . ASN A 1 104 ? -1.927  4.711   17.988  1.00 51.58 ? 108 ASN A OD1 1 
ATOM   832  N ND2 . ASN A 1 104 ? -0.291  5.902   17.094  1.00 53.74 ? 108 ASN A ND2 1 
ATOM   833  N N   . THR A 1 105 ? -2.247  1.827   15.623  1.00 51.37 ? 109 THR A N   1 
ATOM   834  C CA  . THR A 1 105 ? -2.548  0.547   16.245  1.00 54.50 ? 109 THR A CA  1 
ATOM   835  C C   . THR A 1 105 ? -2.460  -0.766  15.475  1.00 56.56 ? 109 THR A C   1 
ATOM   836  O O   . THR A 1 105 ? -2.903  -1.789  16.021  1.00 57.60 ? 109 THR A O   1 
ATOM   837  C CB  . THR A 1 105 ? -3.960  0.662   16.910  1.00 53.69 ? 109 THR A CB  1 
ATOM   838  O OG1 . THR A 1 105 ? -4.824  1.638   16.297  1.00 51.20 ? 109 THR A OG1 1 
ATOM   839  C CG2 . THR A 1 105 ? -3.691  0.988   18.368  1.00 53.07 ? 109 THR A CG2 1 
ATOM   840  N N   . GLU A 1 106 ? -1.860  -0.808  14.269  1.00 58.49 ? 110 GLU A N   1 
ATOM   841  C CA  . GLU A 1 106 ? -1.679  -2.044  13.494  1.00 58.01 ? 110 GLU A CA  1 
ATOM   842  C C   . GLU A 1 106 ? -0.684  -1.867  12.339  1.00 56.19 ? 110 GLU A C   1 
ATOM   843  O O   . GLU A 1 106 ? -0.833  -2.579  11.332  1.00 54.05 ? 110 GLU A O   1 
ATOM   844  C CB  . GLU A 1 106 ? -3.034  -2.536  12.894  1.00 59.18 ? 110 GLU A CB  1 
ATOM   845  C CG  . GLU A 1 106 ? -3.684  -3.800  13.504  1.00 58.11 ? 110 GLU A CG  1 
ATOM   846  C CD  . GLU A 1 106 ? -4.881  -3.535  14.424  1.00 57.16 ? 110 GLU A CD  1 
ATOM   847  O OE1 . GLU A 1 106 ? -5.790  -2.835  13.988  1.00 55.04 ? 110 GLU A OE1 1 
ATOM   848  O OE2 . GLU A 1 106 ? -4.912  -4.028  15.561  1.00 57.60 ? 110 GLU A OE2 1 
ATOM   849  N N   . TRP A 1 107 ? 0.327   -0.973  12.395  1.00 55.04 ? 111 TRP A N   1 
ATOM   850  C CA  . TRP A 1 107 ? 1.106   -0.824  11.177  1.00 55.00 ? 111 TRP A CA  1 
ATOM   851  C C   . TRP A 1 107 ? 2.258   -1.758  10.939  1.00 57.82 ? 111 TRP A C   1 
ATOM   852  O O   . TRP A 1 107 ? 3.033   -2.145  11.826  1.00 58.80 ? 111 TRP A O   1 
ATOM   853  C CB  . TRP A 1 107 ? 1.702   0.619   10.926  1.00 48.79 ? 111 TRP A CB  1 
ATOM   854  C CG  . TRP A 1 107 ? 1.153   1.154   9.569   1.00 45.19 ? 111 TRP A CG  1 
ATOM   855  C CD1 . TRP A 1 107 ? -0.088  0.731   9.138   1.00 45.03 ? 111 TRP A CD1 1 
ATOM   856  C CD2 . TRP A 1 107 ? 1.671   2.063   8.656   1.00 39.95 ? 111 TRP A CD2 1 
ATOM   857  N NE1 . TRP A 1 107 ? -0.366  1.343   8.013   1.00 43.97 ? 111 TRP A NE1 1 
ATOM   858  C CE2 . TRP A 1 107 ? 0.648   2.138   7.703   1.00 39.33 ? 111 TRP A CE2 1 
ATOM   859  C CE3 . TRP A 1 107 ? 2.779   2.838   8.450   1.00 36.93 ? 111 TRP A CE3 1 
ATOM   860  C CZ2 . TRP A 1 107 ? 0.645   2.921   6.571   1.00 35.24 ? 111 TRP A CZ2 1 
ATOM   861  C CZ3 . TRP A 1 107 ? 2.814   3.646   7.316   1.00 38.95 ? 111 TRP A CZ3 1 
ATOM   862  C CH2 . TRP A 1 107 ? 1.770   3.693   6.390   1.00 39.30 ? 111 TRP A CH2 1 
ATOM   863  N N   . ILE A 1 108 ? 2.024   -2.170  9.672   1.00 60.82 ? 112 ILE A N   1 
ATOM   864  C CA  . ILE A 1 108 ? 2.882   -2.913  8.736   1.00 61.31 ? 112 ILE A CA  1 
ATOM   865  C C   . ILE A 1 108 ? 3.647   -1.763  8.046   1.00 62.41 ? 112 ILE A C   1 
ATOM   866  O O   . ILE A 1 108 ? 4.864   -1.845  7.933   1.00 63.97 ? 112 ILE A O   1 
ATOM   867  C CB  . ILE A 1 108 ? 2.045   -3.775  7.648   1.00 59.27 ? 112 ILE A CB  1 
ATOM   868  C CG1 . ILE A 1 108 ? 2.752   -3.820  6.269   1.00 59.94 ? 112 ILE A CG1 1 
ATOM   869  C CG2 . ILE A 1 108 ? 0.667   -3.187  7.406   1.00 57.95 ? 112 ILE A CG2 1 
ATOM   870  C CD1 . ILE A 1 108 ? 3.863   -4.872  6.101   1.00 55.51 ? 112 ILE A CD1 1 
ATOM   871  O OXT . ILE A 1 108 ? 3.036   -0.766  7.650   1.00 62.54 ? 112 ILE A OXT 1 
ATOM   872  N N   . ILE B 1 1   ? 6.743   16.619  16.987  1.00 57.10 ? 5   ILE B N   1 
ATOM   873  C CA  . ILE B 1 1   ? 6.867   15.589  18.023  1.00 57.07 ? 5   ILE B CA  1 
ATOM   874  C C   . ILE B 1 1   ? 6.813   14.189  17.335  1.00 57.43 ? 5   ILE B C   1 
ATOM   875  O O   . ILE B 1 1   ? 6.790   14.160  16.087  1.00 57.83 ? 5   ILE B O   1 
ATOM   876  C CB  . ILE B 1 1   ? 5.707   15.786  19.108  1.00 56.41 ? 5   ILE B CB  1 
ATOM   877  C CG1 . ILE B 1 1   ? 4.386   16.308  18.480  1.00 56.47 ? 5   ILE B CG1 1 
ATOM   878  C CG2 . ILE B 1 1   ? 6.298   16.668  20.234  1.00 53.94 ? 5   ILE B CG2 1 
ATOM   879  C CD1 . ILE B 1 1   ? 3.100   16.141  19.339  1.00 55.21 ? 5   ILE B CD1 1 
ATOM   880  N N   . PRO B 1 2   ? 6.865   13.026  18.018  1.00 55.84 ? 6   PRO B N   1 
ATOM   881  C CA  . PRO B 1 2   ? 6.481   11.735  17.486  1.00 53.16 ? 6   PRO B CA  1 
ATOM   882  C C   . PRO B 1 2   ? 5.267   11.784  16.611  1.00 53.15 ? 6   PRO B C   1 
ATOM   883  O O   . PRO B 1 2   ? 4.178   12.168  17.061  1.00 51.90 ? 6   PRO B O   1 
ATOM   884  C CB  . PRO B 1 2   ? 6.263   10.890  18.694  1.00 52.62 ? 6   PRO B CB  1 
ATOM   885  C CG  . PRO B 1 2   ? 7.429   11.319  19.546  1.00 54.83 ? 6   PRO B CG  1 
ATOM   886  C CD  . PRO B 1 2   ? 7.456   12.836  19.347  1.00 55.80 ? 6   PRO B CD  1 
ATOM   887  N N   . THR B 1 3   ? 5.488   11.376  15.369  1.00 54.05 ? 7   THR B N   1 
ATOM   888  C CA  . THR B 1 3   ? 4.399   11.182  14.418  1.00 54.77 ? 7   THR B CA  1 
ATOM   889  C C   . THR B 1 3   ? 3.389   10.186  15.013  1.00 55.01 ? 7   THR B C   1 
ATOM   890  O O   . THR B 1 3   ? 2.161   10.317  14.973  1.00 55.31 ? 7   THR B O   1 
ATOM   891  C CB  . THR B 1 3   ? 5.032   10.686  13.135  1.00 54.30 ? 7   THR B CB  1 
ATOM   892  O OG1 . THR B 1 3   ? 6.026   9.733   13.531  1.00 56.77 ? 7   THR B OG1 1 
ATOM   893  C CG2 . THR B 1 3   ? 5.612   11.833  12.311  1.00 51.53 ? 7   THR B CG2 1 
ATOM   894  N N   . SER B 1 4   ? 3.958   9.222   15.705  1.00 54.94 ? 8   SER B N   1 
ATOM   895  C CA  . SER B 1 4   ? 3.230   8.250   16.479  1.00 55.89 ? 8   SER B CA  1 
ATOM   896  C C   . SER B 1 4   ? 2.153   8.924   17.348  1.00 54.85 ? 8   SER B C   1 
ATOM   897  O O   . SER B 1 4   ? 0.958   8.572   17.302  1.00 55.60 ? 8   SER B O   1 
ATOM   898  C CB  . SER B 1 4   ? 4.297   7.513   17.301  1.00 59.40 ? 8   SER B CB  1 
ATOM   899  O OG  . SER B 1 4   ? 5.638   7.678   16.766  1.00 61.76 ? 8   SER B OG  1 
ATOM   900  N N   . ALA B 1 5   ? 2.577   9.990   18.055  1.00 53.68 ? 9   ALA B N   1 
ATOM   901  C CA  . ALA B 1 5   ? 1.729   10.750  18.988  1.00 50.43 ? 9   ALA B CA  1 
ATOM   902  C C   . ALA B 1 5   ? 0.720   11.607  18.217  1.00 49.11 ? 9   ALA B C   1 
ATOM   903  O O   . ALA B 1 5   ? -0.467  11.759  18.586  1.00 49.29 ? 9   ALA B O   1 
ATOM   904  C CB  . ALA B 1 5   ? 2.592   11.674  19.846  1.00 49.14 ? 9   ALA B CB  1 
ATOM   905  N N   . LEU B 1 6   ? 1.220   12.105  17.077  1.00 44.19 ? 10  LEU B N   1 
ATOM   906  C CA  . LEU B 1 6   ? 0.397   12.922  16.236  1.00 41.91 ? 10  LEU B CA  1 
ATOM   907  C C   . LEU B 1 6   ? -0.753  12.107  15.639  1.00 41.95 ? 10  LEU B C   1 
ATOM   908  O O   . LEU B 1 6   ? -1.832  12.690  15.450  1.00 41.76 ? 10  LEU B O   1 
ATOM   909  C CB  . LEU B 1 6   ? 1.258   13.546  15.143  1.00 38.01 ? 10  LEU B CB  1 
ATOM   910  C CG  . LEU B 1 6   ? 0.490   14.596  14.350  1.00 40.41 ? 10  LEU B CG  1 
ATOM   911  C CD1 . LEU B 1 6   ? 1.321   15.838  14.091  1.00 40.57 ? 10  LEU B CD1 1 
ATOM   912  C CD2 . LEU B 1 6   ? 0.072   13.975  13.043  1.00 42.06 ? 10  LEU B CD2 1 
ATOM   913  N N   . VAL B 1 7   ? -0.617  10.804  15.302  1.00 40.47 ? 11  VAL B N   1 
ATOM   914  C CA  . VAL B 1 7   ? -1.735  10.013  14.763  1.00 36.54 ? 11  VAL B CA  1 
ATOM   915  C C   . VAL B 1 7   ? -2.833  10.059  15.825  1.00 36.68 ? 11  VAL B C   1 
ATOM   916  O O   . VAL B 1 7   ? -3.936  10.529  15.586  1.00 35.62 ? 11  VAL B O   1 
ATOM   917  C CB  . VAL B 1 7   ? -1.329  8.494   14.479  1.00 33.72 ? 11  VAL B CB  1 
ATOM   918  C CG1 . VAL B 1 7   ? -2.554  7.686   14.059  1.00 27.57 ? 11  VAL B CG1 1 
ATOM   919  C CG2 . VAL B 1 7   ? -0.364  8.389   13.319  1.00 28.61 ? 11  VAL B CG2 1 
ATOM   920  N N   . LYS B 1 8   ? -2.441  9.685   17.041  1.00 39.99 ? 12  LYS B N   1 
ATOM   921  C CA  . LYS B 1 8   ? -3.289  9.542   18.220  1.00 42.01 ? 12  LYS B CA  1 
ATOM   922  C C   . LYS B 1 8   ? -4.065  10.812  18.482  1.00 43.76 ? 12  LYS B C   1 
ATOM   923  O O   . LYS B 1 8   ? -5.197  10.762  18.971  1.00 45.14 ? 12  LYS B O   1 
ATOM   924  C CB  . LYS B 1 8   ? -2.384  9.207   19.401  1.00 43.64 ? 12  LYS B CB  1 
ATOM   925  C CG  . LYS B 1 8   ? -3.053  8.831   20.707  1.00 44.66 ? 12  LYS B CG  1 
ATOM   926  C CD  . LYS B 1 8   ? -3.781  7.468   20.662  1.00 45.37 ? 12  LYS B CD  1 
ATOM   927  C CE  . LYS B 1 8   ? -2.951  6.178   20.768  1.00 44.63 ? 12  LYS B CE  1 
ATOM   928  N NZ  . LYS B 1 8   ? -2.162  6.061   21.984  1.00 42.56 ? 12  LYS B NZ  1 
ATOM   929  N N   . GLU B 1 9   ? -3.432  11.949  18.156  1.00 43.91 ? 13  GLU B N   1 
ATOM   930  C CA  . GLU B 1 9   ? -4.099  13.235  18.252  1.00 42.56 ? 13  GLU B CA  1 
ATOM   931  C C   . GLU B 1 9   ? -5.022  13.466  17.066  1.00 40.85 ? 13  GLU B C   1 
ATOM   932  O O   . GLU B 1 9   ? -6.185  13.788  17.333  1.00 43.11 ? 13  GLU B O   1 
ATOM   933  C CB  . GLU B 1 9   ? -3.101  14.380  18.291  1.00 44.87 ? 13  GLU B CB  1 
ATOM   934  C CG  . GLU B 1 9   ? -3.741  15.751  18.548  1.00 44.89 ? 13  GLU B CG  1 
ATOM   935  C CD  . GLU B 1 9   ? -2.867  16.827  17.931  1.00 47.75 ? 13  GLU B CD  1 
ATOM   936  O OE1 . GLU B 1 9   ? -1.799  17.127  18.467  1.00 47.82 ? 13  GLU B OE1 1 
ATOM   937  O OE2 . GLU B 1 9   ? -3.249  17.348  16.892  1.00 47.17 ? 13  GLU B OE2 1 
ATOM   938  N N   . THR B 1 10  ? -4.561  13.339  15.791  1.00 35.14 ? 14  THR B N   1 
ATOM   939  C CA  . THR B 1 10  ? -5.349  13.520  14.570  1.00 25.90 ? 14  THR B CA  1 
ATOM   940  C C   . THR B 1 10  ? -6.609  12.676  14.684  1.00 25.23 ? 14  THR B C   1 
ATOM   941  O O   . THR B 1 10  ? -7.662  13.079  14.206  1.00 27.77 ? 14  THR B O   1 
ATOM   942  C CB  . THR B 1 10  ? -4.569  13.068  13.313  1.00 21.45 ? 14  THR B CB  1 
ATOM   943  O OG1 . THR B 1 10  ? -3.256  13.637  13.356  1.00 14.47 ? 14  THR B OG1 1 
ATOM   944  C CG2 . THR B 1 10  ? -5.319  13.455  12.048  1.00 13.22 ? 14  THR B CG2 1 
ATOM   945  N N   . LEU B 1 11  ? -6.596  11.511  15.300  1.00 24.92 ? 15  LEU B N   1 
ATOM   946  C CA  . LEU B 1 11  ? -7.819  10.791  15.532  1.00 26.37 ? 15  LEU B CA  1 
ATOM   947  C C   . LEU B 1 11  ? -8.779  11.639  16.407  1.00 25.44 ? 15  LEU B C   1 
ATOM   948  O O   . LEU B 1 11  ? -9.932  11.852  16.029  1.00 24.33 ? 15  LEU B O   1 
ATOM   949  C CB  . LEU B 1 11  ? -7.422  9.500   16.193  1.00 28.53 ? 15  LEU B CB  1 
ATOM   950  C CG  . LEU B 1 11  ? -7.058  8.269   15.389  1.00 29.69 ? 15  LEU B CG  1 
ATOM   951  C CD1 . LEU B 1 11  ? -6.413  7.244   16.326  1.00 27.89 ? 15  LEU B CD1 1 
ATOM   952  C CD2 . LEU B 1 11  ? -8.312  7.694   14.731  1.00 28.52 ? 15  LEU B CD2 1 
ATOM   953  N N   . ALA B 1 12  ? -8.373  12.249  17.529  1.00 26.10 ? 16  ALA B N   1 
ATOM   954  C CA  . ALA B 1 12  ? -9.233  13.097  18.371  1.00 27.52 ? 16  ALA B CA  1 
ATOM   955  C C   . ALA B 1 12  ? -9.909  14.310  17.693  1.00 27.74 ? 16  ALA B C   1 
ATOM   956  O O   . ALA B 1 12  ? -11.073 14.649  17.965  1.00 29.10 ? 16  ALA B O   1 
ATOM   957  C CB  . ALA B 1 12  ? -8.407  13.607  19.527  1.00 27.74 ? 16  ALA B CB  1 
ATOM   958  N N   . LEU B 1 13  ? -9.183  14.949  16.770  1.00 25.21 ? 17  LEU B N   1 
ATOM   959  C CA  . LEU B 1 13  ? -9.615  16.079  15.971  1.00 22.56 ? 17  LEU B CA  1 
ATOM   960  C C   . LEU B 1 13  ? -10.653 15.765  14.925  1.00 22.87 ? 17  LEU B C   1 
ATOM   961  O O   . LEU B 1 13  ? -11.496 16.580  14.540  1.00 23.57 ? 17  LEU B O   1 
ATOM   962  C CB  . LEU B 1 13  ? -8.434  16.661  15.266  1.00 24.10 ? 17  LEU B CB  1 
ATOM   963  C CG  . LEU B 1 13  ? -7.458  17.461  16.065  1.00 26.27 ? 17  LEU B CG  1 
ATOM   964  C CD1 . LEU B 1 13  ? -6.063  17.377  15.506  1.00 22.85 ? 17  LEU B CD1 1 
ATOM   965  C CD2 . LEU B 1 13  ? -7.985  18.880  16.049  1.00 27.33 ? 17  LEU B CD2 1 
ATOM   966  N N   . LEU B 1 14  ? -10.558 14.603  14.337  1.00 24.25 ? 18  LEU B N   1 
ATOM   967  C CA  . LEU B 1 14  ? -11.510 14.137  13.325  1.00 25.93 ? 18  LEU B CA  1 
ATOM   968  C C   . LEU B 1 14  ? -12.886 14.119  14.014  1.00 26.31 ? 18  LEU B C   1 
ATOM   969  O O   . LEU B 1 14  ? -13.897 14.692  13.579  1.00 27.05 ? 18  LEU B O   1 
ATOM   970  C CB  . LEU B 1 14  ? -10.967 12.738  12.902  1.00 27.07 ? 18  LEU B CB  1 
ATOM   971  C CG  . LEU B 1 14  ? -11.071 11.992  11.575  1.00 28.54 ? 18  LEU B CG  1 
ATOM   972  C CD1 . LEU B 1 14  ? -12.465 11.439  11.384  1.00 31.79 ? 18  LEU B CD1 1 
ATOM   973  C CD2 . LEU B 1 14  ? -10.689 12.921  10.453  1.00 29.02 ? 18  LEU B CD2 1 
ATOM   974  N N   . SER B 1 15  ? -12.798 13.507  15.187  1.00 25.53 ? 19  SER B N   1 
ATOM   975  C CA  . SER B 1 15  ? -13.878 13.328  16.090  1.00 28.73 ? 19  SER B CA  1 
ATOM   976  C C   . SER B 1 15  ? -14.489 14.655  16.547  1.00 31.91 ? 19  SER B C   1 
ATOM   977  O O   . SER B 1 15  ? -15.714 14.782  16.422  1.00 37.11 ? 19  SER B O   1 
ATOM   978  C CB  . SER B 1 15  ? -13.323 12.527  17.227  1.00 30.34 ? 19  SER B CB  1 
ATOM   979  O OG  . SER B 1 15  ? -12.592 11.422  16.700  1.00 39.13 ? 19  SER B OG  1 
ATOM   980  N N   . THR B 1 16  ? -13.801 15.698  17.027  1.00 28.27 ? 20  THR B N   1 
ATOM   981  C CA  . THR B 1 16  ? -14.484 16.909  17.383  1.00 26.21 ? 20  THR B CA  1 
ATOM   982  C C   . THR B 1 16  ? -14.906 17.762  16.185  1.00 26.83 ? 20  THR B C   1 
ATOM   983  O O   . THR B 1 16  ? -15.367 18.878  16.410  1.00 29.60 ? 20  THR B O   1 
ATOM   984  C CB  . THR B 1 16  ? -13.541 17.627  18.330  1.00 28.00 ? 20  THR B CB  1 
ATOM   985  O OG1 . THR B 1 16  ? -12.304 17.786  17.670  1.00 33.94 ? 20  THR B OG1 1 
ATOM   986  C CG2 . THR B 1 16  ? -13.162 16.795  19.534  1.00 30.94 ? 20  THR B CG2 1 
ATOM   987  N N   . HIS B 1 17  ? -14.802 17.416  14.884  1.00 25.99 ? 21  HIS B N   1 
ATOM   988  C CA  . HIS B 1 17  ? -15.193 18.307  13.770  1.00 23.61 ? 21  HIS B CA  1 
ATOM   989  C C   . HIS B 1 17  ? -16.093 17.612  12.767  1.00 25.19 ? 21  HIS B C   1 
ATOM   990  O O   . HIS B 1 17  ? -16.391 18.163  11.686  1.00 24.39 ? 21  HIS B O   1 
ATOM   991  C CB  . HIS B 1 17  ? -13.992 18.848  12.944  1.00 24.15 ? 21  HIS B CB  1 
ATOM   992  C CG  . HIS B 1 17  ? -13.058 19.706  13.777  1.00 27.41 ? 21  HIS B CG  1 
ATOM   993  N ND1 . HIS B 1 17  ? -12.071 19.310  14.572  1.00 30.82 ? 21  HIS B ND1 1 
ATOM   994  C CD2 . HIS B 1 17  ? -13.144 21.067  13.924  1.00 26.35 ? 21  HIS B CD2 1 
ATOM   995  C CE1 . HIS B 1 17  ? -11.561 20.342  15.195  1.00 28.34 ? 21  HIS B CE1 1 
ATOM   996  N NE2 . HIS B 1 17  ? -12.227 21.397  14.791  1.00 26.68 ? 21  HIS B NE2 1 
ATOM   997  N N   . ARG B 1 18  ? -16.624 16.417  13.085  1.00 27.46 ? 22  ARG B N   1 
ATOM   998  C CA  . ARG B 1 18  ? -17.551 15.703  12.184  1.00 26.18 ? 22  ARG B CA  1 
ATOM   999  C C   . ARG B 1 18  ? -18.821 16.422  11.785  1.00 24.34 ? 22  ARG B C   1 
ATOM   1000 O O   . ARG B 1 18  ? -19.205 16.251  10.627  1.00 23.60 ? 22  ARG B O   1 
ATOM   1001 C CB  . ARG B 1 18  ? -18.021 14.354  12.735  1.00 26.16 ? 22  ARG B CB  1 
ATOM   1002 C CG  . ARG B 1 18  ? -16.936 13.311  12.801  1.00 32.23 ? 22  ARG B CG  1 
ATOM   1003 C CD  . ARG B 1 18  ? -17.543 11.994  13.272  1.00 39.22 ? 22  ARG B CD  1 
ATOM   1004 N NE  . ARG B 1 18  ? -18.474 11.393  12.312  1.00 40.64 ? 22  ARG B NE  1 
ATOM   1005 C CZ  . ARG B 1 18  ? -18.085 10.398  11.503  1.00 37.93 ? 22  ARG B CZ  1 
ATOM   1006 N NH1 . ARG B 1 18  ? -16.838 9.900   11.546  1.00 35.04 ? 22  ARG B NH1 1 
ATOM   1007 N NH2 . ARG B 1 18  ? -18.946 9.986   10.579  1.00 34.98 ? 22  ARG B NH2 1 
ATOM   1008 N N   . THR B 1 19  ? -19.517 17.233  12.603  1.00 24.27 ? 23  THR B N   1 
ATOM   1009 C CA  . THR B 1 19  ? -20.764 17.927  12.191  1.00 20.47 ? 23  THR B CA  1 
ATOM   1010 C C   . THR B 1 19  ? -20.517 18.959  11.129  1.00 15.11 ? 23  THR B C   1 
ATOM   1011 O O   . THR B 1 19  ? -21.244 19.116  10.149  1.00 15.86 ? 23  THR B O   1 
ATOM   1012 C CB  . THR B 1 19  ? -21.442 18.647  13.377  1.00 20.25 ? 23  THR B CB  1 
ATOM   1013 O OG1 . THR B 1 19  ? -20.991 18.040  14.602  1.00 23.36 ? 23  THR B OG1 1 
ATOM   1014 C CG2 . THR B 1 19  ? -22.951 18.616  13.197  1.00 20.68 ? 23  THR B CG2 1 
ATOM   1015 N N   . LEU B 1 20  ? -19.436 19.666  11.371  1.00 14.60 ? 24  LEU B N   1 
ATOM   1016 C CA  . LEU B 1 20  ? -18.964 20.628  10.398  1.00 16.97 ? 24  LEU B CA  1 
ATOM   1017 C C   . LEU B 1 20  ? -18.697 19.843  9.100   1.00 18.35 ? 24  LEU B C   1 
ATOM   1018 O O   . LEU B 1 20  ? -19.353 20.129  8.091   1.00 17.69 ? 24  LEU B O   1 
ATOM   1019 C CB  . LEU B 1 20  ? -17.683 21.284  10.952  1.00 17.37 ? 24  LEU B CB  1 
ATOM   1020 C CG  . LEU B 1 20  ? -17.047 22.561  10.382  1.00 21.98 ? 24  LEU B CG  1 
ATOM   1021 C CD1 . LEU B 1 20  ? -15.624 22.211  9.996   1.00 25.29 ? 24  LEU B CD1 1 
ATOM   1022 C CD2 . LEU B 1 20  ? -17.763 23.096  9.140   1.00 21.88 ? 24  LEU B CD2 1 
ATOM   1023 N N   . LEU B 1 21  ? -17.869 18.777  9.167   1.00 16.83 ? 25  LEU B N   1 
ATOM   1024 C CA  . LEU B 1 21  ? -17.469 18.067  7.969   1.00 16.21 ? 25  LEU B CA  1 
ATOM   1025 C C   . LEU B 1 21  ? -18.619 17.396  7.265   1.00 18.50 ? 25  LEU B C   1 
ATOM   1026 O O   . LEU B 1 21  ? -18.679 17.469  6.031   1.00 19.25 ? 25  LEU B O   1 
ATOM   1027 C CB  . LEU B 1 21  ? -16.411 17.030  8.320   1.00 12.60 ? 25  LEU B CB  1 
ATOM   1028 C CG  . LEU B 1 21  ? -15.078 17.554  8.837   1.00 8.72  ? 25  LEU B CG  1 
ATOM   1029 C CD1 . LEU B 1 21  ? -14.221 16.450  9.437   1.00 8.22  ? 25  LEU B CD1 1 
ATOM   1030 C CD2 . LEU B 1 21  ? -14.412 18.251  7.700   1.00 7.84  ? 25  LEU B CD2 1 
ATOM   1031 N N   . ILE B 1 22  ? -19.598 16.843  8.010   1.00 20.62 ? 26  ILE B N   1 
ATOM   1032 C CA  . ILE B 1 22  ? -20.661 16.045  7.397   1.00 22.66 ? 26  ILE B CA  1 
ATOM   1033 C C   . ILE B 1 22  ? -21.811 16.882  6.899   1.00 24.84 ? 26  ILE B C   1 
ATOM   1034 O O   . ILE B 1 22  ? -22.666 16.396  6.141   1.00 27.30 ? 26  ILE B O   1 
ATOM   1035 C CB  . ILE B 1 22  ? -21.258 14.975  8.357   1.00 22.14 ? 26  ILE B CB  1 
ATOM   1036 C CG1 . ILE B 1 22  ? -22.037 15.596  9.531   1.00 21.23 ? 26  ILE B CG1 1 
ATOM   1037 C CG2 . ILE B 1 22  ? -20.083 14.074  8.762   1.00 20.91 ? 26  ILE B CG2 1 
ATOM   1038 C CD1 . ILE B 1 22  ? -22.416 14.684  10.720  1.00 16.97 ? 26  ILE B CD1 1 
ATOM   1039 N N   . ALA B 1 23  ? -21.812 18.166  7.288   1.00 25.38 ? 27  ALA B N   1 
ATOM   1040 C CA  . ALA B 1 23  ? -22.841 19.112  6.895   1.00 22.10 ? 27  ALA B CA  1 
ATOM   1041 C C   . ALA B 1 23  ? -23.010 19.189  5.382   1.00 22.08 ? 27  ALA B C   1 
ATOM   1042 O O   . ALA B 1 23  ? -24.064 19.592  4.890   1.00 22.34 ? 27  ALA B O   1 
ATOM   1043 C CB  . ALA B 1 23  ? -22.445 20.478  7.467   1.00 21.88 ? 27  ALA B CB  1 
ATOM   1044 N N   . ASN B 1 24  ? -22.013 18.800  4.591   1.00 23.14 ? 28  ASN B N   1 
ATOM   1045 C CA  . ASN B 1 24  ? -22.134 18.902  3.153   1.00 25.02 ? 28  ASN B CA  1 
ATOM   1046 C C   . ASN B 1 24  ? -22.762 17.603  2.630   1.00 26.81 ? 28  ASN B C   1 
ATOM   1047 O O   . ASN B 1 24  ? -22.083 16.599  2.416   1.00 26.04 ? 28  ASN B O   1 
ATOM   1048 C CB  . ASN B 1 24  ? -20.754 19.124  2.529   1.00 25.33 ? 28  ASN B CB  1 
ATOM   1049 C CG  . ASN B 1 24  ? -20.983 19.617  1.102   1.00 28.86 ? 28  ASN B CG  1 
ATOM   1050 O OD1 . ASN B 1 24  ? -21.792 19.065  0.326   1.00 28.58 ? 28  ASN B OD1 1 
ATOM   1051 N ND2 . ASN B 1 24  ? -20.340 20.714  0.716   1.00 27.25 ? 28  ASN B ND2 1 
ATOM   1052 N N   . GLU B 1 25  ? -24.065 17.626  2.393   1.00 25.00 ? 29  GLU B N   1 
ATOM   1053 C CA  . GLU B 1 25  ? -24.791 16.448  1.991   1.00 26.09 ? 29  GLU B CA  1 
ATOM   1054 C C   . GLU B 1 25  ? -24.695 16.146  0.524   1.00 26.02 ? 29  GLU B C   1 
ATOM   1055 O O   . GLU B 1 25  ? -25.302 15.163  0.105   1.00 26.27 ? 29  GLU B O   1 
ATOM   1056 C CB  . GLU B 1 25  ? -26.290 16.555  2.320   1.00 25.13 ? 29  GLU B CB  1 
ATOM   1057 C CG  . GLU B 1 25  ? -26.654 16.458  3.782   1.00 25.71 ? 29  GLU B CG  1 
ATOM   1058 C CD  . GLU B 1 25  ? -26.554 15.099  4.479   1.00 28.90 ? 29  GLU B CD  1 
ATOM   1059 O OE1 . GLU B 1 25  ? -26.842 14.095  3.830   1.00 29.63 ? 29  GLU B OE1 1 
ATOM   1060 O OE2 . GLU B 1 25  ? -26.226 15.053  5.677   1.00 27.65 ? 29  GLU B OE2 1 
ATOM   1061 N N   . THR B 1 26  ? -24.043 16.981  -0.281  1.00 28.29 ? 30  THR B N   1 
ATOM   1062 C CA  . THR B 1 26  ? -23.913 16.693  -1.710  1.00 29.10 ? 30  THR B CA  1 
ATOM   1063 C C   . THR B 1 26  ? -22.599 16.040  -2.145  1.00 26.26 ? 30  THR B C   1 
ATOM   1064 O O   . THR B 1 26  ? -22.605 15.204  -3.046  1.00 26.07 ? 30  THR B O   1 
ATOM   1065 C CB  . THR B 1 26  ? -24.160 17.995  -2.453  1.00 31.32 ? 30  THR B CB  1 
ATOM   1066 O OG1 . THR B 1 26  ? -25.567 18.103  -2.296  1.00 32.88 ? 30  THR B OG1 1 
ATOM   1067 C CG2 . THR B 1 26  ? -23.805 18.060  -3.948  1.00 35.88 ? 30  THR B CG2 1 
ATOM   1068 N N   . LEU B 1 27  ? -21.469 16.354  -1.528  1.00 23.99 ? 31  LEU B N   1 
ATOM   1069 C CA  . LEU B 1 27  ? -20.242 15.687  -1.844  1.00 25.52 ? 31  LEU B CA  1 
ATOM   1070 C C   . LEU B 1 27  ? -20.378 14.174  -1.781  1.00 24.62 ? 31  LEU B C   1 
ATOM   1071 O O   . LEU B 1 27  ? -21.013 13.654  -0.868  1.00 23.45 ? 31  LEU B O   1 
ATOM   1072 C CB  . LEU B 1 27  ? -19.150 16.073  -0.890  1.00 25.60 ? 31  LEU B CB  1 
ATOM   1073 C CG  . LEU B 1 27  ? -18.499 17.452  -0.976  1.00 29.70 ? 31  LEU B CG  1 
ATOM   1074 C CD1 . LEU B 1 27  ? -17.063 17.304  -0.472  1.00 29.05 ? 31  LEU B CD1 1 
ATOM   1075 C CD2 . LEU B 1 27  ? -18.492 17.989  -2.383  1.00 30.58 ? 31  LEU B CD2 1 
ATOM   1076 N N   . ARG B 1 28  ? -19.847 13.549  -2.828  1.00 23.48 ? 32  ARG B N   1 
ATOM   1077 C CA  . ARG B 1 28  ? -19.707 12.117  -2.977  1.00 23.59 ? 32  ARG B CA  1 
ATOM   1078 C C   . ARG B 1 28  ? -18.228 11.900  -3.178  1.00 21.06 ? 32  ARG B C   1 
ATOM   1079 O O   . ARG B 1 28  ? -17.614 12.345  -4.129  1.00 22.33 ? 32  ARG B O   1 
ATOM   1080 C CB  . ARG B 1 28  ? -20.463 11.649  -4.170  1.00 27.06 ? 32  ARG B CB  1 
ATOM   1081 C CG  . ARG B 1 28  ? -21.991 11.677  -3.940  1.00 35.25 ? 32  ARG B CG  1 
ATOM   1082 C CD  . ARG B 1 28  ? -22.589 10.466  -3.190  1.00 40.85 ? 32  ARG B CD  1 
ATOM   1083 N NE  . ARG B 1 28  ? -23.990 10.293  -3.601  1.00 49.02 ? 32  ARG B NE  1 
ATOM   1084 C CZ  . ARG B 1 28  ? -24.621 9.094   -3.683  1.00 51.65 ? 32  ARG B CZ  1 
ATOM   1085 N NH1 . ARG B 1 28  ? -24.016 7.919   -3.354  1.00 49.77 ? 32  ARG B NH1 1 
ATOM   1086 N NH2 . ARG B 1 28  ? -25.849 9.065   -4.250  1.00 48.89 ? 32  ARG B NH2 1 
ATOM   1087 N N   . ILE B 1 29  ? -17.611 11.288  -2.207  1.00 21.60 ? 33  ILE B N   1 
ATOM   1088 C CA  . ILE B 1 29  ? -16.201 11.030  -2.186  1.00 22.33 ? 33  ILE B CA  1 
ATOM   1089 C C   . ILE B 1 29  ? -15.900 9.505   -2.393  1.00 25.00 ? 33  ILE B C   1 
ATOM   1090 O O   . ILE B 1 29  ? -16.674 8.609   -1.963  1.00 24.01 ? 33  ILE B O   1 
ATOM   1091 C CB  . ILE B 1 29  ? -15.726 11.600  -0.832  1.00 21.40 ? 33  ILE B CB  1 
ATOM   1092 C CG1 . ILE B 1 29  ? -15.883 13.105  -0.852  1.00 22.25 ? 33  ILE B CG1 1 
ATOM   1093 C CG2 . ILE B 1 29  ? -14.272 11.261  -0.578  1.00 23.60 ? 33  ILE B CG2 1 
ATOM   1094 C CD1 . ILE B 1 29  ? -15.094 13.827  0.267   1.00 22.07 ? 33  ILE B CD1 1 
ATOM   1095 N N   . PRO B 1 30  ? -14.813 9.194   -3.168  1.00 25.63 ? 34  PRO B N   1 
ATOM   1096 C CA  . PRO B 1 30  ? -14.162 7.889   -3.314  1.00 22.08 ? 34  PRO B CA  1 
ATOM   1097 C C   . PRO B 1 30  ? -13.904 7.004   -2.120  1.00 19.61 ? 34  PRO B C   1 
ATOM   1098 O O   . PRO B 1 30  ? -12.921 7.259   -1.418  1.00 21.10 ? 34  PRO B O   1 
ATOM   1099 C CB  . PRO B 1 30  ? -12.908 8.300   -4.077  1.00 23.56 ? 34  PRO B CB  1 
ATOM   1100 C CG  . PRO B 1 30  ? -13.597 9.030   -5.209  1.00 18.84 ? 34  PRO B CG  1 
ATOM   1101 C CD  . PRO B 1 30  ? -14.366 10.005  -4.328  1.00 23.49 ? 34  PRO B CD  1 
ATOM   1102 N N   . VAL B 1 31  ? -14.707 5.974   -1.827  1.00 16.96 ? 35  VAL B N   1 
ATOM   1103 C CA  . VAL B 1 31  ? -14.366 5.128   -0.675  1.00 17.90 ? 35  VAL B CA  1 
ATOM   1104 C C   . VAL B 1 31  ? -14.068 3.707   -1.188  1.00 18.30 ? 35  VAL B C   1 
ATOM   1105 O O   . VAL B 1 31  ? -14.745 3.204   -2.082  1.00 14.92 ? 35  VAL B O   1 
ATOM   1106 C CB  . VAL B 1 31  ? -15.523 5.072   0.394   1.00 11.99 ? 35  VAL B CB  1 
ATOM   1107 C CG1 . VAL B 1 31  ? -15.148 4.343   1.647   1.00 5.30  ? 35  VAL B CG1 1 
ATOM   1108 C CG2 . VAL B 1 31  ? -15.809 6.471   0.827   1.00 15.71 ? 35  VAL B CG2 1 
ATOM   1109 N N   . PRO B 1 32  ? -12.992 3.085   -0.691  1.00 19.81 ? 36  PRO B N   1 
ATOM   1110 C CA  . PRO B 1 32  ? -12.540 1.762   -1.071  1.00 22.11 ? 36  PRO B CA  1 
ATOM   1111 C C   . PRO B 1 32  ? -13.412 0.612   -0.620  1.00 22.09 ? 36  PRO B C   1 
ATOM   1112 O O   . PRO B 1 32  ? -13.641 0.437   0.573   1.00 24.00 ? 36  PRO B O   1 
ATOM   1113 C CB  . PRO B 1 32  ? -11.141 1.633   -0.486  1.00 22.99 ? 36  PRO B CB  1 
ATOM   1114 C CG  . PRO B 1 32  ? -10.690 3.049   -0.296  1.00 23.65 ? 36  PRO B CG  1 
ATOM   1115 C CD  . PRO B 1 32  ? -11.954 3.721   0.126   1.00 19.26 ? 36  PRO B CD  1 
ATOM   1116 N N   . VAL B 1 33  ? -13.813 -0.268  -1.521  1.00 20.27 ? 37  VAL B N   1 
ATOM   1117 C CA  . VAL B 1 33  ? -14.562 -1.424  -1.079  1.00 20.89 ? 37  VAL B CA  1 
ATOM   1118 C C   . VAL B 1 33  ? -13.748 -2.432  -0.221  1.00 21.41 ? 37  VAL B C   1 
ATOM   1119 O O   . VAL B 1 33  ? -14.341 -3.376  0.304   1.00 21.91 ? 37  VAL B O   1 
ATOM   1120 C CB  . VAL B 1 33  ? -15.156 -2.066  -2.328  1.00 21.25 ? 37  VAL B CB  1 
ATOM   1121 C CG1 . VAL B 1 33  ? -16.075 -3.211  -1.942  1.00 21.50 ? 37  VAL B CG1 1 
ATOM   1122 C CG2 . VAL B 1 33  ? -16.035 -1.046  -3.057  1.00 21.06 ? 37  VAL B CG2 1 
ATOM   1123 N N   . HIS B 1 34  ? -12.458 -2.265  0.130   1.00 18.35 ? 38  HIS B N   1 
ATOM   1124 C CA  . HIS B 1 34  ? -11.707 -3.317  0.814   1.00 15.44 ? 38  HIS B CA  1 
ATOM   1125 C C   . HIS B 1 34  ? -10.869 -2.746  1.881   1.00 16.86 ? 38  HIS B C   1 
ATOM   1126 O O   . HIS B 1 34  ? -10.560 -1.576  1.777   1.00 19.32 ? 38  HIS B O   1 
ATOM   1127 C CB  . HIS B 1 34  ? -10.716 -4.059  -0.057  1.00 15.08 ? 38  HIS B CB  1 
ATOM   1128 C CG  . HIS B 1 34  ? -9.673  -3.183  -0.768  1.00 8.71  ? 38  HIS B CG  1 
ATOM   1129 N ND1 . HIS B 1 34  ? -8.500  -2.722  -0.314  1.00 6.85  ? 38  HIS B ND1 1 
ATOM   1130 C CD2 . HIS B 1 34  ? -9.827  -2.813  -2.083  1.00 2.84  ? 38  HIS B CD2 1 
ATOM   1131 C CE1 . HIS B 1 34  ? -7.943  -2.094  -1.333  1.00 7.63  ? 38  HIS B CE1 1 
ATOM   1132 N NE2 . HIS B 1 34  ? -8.745  -2.158  -2.383  1.00 6.89  ? 38  HIS B NE2 1 
ATOM   1133 N N   . LYS B 1 35  ? -10.322 -3.631  2.707   1.00 18.54 ? 39  LYS B N   1 
ATOM   1134 C CA  . LYS B 1 35  ? -9.616  -3.219  3.878   1.00 18.61 ? 39  LYS B CA  1 
ATOM   1135 C C   . LYS B 1 35  ? -8.130  -3.241  3.806   1.00 19.98 ? 39  LYS B C   1 
ATOM   1136 O O   . LYS B 1 35  ? -7.488  -2.965  4.834   1.00 18.92 ? 39  LYS B O   1 
ATOM   1137 C CB  . LYS B 1 35  ? -10.052 -4.071  5.034   1.00 26.18 ? 39  LYS B CB  1 
ATOM   1138 C CG  . LYS B 1 35  ? -11.498 -3.770  5.490   1.00 32.71 ? 39  LYS B CG  1 
ATOM   1139 C CD  . LYS B 1 35  ? -11.809 -4.153  6.945   1.00 36.21 ? 39  LYS B CD  1 
ATOM   1140 C CE  . LYS B 1 35  ? -11.545 -5.628  7.267   1.00 39.97 ? 39  LYS B CE  1 
ATOM   1141 N NZ  . LYS B 1 35  ? -10.462 -5.741  8.251   1.00 41.01 ? 39  LYS B NZ  1 
ATOM   1142 N N   . ASN B 1 36  ? -7.531  -3.509  2.634   1.00 22.07 ? 40  ASN B N   1 
ATOM   1143 C CA  . ASN B 1 36  ? -6.048  -3.435  2.557   1.00 26.17 ? 40  ASN B CA  1 
ATOM   1144 C C   . ASN B 1 36  ? -5.834  -1.996  2.188   1.00 26.91 ? 40  ASN B C   1 
ATOM   1145 O O   . ASN B 1 36  ? -5.932  -1.592  1.024   1.00 27.22 ? 40  ASN B O   1 
ATOM   1146 C CB  . ASN B 1 36  ? -5.389  -4.323  1.462   1.00 26.44 ? 40  ASN B CB  1 
ATOM   1147 C CG  . ASN B 1 36  ? -5.812  -5.794  1.608   1.00 28.28 ? 40  ASN B CG  1 
ATOM   1148 O OD1 . ASN B 1 36  ? -5.679  -6.477  2.649   1.00 25.87 ? 40  ASN B OD1 1 
ATOM   1149 N ND2 . ASN B 1 36  ? -6.439  -6.274  0.529   1.00 22.28 ? 40  ASN B ND2 1 
ATOM   1150 N N   . HIS B 1 37  ? -5.735  -1.284  3.318   1.00 27.61 ? 41  HIS B N   1 
ATOM   1151 C CA  . HIS B 1 37  ? -5.733  0.161   3.342   1.00 26.15 ? 41  HIS B CA  1 
ATOM   1152 C C   . HIS B 1 37  ? -4.529  0.713   2.649   1.00 25.10 ? 41  HIS B C   1 
ATOM   1153 O O   . HIS B 1 37  ? -4.740  1.515   1.751   1.00 28.95 ? 41  HIS B O   1 
ATOM   1154 C CB  . HIS B 1 37  ? -5.750  0.749   4.796   1.00 30.13 ? 41  HIS B CB  1 
ATOM   1155 C CG  . HIS B 1 37  ? -6.935  0.374   5.679   1.00 25.52 ? 41  HIS B CG  1 
ATOM   1156 N ND1 . HIS B 1 37  ? -6.870  -0.139  6.897   1.00 26.07 ? 41  HIS B ND1 1 
ATOM   1157 C CD2 . HIS B 1 37  ? -8.241  0.362   5.270   1.00 24.60 ? 41  HIS B CD2 1 
ATOM   1158 C CE1 . HIS B 1 37  ? -8.090  -0.495  7.225   1.00 27.24 ? 41  HIS B CE1 1 
ATOM   1159 N NE2 . HIS B 1 37  ? -8.902  -0.191  6.242   1.00 26.35 ? 41  HIS B NE2 1 
ATOM   1160 N N   . GLN B 1 38  ? -3.309  0.281   2.971   1.00 22.09 ? 42  GLN B N   1 
ATOM   1161 C CA  . GLN B 1 38  ? -2.099  0.791   2.347   1.00 19.17 ? 42  GLN B CA  1 
ATOM   1162 C C   . GLN B 1 38  ? -2.028  0.862   0.833   1.00 19.08 ? 42  GLN B C   1 
ATOM   1163 O O   . GLN B 1 38  ? -1.132  1.533   0.317   1.00 22.34 ? 42  GLN B O   1 
ATOM   1164 C CB  . GLN B 1 38  ? -0.931  -0.013  2.807   1.00 21.45 ? 42  GLN B CB  1 
ATOM   1165 C CG  . GLN B 1 38  ? -0.115  0.567   3.969   1.00 28.86 ? 42  GLN B CG  1 
ATOM   1166 C CD  . GLN B 1 38  ? 1.120   -0.260  4.407   1.00 33.30 ? 42  GLN B CD  1 
ATOM   1167 O OE1 . GLN B 1 38  ? 1.912   -0.754  3.598   1.00 37.12 ? 42  GLN B OE1 1 
ATOM   1168 N NE2 . GLN B 1 38  ? 1.379   -0.487  5.678   1.00 33.41 ? 42  GLN B NE2 1 
ATOM   1169 N N   . LEU B 1 39  ? -2.948  0.255   0.074   1.00 17.88 ? 43  LEU B N   1 
ATOM   1170 C CA  . LEU B 1 39  ? -2.946  0.328   -1.393  1.00 16.61 ? 43  LEU B CA  1 
ATOM   1171 C C   . LEU B 1 39  ? -3.758  1.533   -1.864  1.00 18.67 ? 43  LEU B C   1 
ATOM   1172 O O   . LEU B 1 39  ? -3.676  1.965   -3.023  1.00 20.13 ? 43  LEU B O   1 
ATOM   1173 C CB  . LEU B 1 39  ? -3.603  -0.897  -2.067  1.00 8.84  ? 43  LEU B CB  1 
ATOM   1174 C CG  . LEU B 1 39  ? -3.206  -2.293  -1.687  1.00 9.22  ? 43  LEU B CG  1 
ATOM   1175 C CD1 . LEU B 1 39  ? -4.100  -3.158  -2.505  1.00 5.60  ? 43  LEU B CD1 1 
ATOM   1176 C CD2 . LEU B 1 39  ? -1.715  -2.602  -1.914  1.00 7.13  ? 43  LEU B CD2 1 
ATOM   1177 N N   . CYS B 1 40  ? -4.671  2.033   -1.029  1.00 18.83 ? 44  CYS B N   1 
ATOM   1178 C CA  . CYS B 1 40  ? -5.468  3.158   -1.469  1.00 20.06 ? 44  CYS B CA  1 
ATOM   1179 C C   . CYS B 1 40  ? -5.026  4.511   -0.896  1.00 17.69 ? 44  CYS B C   1 
ATOM   1180 O O   . CYS B 1 40  ? -5.791  5.444   -1.042  1.00 16.20 ? 44  CYS B O   1 
ATOM   1181 C CB  . CYS B 1 40  ? -6.889  2.843   -1.115  1.00 21.76 ? 44  CYS B CB  1 
ATOM   1182 S SG  . CYS B 1 40  ? -7.360  1.165   -1.603  1.00 21.52 ? 44  CYS B SG  1 
ATOM   1183 N N   . THR B 1 41  ? -3.791  4.742   -0.408  1.00 17.45 ? 45  THR B N   1 
ATOM   1184 C CA  . THR B 1 41  ? -3.366  5.981   0.203   1.00 19.09 ? 45  THR B CA  1 
ATOM   1185 C C   . THR B 1 41  ? -3.578  7.154   -0.692  1.00 19.02 ? 45  THR B C   1 
ATOM   1186 O O   . THR B 1 41  ? -3.787  8.246   -0.173  1.00 23.38 ? 45  THR B O   1 
ATOM   1187 C CB  . THR B 1 41  ? -1.866  6.135   0.606   1.00 17.63 ? 45  THR B CB  1 
ATOM   1188 O OG1 . THR B 1 41  ? -1.237  6.186   -0.640  1.00 19.81 ? 45  THR B OG1 1 
ATOM   1189 C CG2 . THR B 1 41  ? -1.255  5.082   1.523   1.00 15.26 ? 45  THR B CG2 1 
ATOM   1190 N N   . GLU B 1 42  ? -3.557  7.058   -1.980  1.00 18.09 ? 46  GLU B N   1 
ATOM   1191 C CA  . GLU B 1 42  ? -3.816  8.289   -2.602  1.00 24.46 ? 46  GLU B CA  1 
ATOM   1192 C C   . GLU B 1 42  ? -5.143  8.479   -3.270  1.00 25.24 ? 46  GLU B C   1 
ATOM   1193 O O   . GLU B 1 42  ? -5.361  9.528   -3.863  1.00 29.31 ? 46  GLU B O   1 
ATOM   1194 C CB  . GLU B 1 42  ? -2.573  8.510   -3.447  1.00 37.34 ? 46  GLU B CB  1 
ATOM   1195 C CG  . GLU B 1 42  ? -1.209  8.770   -2.595  1.00 45.12 ? 46  GLU B CG  1 
ATOM   1196 C CD  . GLU B 1 42  ? -0.887  10.140  -1.920  1.00 45.98 ? 46  GLU B CD  1 
ATOM   1197 O OE1 . GLU B 1 42  ? -1.110  11.186  -2.551  1.00 49.14 ? 46  GLU B OE1 1 
ATOM   1198 O OE2 . GLU B 1 42  ? -0.398  10.157  -0.775  1.00 43.89 ? 46  GLU B OE2 1 
ATOM   1199 N N   . GLU B 1 43  ? -6.106  7.557   -3.226  1.00 27.00 ? 47  GLU B N   1 
ATOM   1200 C CA  . GLU B 1 43  ? -7.519  7.942   -3.496  1.00 25.84 ? 47  GLU B CA  1 
ATOM   1201 C C   . GLU B 1 43  ? -8.043  8.545   -2.140  1.00 25.83 ? 47  GLU B C   1 
ATOM   1202 O O   . GLU B 1 43  ? -8.907  9.450   -2.076  1.00 24.08 ? 47  GLU B O   1 
ATOM   1203 C CB  . GLU B 1 43  ? -8.450  6.753   -3.870  1.00 27.03 ? 47  GLU B CB  1 
ATOM   1204 C CG  . GLU B 1 43  ? -8.332  6.092   -5.280  1.00 28.59 ? 47  GLU B CG  1 
ATOM   1205 C CD  . GLU B 1 43  ? -6.999  5.407   -5.626  1.00 28.90 ? 47  GLU B CD  1 
ATOM   1206 O OE1 . GLU B 1 43  ? -6.351  4.841   -4.739  1.00 26.29 ? 47  GLU B OE1 1 
ATOM   1207 O OE2 . GLU B 1 43  ? -6.591  5.446   -6.796  1.00 33.80 ? 47  GLU B OE2 1 
ATOM   1208 N N   . ILE B 1 44  ? -7.467  8.041   -1.015  1.00 22.46 ? 48  ILE B N   1 
ATOM   1209 C CA  . ILE B 1 44  ? -7.687  8.574   0.311   1.00 20.30 ? 48  ILE B CA  1 
ATOM   1210 C C   . ILE B 1 44  ? -7.186  10.002  0.253   1.00 22.99 ? 48  ILE B C   1 
ATOM   1211 O O   . ILE B 1 44  ? -8.045  10.892  0.307   1.00 24.12 ? 48  ILE B O   1 
ATOM   1212 C CB  . ILE B 1 44  ? -6.919  7.716   1.286   1.00 19.44 ? 48  ILE B CB  1 
ATOM   1213 C CG1 . ILE B 1 44  ? -7.785  6.494   1.500   1.00 20.75 ? 48  ILE B CG1 1 
ATOM   1214 C CG2 . ILE B 1 44  ? -6.650  8.371   2.613   1.00 18.15 ? 48  ILE B CG2 1 
ATOM   1215 C CD1 . ILE B 1 44  ? -6.961  5.371   2.213   1.00 22.04 ? 48  ILE B CD1 1 
ATOM   1216 N N   . PHE B 1 45  ? -5.902  10.321  0.005   1.00 22.17 ? 49  PHE B N   1 
ATOM   1217 C CA  . PHE B 1 45  ? -5.515  11.718  0.016   1.00 17.90 ? 49  PHE B CA  1 
ATOM   1218 C C   . PHE B 1 45  ? -6.127  12.618  -1.060  1.00 17.63 ? 49  PHE B C   1 
ATOM   1219 O O   . PHE B 1 45  ? -6.197  13.811  -0.791  1.00 17.00 ? 49  PHE B O   1 
ATOM   1220 C CB  . PHE B 1 45  ? -3.981  11.718  0.067   1.00 17.72 ? 49  PHE B CB  1 
ATOM   1221 C CG  . PHE B 1 45  ? -3.479  11.290  1.452   1.00 14.84 ? 49  PHE B CG  1 
ATOM   1222 C CD1 . PHE B 1 45  ? -3.515  12.165  2.510   1.00 17.88 ? 49  PHE B CD1 1 
ATOM   1223 C CD2 . PHE B 1 45  ? -3.063  10.019  1.692   1.00 16.25 ? 49  PHE B CD2 1 
ATOM   1224 C CE1 . PHE B 1 45  ? -3.149  11.750  3.776   1.00 19.75 ? 49  PHE B CE1 1 
ATOM   1225 C CE2 . PHE B 1 45  ? -2.702  9.592   2.941   1.00 19.96 ? 49  PHE B CE2 1 
ATOM   1226 C CZ  . PHE B 1 45  ? -2.745  10.452  4.001   1.00 20.83 ? 49  PHE B CZ  1 
ATOM   1227 N N   . GLN B 1 46  ? -6.710  12.246  -2.214  1.00 20.85 ? 50  GLN B N   1 
ATOM   1228 C CA  . GLN B 1 46  ? -7.471  13.259  -2.994  1.00 24.43 ? 50  GLN B CA  1 
ATOM   1229 C C   . GLN B 1 46  ? -8.892  13.473  -2.418  1.00 23.59 ? 50  GLN B C   1 
ATOM   1230 O O   . GLN B 1 46  ? -9.711  14.286  -2.877  1.00 23.33 ? 50  GLN B O   1 
ATOM   1231 C CB  . GLN B 1 46  ? -7.701  12.893  -4.486  1.00 30.32 ? 50  GLN B CB  1 
ATOM   1232 C CG  . GLN B 1 46  ? -7.580  14.103  -5.526  1.00 39.74 ? 50  GLN B CG  1 
ATOM   1233 C CD  . GLN B 1 46  ? -8.130  15.537  -5.221  1.00 44.42 ? 50  GLN B CD  1 
ATOM   1234 O OE1 . GLN B 1 46  ? -7.781  16.215  -4.238  1.00 44.77 ? 50  GLN B OE1 1 
ATOM   1235 N NE2 . GLN B 1 46  ? -8.962  16.143  -6.074  1.00 45.73 ? 50  GLN B NE2 1 
ATOM   1236 N N   . GLY B 1 47  ? -9.264  12.598  -1.486  1.00 21.48 ? 51  GLY B N   1 
ATOM   1237 C CA  . GLY B 1 47  ? -10.515 12.669  -0.803  1.00 17.23 ? 51  GLY B CA  1 
ATOM   1238 C C   . GLY B 1 47  ? -10.341 13.732  0.250   1.00 17.06 ? 51  GLY B C   1 
ATOM   1239 O O   . GLY B 1 47  ? -11.166 14.626  0.277   1.00 16.57 ? 51  GLY B O   1 
ATOM   1240 N N   . ILE B 1 48  ? -9.331  13.696  1.132   1.00 16.40 ? 52  ILE B N   1 
ATOM   1241 C CA  . ILE B 1 48  ? -9.084  14.775  2.057   1.00 17.10 ? 52  ILE B CA  1 
ATOM   1242 C C   . ILE B 1 48  ? -8.994  16.079  1.268   1.00 20.60 ? 52  ILE B C   1 
ATOM   1243 O O   . ILE B 1 48  ? -9.508  17.071  1.777   1.00 26.74 ? 52  ILE B O   1 
ATOM   1244 C CB  . ILE B 1 48  ? -7.818  14.493  2.801   1.00 15.08 ? 52  ILE B CB  1 
ATOM   1245 C CG1 . ILE B 1 48  ? -8.112  13.366  3.740   1.00 9.86  ? 52  ILE B CG1 1 
ATOM   1246 C CG2 . ILE B 1 48  ? -7.330  15.702  3.608   1.00 14.94 ? 52  ILE B CG2 1 
ATOM   1247 C CD1 . ILE B 1 48  ? -6.796  12.714  4.254   1.00 9.92  ? 52  ILE B CD1 1 
ATOM   1248 N N   . GLY B 1 49  ? -8.540  16.161  0.006   1.00 21.35 ? 53  GLY B N   1 
ATOM   1249 C CA  . GLY B 1 49  ? -8.506  17.398  -0.788  1.00 18.55 ? 53  GLY B CA  1 
ATOM   1250 C C   . GLY B 1 49  ? -9.846  18.043  -1.165  1.00 19.74 ? 53  GLY B C   1 
ATOM   1251 O O   . GLY B 1 49  ? -10.051 19.256  -1.087  1.00 19.09 ? 53  GLY B O   1 
ATOM   1252 N N   . THR B 1 50  ? -10.780 17.261  -1.676  1.00 19.79 ? 54  THR B N   1 
ATOM   1253 C CA  . THR B 1 50  ? -12.127 17.697  -2.003  1.00 19.46 ? 54  THR B CA  1 
ATOM   1254 C C   . THR B 1 50  ? -12.817 18.095  -0.721  1.00 16.59 ? 54  THR B C   1 
ATOM   1255 O O   . THR B 1 50  ? -13.676 18.936  -0.796  1.00 19.39 ? 54  THR B O   1 
ATOM   1256 C CB  . THR B 1 50  ? -12.963 16.577  -2.642  1.00 23.42 ? 54  THR B CB  1 
ATOM   1257 O OG1 . THR B 1 50  ? -12.144 15.947  -3.625  1.00 28.21 ? 54  THR B OG1 1 
ATOM   1258 C CG2 . THR B 1 50  ? -14.222 17.105  -3.298  1.00 23.20 ? 54  THR B CG2 1 
ATOM   1259 N N   . LEU B 1 51  ? -12.466 17.555  0.440   1.00 13.09 ? 55  LEU B N   1 
ATOM   1260 C CA  . LEU B 1 51  ? -13.082 17.904  1.685   1.00 17.03 ? 55  LEU B CA  1 
ATOM   1261 C C   . LEU B 1 51  ? -12.638 19.304  1.933   1.00 18.69 ? 55  LEU B C   1 
ATOM   1262 O O   . LEU B 1 51  ? -13.442 20.221  1.934   1.00 20.28 ? 55  LEU B O   1 
ATOM   1263 C CB  . LEU B 1 51  ? -12.599 17.069  2.867   1.00 14.20 ? 55  LEU B CB  1 
ATOM   1264 C CG  . LEU B 1 51  ? -13.612 16.233  3.603   1.00 17.29 ? 55  LEU B CG  1 
ATOM   1265 C CD1 . LEU B 1 51  ? -13.064 15.778  4.934   1.00 12.98 ? 55  LEU B CD1 1 
ATOM   1266 C CD2 . LEU B 1 51  ? -14.884 17.054  3.709   1.00 11.98 ? 55  LEU B CD2 1 
ATOM   1267 N N   . GLU B 1 52  ? -11.322 19.413  2.010   1.00 24.05 ? 56  GLU B N   1 
ATOM   1268 C CA  . GLU B 1 52  ? -10.616 20.621  2.337   1.00 30.56 ? 56  GLU B CA  1 
ATOM   1269 C C   . GLU B 1 52  ? -11.044 21.791  1.472   1.00 29.71 ? 56  GLU B C   1 
ATOM   1270 O O   . GLU B 1 52  ? -11.161 22.890  2.000   1.00 31.46 ? 56  GLU B O   1 
ATOM   1271 C CB  . GLU B 1 52  ? -9.128  20.378  2.183   1.00 35.52 ? 56  GLU B CB  1 
ATOM   1272 C CG  . GLU B 1 52  ? -8.372  21.351  3.083   1.00 48.32 ? 56  GLU B CG  1 
ATOM   1273 C CD  . GLU B 1 52  ? -6.844  21.427  2.902   1.00 54.53 ? 56  GLU B CD  1 
ATOM   1274 O OE1 . GLU B 1 52  ? -6.225  20.371  2.692   1.00 58.64 ? 56  GLU B OE1 1 
ATOM   1275 O OE2 . GLU B 1 52  ? -6.268  22.533  2.992   1.00 57.46 ? 56  GLU B OE2 1 
ATOM   1276 N N   . SER B 1 53  ? -11.344 21.609  0.189   1.00 28.14 ? 57  SER B N   1 
ATOM   1277 C CA  . SER B 1 53  ? -11.777 22.705  -0.639  1.00 26.70 ? 57  SER B CA  1 
ATOM   1278 C C   . SER B 1 53  ? -13.214 23.123  -0.330  1.00 29.92 ? 57  SER B C   1 
ATOM   1279 O O   . SER B 1 53  ? -13.572 24.295  -0.504  1.00 27.76 ? 57  SER B O   1 
ATOM   1280 C CB  . SER B 1 53  ? -11.650 22.295  -2.114  1.00 22.86 ? 57  SER B CB  1 
ATOM   1281 O OG  . SER B 1 53  ? -12.729 21.533  -2.673  1.00 24.44 ? 57  SER B OG  1 
ATOM   1282 N N   . GLN B 1 54  ? -14.089 22.158  0.030   1.00 32.57 ? 58  GLN B N   1 
ATOM   1283 C CA  . GLN B 1 54  ? -15.473 22.502  0.301   1.00 36.71 ? 58  GLN B CA  1 
ATOM   1284 C C   . GLN B 1 54  ? -15.738 22.996  1.695   1.00 35.42 ? 58  GLN B C   1 
ATOM   1285 O O   . GLN B 1 54  ? -16.798 23.565  1.932   1.00 36.47 ? 58  GLN B O   1 
ATOM   1286 C CB  . GLN B 1 54  ? -16.409 21.321  0.038   1.00 39.83 ? 58  GLN B CB  1 
ATOM   1287 C CG  . GLN B 1 54  ? -16.493 20.996  -1.452  1.00 45.35 ? 58  GLN B CG  1 
ATOM   1288 C CD  . GLN B 1 54  ? -16.522 22.209  -2.385  1.00 49.58 ? 58  GLN B CD  1 
ATOM   1289 O OE1 . GLN B 1 54  ? -17.556 22.863  -2.595  1.00 49.94 ? 58  GLN B OE1 1 
ATOM   1290 N NE2 . GLN B 1 54  ? -15.371 22.546  -2.969  1.00 51.84 ? 58  GLN B NE2 1 
ATOM   1291 N N   . THR B 1 55  ? -14.783 22.821  2.582   1.00 35.45 ? 59  THR B N   1 
ATOM   1292 C CA  . THR B 1 55  ? -14.875 23.217  3.977   1.00 38.34 ? 59  THR B CA  1 
ATOM   1293 C C   . THR B 1 55  ? -14.589 24.684  4.312   1.00 42.95 ? 59  THR B C   1 
ATOM   1294 O O   . THR B 1 55  ? -13.545 25.230  3.911   1.00 43.67 ? 59  THR B O   1 
ATOM   1295 C CB  . THR B 1 55  ? -13.899 22.348  4.764   1.00 36.10 ? 59  THR B CB  1 
ATOM   1296 O OG1 . THR B 1 55  ? -14.253 20.998  4.472   1.00 34.08 ? 59  THR B OG1 1 
ATOM   1297 C CG2 . THR B 1 55  ? -13.894 22.656  6.237   1.00 34.12 ? 59  THR B CG2 1 
ATOM   1298 N N   . VAL B 1 56  ? -15.452 25.301  5.137   1.00 46.46 ? 60  VAL B N   1 
ATOM   1299 C CA  . VAL B 1 56  ? -15.140 26.611  5.727   1.00 51.54 ? 60  VAL B CA  1 
ATOM   1300 C C   . VAL B 1 56  ? -13.758 26.516  6.413   1.00 52.29 ? 60  VAL B C   1 
ATOM   1301 O O   . VAL B 1 56  ? -13.574 25.631  7.259   1.00 53.12 ? 60  VAL B O   1 
ATOM   1302 C CB  . VAL B 1 56  ? -16.227 26.991  6.774   1.00 51.38 ? 60  VAL B CB  1 
ATOM   1303 C CG1 . VAL B 1 56  ? -15.850 28.243  7.583   1.00 51.97 ? 60  VAL B CG1 1 
ATOM   1304 C CG2 . VAL B 1 56  ? -17.501 27.313  6.016   1.00 53.64 ? 60  VAL B CG2 1 
ATOM   1305 N N   . GLN B 1 57  ? -12.776 27.376  6.103   1.00 51.95 ? 61  GLN B N   1 
ATOM   1306 C CA  . GLN B 1 57  ? -11.424 27.282  6.674   1.00 54.12 ? 61  GLN B CA  1 
ATOM   1307 C C   . GLN B 1 57  ? -11.337 27.776  8.140   1.00 52.79 ? 61  GLN B C   1 
ATOM   1308 O O   . GLN B 1 57  ? -10.488 28.571  8.574   1.00 51.03 ? 61  GLN B O   1 
ATOM   1309 C CB  . GLN B 1 57  ? -10.458 28.094  5.789   1.00 58.84 ? 61  GLN B CB  1 
ATOM   1310 C CG  . GLN B 1 57  ? -10.413 27.779  4.289   1.00 64.28 ? 61  GLN B CG  1 
ATOM   1311 C CD  . GLN B 1 57  ? -11.656 28.181  3.487   1.00 67.22 ? 61  GLN B CD  1 
ATOM   1312 O OE1 . GLN B 1 57  ? -12.276 29.220  3.719   1.00 67.66 ? 61  GLN B OE1 1 
ATOM   1313 N NE2 . GLN B 1 57  ? -12.134 27.349  2.573   1.00 69.71 ? 61  GLN B NE2 1 
ATOM   1314 N N   . GLY B 1 58  ? -12.203 27.217  8.978   1.00 51.91 ? 62  GLY B N   1 
ATOM   1315 C CA  . GLY B 1 58  ? -12.447 27.703  10.313  1.00 48.95 ? 62  GLY B CA  1 
ATOM   1316 C C   . GLY B 1 58  ? -11.396 27.496  11.373  1.00 45.83 ? 62  GLY B C   1 
ATOM   1317 O O   . GLY B 1 58  ? -11.629 26.674  12.259  1.00 46.69 ? 62  GLY B O   1 
ATOM   1318 N N   . GLY B 1 59  ? -10.275 28.202  11.341  1.00 44.05 ? 63  GLY B N   1 
ATOM   1319 C CA  . GLY B 1 59  ? -9.305  28.146  12.420  1.00 40.77 ? 63  GLY B CA  1 
ATOM   1320 C C   . GLY B 1 59  ? -9.041  26.757  13.007  1.00 38.55 ? 63  GLY B C   1 
ATOM   1321 O O   . GLY B 1 59  ? -8.068  26.130  12.600  1.00 38.84 ? 63  GLY B O   1 
ATOM   1322 N N   . THR B 1 60  ? -9.853  26.172  13.889  1.00 34.77 ? 64  THR B N   1 
ATOM   1323 C CA  . THR B 1 60  ? -9.419  24.917  14.465  1.00 36.43 ? 64  THR B CA  1 
ATOM   1324 C C   . THR B 1 60  ? -9.507  23.729  13.513  1.00 33.00 ? 64  THR B C   1 
ATOM   1325 O O   . THR B 1 60  ? -8.770  22.763  13.737  1.00 30.58 ? 64  THR B O   1 
ATOM   1326 C CB  . THR B 1 60  ? -10.207 24.599  15.731  1.00 39.16 ? 64  THR B CB  1 
ATOM   1327 O OG1 . THR B 1 60  ? -11.597 24.569  15.400  1.00 46.41 ? 64  THR B OG1 1 
ATOM   1328 C CG2 . THR B 1 60  ? -9.896  25.593  16.813  1.00 41.81 ? 64  THR B CG2 1 
ATOM   1329 N N   . VAL B 1 61  ? -10.350 23.786  12.451  1.00 30.64 ? 65  VAL B N   1 
ATOM   1330 C CA  . VAL B 1 61  ? -10.429 22.703  11.478  1.00 28.66 ? 65  VAL B CA  1 
ATOM   1331 C C   . VAL B 1 61  ? -9.053  22.598  10.824  1.00 32.87 ? 65  VAL B C   1 
ATOM   1332 O O   . VAL B 1 61  ? -8.589  21.511  10.434  1.00 35.85 ? 65  VAL B O   1 
ATOM   1333 C CB  . VAL B 1 61  ? -11.342 22.855  10.242  1.00 25.24 ? 65  VAL B CB  1 
ATOM   1334 C CG1 . VAL B 1 61  ? -12.015 21.501  10.144  1.00 18.23 ? 65  VAL B CG1 1 
ATOM   1335 C CG2 . VAL B 1 61  ? -12.343 23.968  10.270  1.00 23.86 ? 65  VAL B CG2 1 
ATOM   1336 N N   . GLU B 1 62  ? -8.349  23.732  10.744  1.00 31.70 ? 66  GLU B N   1 
ATOM   1337 C CA  . GLU B 1 62  ? -7.079  23.761  10.096  1.00 26.28 ? 66  GLU B CA  1 
ATOM   1338 C C   . GLU B 1 62  ? -6.044  22.972  10.841  1.00 24.55 ? 66  GLU B C   1 
ATOM   1339 O O   . GLU B 1 62  ? -5.340  22.253  10.156  1.00 25.40 ? 66  GLU B O   1 
ATOM   1340 C CB  . GLU B 1 62  ? -6.768  25.217  9.889   1.00 25.93 ? 66  GLU B CB  1 
ATOM   1341 C CG  . GLU B 1 62  ? -7.780  25.685  8.800   1.00 35.65 ? 66  GLU B CG  1 
ATOM   1342 C CD  . GLU B 1 62  ? -7.922  24.800  7.515   1.00 43.17 ? 66  GLU B CD  1 
ATOM   1343 O OE1 . GLU B 1 62  ? -6.904  24.243  7.041   1.00 41.83 ? 66  GLU B OE1 1 
ATOM   1344 O OE2 . GLU B 1 62  ? -9.043  24.671  6.972   1.00 44.89 ? 66  GLU B OE2 1 
ATOM   1345 N N   . ARG B 1 63  ? -5.925  22.880  12.154  1.00 23.41 ? 67  ARG B N   1 
ATOM   1346 C CA  . ARG B 1 63  ? -4.952  21.975  12.717  1.00 24.36 ? 67  ARG B CA  1 
ATOM   1347 C C   . ARG B 1 63  ? -5.340  20.490  12.409  1.00 27.90 ? 67  ARG B C   1 
ATOM   1348 O O   . ARG B 1 63  ? -4.510  19.567  12.569  1.00 31.03 ? 67  ARG B O   1 
ATOM   1349 C CB  . ARG B 1 63  ? -4.874  22.203  14.188  1.00 21.88 ? 67  ARG B CB  1 
ATOM   1350 C CG  . ARG B 1 63  ? -3.538  21.690  14.607  1.00 29.96 ? 67  ARG B CG  1 
ATOM   1351 C CD  . ARG B 1 63  ? -3.618  21.135  16.004  1.00 35.81 ? 67  ARG B CD  1 
ATOM   1352 N NE  . ARG B 1 63  ? -2.290  20.756  16.479  1.00 44.61 ? 67  ARG B NE  1 
ATOM   1353 C CZ  . ARG B 1 63  ? -2.053  20.367  17.755  1.00 48.76 ? 67  ARG B CZ  1 
ATOM   1354 N NH1 . ARG B 1 63  ? -3.040  20.303  18.661  1.00 52.07 ? 67  ARG B NH1 1 
ATOM   1355 N NH2 . ARG B 1 63  ? -0.803  20.067  18.156  1.00 49.38 ? 67  ARG B NH2 1 
ATOM   1356 N N   . LEU B 1 64  ? -6.571  20.175  11.930  1.00 24.47 ? 68  LEU B N   1 
ATOM   1357 C CA  . LEU B 1 64  ? -6.918  18.827  11.504  1.00 22.54 ? 68  LEU B CA  1 
ATOM   1358 C C   . LEU B 1 64  ? -6.270  18.633  10.110  1.00 22.34 ? 68  LEU B C   1 
ATOM   1359 O O   . LEU B 1 64  ? -5.596  17.621  9.849   1.00 22.21 ? 68  LEU B O   1 
ATOM   1360 C CB  . LEU B 1 64  ? -8.466  18.633  11.394  1.00 18.63 ? 68  LEU B CB  1 
ATOM   1361 C CG  . LEU B 1 64  ? -8.978  17.358  10.656  1.00 15.73 ? 68  LEU B CG  1 
ATOM   1362 C CD1 . LEU B 1 64  ? -8.464  16.166  11.429  1.00 13.18 ? 68  LEU B CD1 1 
ATOM   1363 C CD2 . LEU B 1 64  ? -10.481 17.347  10.497  1.00 4.97  ? 68  LEU B CD2 1 
ATOM   1364 N N   . PHE B 1 65  ? -6.482  19.595  9.193   1.00 19.45 ? 69  PHE B N   1 
ATOM   1365 C CA  . PHE B 1 65  ? -5.973  19.500  7.858   1.00 18.76 ? 69  PHE B CA  1 
ATOM   1366 C C   . PHE B 1 65  ? -4.469  19.653  7.772   1.00 22.46 ? 69  PHE B C   1 
ATOM   1367 O O   . PHE B 1 65  ? -3.835  19.144  6.842   1.00 22.35 ? 69  PHE B O   1 
ATOM   1368 C CB  . PHE B 1 65  ? -6.564  20.518  7.017   1.00 14.47 ? 69  PHE B CB  1 
ATOM   1369 C CG  . PHE B 1 65  ? -7.993  20.218  6.701   1.00 20.62 ? 69  PHE B CG  1 
ATOM   1370 C CD1 . PHE B 1 65  ? -8.341  19.022  6.146   1.00 23.35 ? 69  PHE B CD1 1 
ATOM   1371 C CD2 . PHE B 1 65  ? -8.955  21.148  6.980   1.00 24.72 ? 69  PHE B CD2 1 
ATOM   1372 C CE1 . PHE B 1 65  ? -9.657  18.753  5.870   1.00 26.17 ? 69  PHE B CE1 1 
ATOM   1373 C CE2 . PHE B 1 65  ? -10.270 20.883  6.701   1.00 25.73 ? 69  PHE B CE2 1 
ATOM   1374 C CZ  . PHE B 1 65  ? -10.618 19.685  6.146   1.00 25.76 ? 69  PHE B CZ  1 
ATOM   1375 N N   . LYS B 1 66  ? -3.914  20.286  8.797   1.00 24.31 ? 70  LYS B N   1 
ATOM   1376 C CA  . LYS B 1 66  ? -2.501  20.517  8.953   1.00 27.51 ? 70  LYS B CA  1 
ATOM   1377 C C   . LYS B 1 66  ? -1.885  19.191  9.390   1.00 28.81 ? 70  LYS B C   1 
ATOM   1378 O O   . LYS B 1 66  ? -0.921  18.743  8.779   1.00 29.92 ? 70  LYS B O   1 
ATOM   1379 C CB  . LYS B 1 66  ? -2.315  21.585  10.008  1.00 26.06 ? 70  LYS B CB  1 
ATOM   1380 C CG  . LYS B 1 66  ? -1.001  22.284  9.914   1.00 26.33 ? 70  LYS B CG  1 
ATOM   1381 C CD  . LYS B 1 66  ? -0.607  22.640  11.328  1.00 29.11 ? 70  LYS B CD  1 
ATOM   1382 C CE  . LYS B 1 66  ? -0.211  21.355  12.031  1.00 33.71 ? 70  LYS B CE  1 
ATOM   1383 N NZ  . LYS B 1 66  ? 0.466   21.637  13.277  1.00 34.20 ? 70  LYS B NZ  1 
ATOM   1384 N N   . ASN B 1 67  ? -2.370  18.530  10.443  1.00 30.74 ? 71  ASN B N   1 
ATOM   1385 C CA  . ASN B 1 67  ? -1.957  17.164  10.768  1.00 30.09 ? 71  ASN B CA  1 
ATOM   1386 C C   . ASN B 1 67  ? -2.075  16.143  9.645   1.00 26.94 ? 71  ASN B C   1 
ATOM   1387 O O   . ASN B 1 67  ? -1.184  15.326  9.476   1.00 26.63 ? 71  ASN B O   1 
ATOM   1388 C CB  . ASN B 1 67  ? -2.761  16.655  11.927  1.00 31.89 ? 71  ASN B CB  1 
ATOM   1389 C CG  . ASN B 1 67  ? -2.088  17.049  13.221  1.00 36.19 ? 71  ASN B CG  1 
ATOM   1390 O OD1 . ASN B 1 67  ? -1.335  18.036  13.314  1.00 40.09 ? 71  ASN B OD1 1 
ATOM   1391 N ND2 . ASN B 1 67  ? -2.342  16.241  14.248  1.00 36.80 ? 71  ASN B ND2 1 
ATOM   1392 N N   . LEU B 1 68  ? -3.152  16.084  8.876   1.00 24.31 ? 72  LEU B N   1 
ATOM   1393 C CA  . LEU B 1 68  ? -3.206  15.265  7.681   1.00 22.04 ? 72  LEU B CA  1 
ATOM   1394 C C   . LEU B 1 68  ? -2.180  15.655  6.600   1.00 25.11 ? 72  LEU B C   1 
ATOM   1395 O O   . LEU B 1 68  ? -1.766  14.786  5.839   1.00 26.43 ? 72  LEU B O   1 
ATOM   1396 C CB  . LEU B 1 68  ? -4.584  15.338  7.086   1.00 17.84 ? 72  LEU B CB  1 
ATOM   1397 C CG  . LEU B 1 68  ? -5.699  14.733  7.894   1.00 15.88 ? 72  LEU B CG  1 
ATOM   1398 C CD1 . LEU B 1 68  ? -6.993  15.025  7.182   1.00 12.21 ? 72  LEU B CD1 1 
ATOM   1399 C CD2 . LEU B 1 68  ? -5.549  13.212  7.992   1.00 14.57 ? 72  LEU B CD2 1 
ATOM   1400 N N   . SER B 1 69  ? -1.716  16.896  6.406   1.00 27.73 ? 73  SER B N   1 
ATOM   1401 C CA  . SER B 1 69  ? -0.621  17.200  5.483   1.00 26.14 ? 73  SER B CA  1 
ATOM   1402 C C   . SER B 1 69  ? 0.696   16.699  6.030   1.00 24.55 ? 73  SER B C   1 
ATOM   1403 O O   . SER B 1 69  ? 1.548   16.236  5.283   1.00 27.52 ? 73  SER B O   1 
ATOM   1404 C CB  . SER B 1 69  ? -0.452  18.678  5.251   1.00 28.13 ? 73  SER B CB  1 
ATOM   1405 O OG  . SER B 1 69  ? -1.031  19.020  3.998   1.00 34.58 ? 73  SER B OG  1 
ATOM   1406 N N   . LEU B 1 70  ? 0.933   16.687  7.321   1.00 24.42 ? 74  LEU B N   1 
ATOM   1407 C CA  . LEU B 1 70  ? 2.219   16.217  7.791   1.00 27.61 ? 74  LEU B CA  1 
ATOM   1408 C C   . LEU B 1 70  ? 2.244   14.676  7.717   1.00 29.34 ? 74  LEU B C   1 
ATOM   1409 O O   . LEU B 1 70  ? 3.329   14.112  7.593   1.00 30.33 ? 74  LEU B O   1 
ATOM   1410 C CB  . LEU B 1 70  ? 2.462   16.769  9.233   1.00 28.68 ? 74  LEU B CB  1 
ATOM   1411 C CG  . LEU B 1 70  ? 2.189   18.289  9.565   1.00 30.46 ? 74  LEU B CG  1 
ATOM   1412 C CD1 . LEU B 1 70  ? 2.849   18.626  10.899  1.00 30.08 ? 74  LEU B CD1 1 
ATOM   1413 C CD2 . LEU B 1 70  ? 2.714   19.218  8.471   1.00 26.48 ? 74  LEU B CD2 1 
ATOM   1414 N N   . ILE B 1 71  ? 1.098   13.959  7.799   1.00 29.12 ? 75  ILE B N   1 
ATOM   1415 C CA  . ILE B 1 71  ? 1.034   12.522  7.537   1.00 28.99 ? 75  ILE B CA  1 
ATOM   1416 C C   . ILE B 1 71  ? 1.120   12.314  6.007   1.00 30.53 ? 75  ILE B C   1 
ATOM   1417 O O   . ILE B 1 71  ? 1.700   11.314  5.581   1.00 33.21 ? 75  ILE B O   1 
ATOM   1418 C CB  . ILE B 1 71  ? -0.282  11.929  8.096   1.00 24.35 ? 75  ILE B CB  1 
ATOM   1419 C CG1 . ILE B 1 71  ? -0.191  11.860  9.623   1.00 28.39 ? 75  ILE B CG1 1 
ATOM   1420 C CG2 . ILE B 1 71  ? -0.500  10.507  7.634   1.00 25.06 ? 75  ILE B CG2 1 
ATOM   1421 C CD1 . ILE B 1 71  ? -1.547  11.640  10.434  1.00 24.17 ? 75  ILE B CD1 1 
ATOM   1422 N N   . LYS B 1 72  ? 0.643   13.182  5.096   1.00 29.14 ? 76  LYS B N   1 
ATOM   1423 C CA  . LYS B 1 72  ? 0.747   12.950  3.667   1.00 26.53 ? 76  LYS B CA  1 
ATOM   1424 C C   . LYS B 1 72  ? 2.195   12.914  3.220   1.00 31.81 ? 76  LYS B C   1 
ATOM   1425 O O   . LYS B 1 72  ? 2.680   11.967  2.592   1.00 34.18 ? 76  LYS B O   1 
ATOM   1426 C CB  . LYS B 1 72  ? 0.077   14.034  2.897   1.00 18.98 ? 76  LYS B CB  1 
ATOM   1427 C CG  . LYS B 1 72  ? 0.022   13.631  1.462   1.00 20.12 ? 76  LYS B CG  1 
ATOM   1428 C CD  . LYS B 1 72  ? -0.639  14.706  0.660   1.00 20.99 ? 76  LYS B CD  1 
ATOM   1429 C CE  . LYS B 1 72  ? -1.146  14.198  -0.676  1.00 22.96 ? 76  LYS B CE  1 
ATOM   1430 N NZ  . LYS B 1 72  ? -0.085  13.931  -1.633  1.00 28.85 ? 76  LYS B NZ  1 
ATOM   1431 N N   . LYS B 1 73  ? 2.910   13.954  3.590   1.00 34.04 ? 77  LYS B N   1 
ATOM   1432 C CA  . LYS B 1 73  ? 4.257   14.105  3.133   1.00 36.46 ? 77  LYS B CA  1 
ATOM   1433 C C   . LYS B 1 73  ? 5.110   12.921  3.572   1.00 35.82 ? 77  LYS B C   1 
ATOM   1434 O O   . LYS B 1 73  ? 5.961   12.476  2.804   1.00 35.67 ? 77  LYS B O   1 
ATOM   1435 C CB  . LYS B 1 73  ? 4.774   15.420  3.681   1.00 39.85 ? 77  LYS B CB  1 
ATOM   1436 C CG  . LYS B 1 73  ? 4.915   15.519  5.210   1.00 43.90 ? 77  LYS B CG  1 
ATOM   1437 C CD  . LYS B 1 73  ? 6.338   15.346  5.758   1.00 46.16 ? 77  LYS B CD  1 
ATOM   1438 C CE  . LYS B 1 73  ? 7.256   16.555  5.528   1.00 48.91 ? 77  LYS B CE  1 
ATOM   1439 N NZ  . LYS B 1 73  ? 7.556   16.857  4.129   1.00 49.91 ? 77  LYS B NZ  1 
ATOM   1440 N N   . TYR B 1 74  ? 4.854   12.356  4.753   1.00 33.68 ? 78  TYR B N   1 
ATOM   1441 C CA  . TYR B 1 74  ? 5.623   11.236  5.252   1.00 33.24 ? 78  TYR B CA  1 
ATOM   1442 C C   . TYR B 1 74  ? 5.281   9.974   4.436   1.00 33.33 ? 78  TYR B C   1 
ATOM   1443 O O   . TYR B 1 74  ? 6.172   9.175   4.171   1.00 34.08 ? 78  TYR B O   1 
ATOM   1444 C CB  . TYR B 1 74  ? 5.297   11.155  6.737   1.00 31.85 ? 78  TYR B CB  1 
ATOM   1445 C CG  . TYR B 1 74  ? 5.608   9.826   7.364   1.00 36.52 ? 78  TYR B CG  1 
ATOM   1446 C CD1 . TYR B 1 74  ? 4.630   8.845   7.330   1.00 40.93 ? 78  TYR B CD1 1 
ATOM   1447 C CD2 . TYR B 1 74  ? 6.832   9.581   7.927   1.00 39.49 ? 78  TYR B CD2 1 
ATOM   1448 C CE1 . TYR B 1 74  ? 4.865   7.591   7.850   1.00 43.77 ? 78  TYR B CE1 1 
ATOM   1449 C CE2 . TYR B 1 74  ? 7.081   8.323   8.455   1.00 44.14 ? 78  TYR B CE2 1 
ATOM   1450 C CZ  . TYR B 1 74  ? 6.098   7.336   8.404   1.00 45.14 ? 78  TYR B CZ  1 
ATOM   1451 O OH  . TYR B 1 74  ? 6.365   6.050   8.852   1.00 46.67 ? 78  TYR B OH  1 
ATOM   1452 N N   . ILE B 1 75  ? 4.056   9.716   3.982   1.00 31.01 ? 79  ILE B N   1 
ATOM   1453 C CA  . ILE B 1 75  ? 3.744   8.557   3.156   1.00 30.26 ? 79  ILE B CA  1 
ATOM   1454 C C   . ILE B 1 75  ? 4.485   8.758   1.821   1.00 30.52 ? 79  ILE B C   1 
ATOM   1455 O O   . ILE B 1 75  ? 5.260   7.926   1.343   1.00 27.94 ? 79  ILE B O   1 
ATOM   1456 C CB  . ILE B 1 75  ? 2.174   8.492   3.048   1.00 28.47 ? 79  ILE B CB  1 
ATOM   1457 C CG1 . ILE B 1 75  ? 1.641   7.867   4.362   1.00 25.06 ? 79  ILE B CG1 1 
ATOM   1458 C CG2 . ILE B 1 75  ? 1.712   7.735   1.793   1.00 27.48 ? 79  ILE B CG2 1 
ATOM   1459 C CD1 . ILE B 1 75  ? 0.165   8.125   4.698   1.00 20.85 ? 79  ILE B CD1 1 
ATOM   1460 N N   . ASP B 1 76  ? 4.373   9.946   1.277   1.00 31.49 ? 80  ASP B N   1 
ATOM   1461 C CA  . ASP B 1 76  ? 5.066   10.295  0.070   1.00 31.23 ? 80  ASP B CA  1 
ATOM   1462 C C   . ASP B 1 76  ? 6.579   10.201  0.107   1.00 29.77 ? 80  ASP B C   1 
ATOM   1463 O O   . ASP B 1 76  ? 7.227   9.867   -0.882  1.00 27.15 ? 80  ASP B O   1 
ATOM   1464 C CB  . ASP B 1 76  ? 4.567   11.648  -0.236  1.00 32.09 ? 80  ASP B CB  1 
ATOM   1465 C CG  . ASP B 1 76  ? 3.150   11.561  -0.762  1.00 39.13 ? 80  ASP B CG  1 
ATOM   1466 O OD1 . ASP B 1 76  ? 2.618   10.468  -1.010  1.00 43.04 ? 80  ASP B OD1 1 
ATOM   1467 O OD2 . ASP B 1 76  ? 2.568   12.625  -0.951  1.00 46.60 ? 80  ASP B OD2 1 
ATOM   1468 N N   . GLY B 1 77  ? 7.115   10.417  1.289   1.00 28.74 ? 81  GLY B N   1 
ATOM   1469 C CA  . GLY B 1 77  ? 8.519   10.286  1.545   1.00 31.22 ? 81  GLY B CA  1 
ATOM   1470 C C   . GLY B 1 77  ? 8.834   8.808   1.538   1.00 32.44 ? 81  GLY B C   1 
ATOM   1471 O O   . GLY B 1 77  ? 9.873   8.397   1.035   1.00 36.83 ? 81  GLY B O   1 
ATOM   1472 N N   . GLN B 1 78  ? 7.952   7.931   2.005   1.00 31.62 ? 82  GLN B N   1 
ATOM   1473 C CA  . GLN B 1 78  ? 8.235   6.522   2.031   1.00 26.10 ? 82  GLN B CA  1 
ATOM   1474 C C   . GLN B 1 78  ? 8.029   5.877   0.724   1.00 26.15 ? 82  GLN B C   1 
ATOM   1475 O O   . GLN B 1 78  ? 8.743   4.924   0.430   1.00 28.13 ? 82  GLN B O   1 
ATOM   1476 C CB  . GLN B 1 78  ? 7.389   5.866   2.999   1.00 27.29 ? 82  GLN B CB  1 
ATOM   1477 C CG  . GLN B 1 78  ? 8.119   6.139   4.286   1.00 26.46 ? 82  GLN B CG  1 
ATOM   1478 C CD  . GLN B 1 78  ? 7.760   5.094   5.303   1.00 30.62 ? 82  GLN B CD  1 
ATOM   1479 O OE1 . GLN B 1 78  ? 6.622   4.588   5.350   1.00 33.90 ? 82  GLN B OE1 1 
ATOM   1480 N NE2 . GLN B 1 78  ? 8.769   4.736   6.099   1.00 28.80 ? 82  GLN B NE2 1 
ATOM   1481 N N   . LYS B 1 79  ? 7.135   6.393   -0.088  1.00 26.19 ? 83  LYS B N   1 
ATOM   1482 C CA  . LYS B 1 79  ? 6.971   5.849   -1.425  1.00 30.95 ? 83  LYS B CA  1 
ATOM   1483 C C   . LYS B 1 79  ? 8.226   6.151   -2.222  1.00 31.94 ? 83  LYS B C   1 
ATOM   1484 O O   . LYS B 1 79  ? 8.611   5.437   -3.140  1.00 34.03 ? 83  LYS B O   1 
ATOM   1485 C CB  . LYS B 1 79  ? 5.726   6.456   -2.119  1.00 32.96 ? 83  LYS B CB  1 
ATOM   1486 C CG  . LYS B 1 79  ? 4.448   6.217   -1.242  1.00 39.00 ? 83  LYS B CG  1 
ATOM   1487 C CD  . LYS B 1 79  ? 3.139   5.800   -1.918  1.00 41.85 ? 83  LYS B CD  1 
ATOM   1488 C CE  . LYS B 1 79  ? 2.467   6.884   -2.787  1.00 50.06 ? 83  LYS B CE  1 
ATOM   1489 N NZ  . LYS B 1 79  ? 1.731   7.913   -2.042  1.00 52.04 ? 83  LYS B NZ  1 
ATOM   1490 N N   . LYS B 1 80  ? 8.940   7.194   -1.824  1.00 34.23 ? 84  LYS B N   1 
ATOM   1491 C CA  . LYS B 1 80  ? 10.157  7.591   -2.494  1.00 34.49 ? 84  LYS B CA  1 
ATOM   1492 C C   . LYS B 1 80  ? 11.248  6.634   -2.118  1.00 32.30 ? 84  LYS B C   1 
ATOM   1493 O O   . LYS B 1 80  ? 11.900  6.109   -3.010  1.00 31.52 ? 84  LYS B O   1 
ATOM   1494 C CB  . LYS B 1 80  ? 10.511  9.021   -2.107  1.00 37.05 ? 84  LYS B CB  1 
ATOM   1495 C CG  . LYS B 1 80  ? 10.206  9.958   -3.290  1.00 44.44 ? 84  LYS B CG  1 
ATOM   1496 C CD  . LYS B 1 80  ? 8.755   9.920   -3.830  1.00 48.19 ? 84  LYS B CD  1 
ATOM   1497 C CE  . LYS B 1 80  ? 8.530   10.890  -5.002  1.00 50.35 ? 84  LYS B CE  1 
ATOM   1498 N NZ  . LYS B 1 80  ? 7.176   10.722  -5.515  1.00 53.98 ? 84  LYS B NZ  1 
ATOM   1499 N N   . LYS B 1 81  ? 11.370  6.288   -0.843  1.00 29.28 ? 85  LYS B N   1 
ATOM   1500 C CA  . LYS B 1 81  ? 12.339  5.347   -0.345  1.00 28.33 ? 85  LYS B CA  1 
ATOM   1501 C C   . LYS B 1 81  ? 12.089  3.911   -0.855  1.00 33.09 ? 85  LYS B C   1 
ATOM   1502 O O   . LYS B 1 81  ? 12.690  2.929   -0.352  1.00 35.60 ? 85  LYS B O   1 
ATOM   1503 C CB  . LYS B 1 81  ? 12.234  5.391   1.126   1.00 26.98 ? 85  LYS B CB  1 
ATOM   1504 C CG  . LYS B 1 81  ? 13.461  5.174   1.939   1.00 29.00 ? 85  LYS B CG  1 
ATOM   1505 C CD  . LYS B 1 81  ? 14.116  6.519   2.015   1.00 31.48 ? 85  LYS B CD  1 
ATOM   1506 C CE  . LYS B 1 81  ? 14.878  6.702   3.345   1.00 37.82 ? 85  LYS B CE  1 
ATOM   1507 N NZ  . LYS B 1 81  ? 16.286  6.307   3.329   1.00 40.24 ? 85  LYS B NZ  1 
ATOM   1508 N N   . CYS B 1 82  ? 11.133  3.701   -1.776  1.00 34.00 ? 86  CYS B N   1 
ATOM   1509 C CA  . CYS B 1 82  ? 10.826  2.394   -2.314  1.00 36.60 ? 86  CYS B CA  1 
ATOM   1510 C C   . CYS B 1 82  ? 11.863  2.010   -3.370  1.00 37.98 ? 86  CYS B C   1 
ATOM   1511 O O   . CYS B 1 82  ? 12.558  0.997   -3.239  1.00 38.58 ? 86  CYS B O   1 
ATOM   1512 C CB  . CYS B 1 82  ? 9.400   2.369   -2.948  1.00 36.13 ? 86  CYS B CB  1 
ATOM   1513 S SG  . CYS B 1 82  ? 7.888   2.140   -1.940  1.00 31.06 ? 86  CYS B SG  1 
ATOM   1514 N N   . GLY B 1 83  ? 12.041  2.839   -4.388  1.00 38.29 ? 87  GLY B N   1 
ATOM   1515 C CA  . GLY B 1 83  ? 12.988  2.545   -5.431  1.00 40.35 ? 87  GLY B CA  1 
ATOM   1516 C C   . GLY B 1 83  ? 14.332  3.192   -5.151  1.00 41.18 ? 87  GLY B C   1 
ATOM   1517 O O   . GLY B 1 83  ? 14.908  3.690   -6.118  1.00 40.55 ? 87  GLY B O   1 
ATOM   1518 N N   . GLU B 1 84  ? 14.907  3.230   -3.937  1.00 41.79 ? 88  GLU B N   1 
ATOM   1519 C CA  . GLU B 1 84  ? 16.160  3.969   -3.868  1.00 43.40 ? 88  GLU B CA  1 
ATOM   1520 C C   . GLU B 1 84  ? 17.409  3.135   -3.660  1.00 42.66 ? 88  GLU B C   1 
ATOM   1521 O O   . GLU B 1 84  ? 18.399  3.403   -4.325  1.00 44.07 ? 88  GLU B O   1 
ATOM   1522 C CB  . GLU B 1 84  ? 16.099  5.082   -2.786  1.00 43.41 ? 88  GLU B CB  1 
ATOM   1523 C CG  . GLU B 1 84  ? 16.246  4.932   -1.259  1.00 42.80 ? 88  GLU B CG  1 
ATOM   1524 C CD  . GLU B 1 84  ? 16.652  6.291   -0.658  1.00 44.71 ? 88  GLU B CD  1 
ATOM   1525 O OE1 . GLU B 1 84  ? 15.934  7.268   -0.927  1.00 43.39 ? 88  GLU B OE1 1 
ATOM   1526 O OE2 . GLU B 1 84  ? 17.680  6.388   0.036   1.00 40.02 ? 88  GLU B OE2 1 
ATOM   1527 N N   . GLU B 1 85  ? 17.503  2.149   -2.782  1.00 41.94 ? 89  GLU B N   1 
ATOM   1528 C CA  . GLU B 1 85  ? 18.705  1.369   -2.751  1.00 39.27 ? 89  GLU B CA  1 
ATOM   1529 C C   . GLU B 1 85  ? 18.527  0.345   -3.863  1.00 38.39 ? 89  GLU B C   1 
ATOM   1530 O O   . GLU B 1 85  ? 17.423  -0.101  -4.183  1.00 38.58 ? 89  GLU B O   1 
ATOM   1531 C CB  . GLU B 1 85  ? 18.843  0.696   -1.416  1.00 42.30 ? 89  GLU B CB  1 
ATOM   1532 C CG  . GLU B 1 85  ? 19.983  1.292   -0.582  1.00 50.10 ? 89  GLU B CG  1 
ATOM   1533 C CD  . GLU B 1 85  ? 19.682  2.558   0.242   1.00 56.47 ? 89  GLU B CD  1 
ATOM   1534 O OE1 . GLU B 1 85  ? 19.094  3.517   -0.273  1.00 58.92 ? 89  GLU B OE1 1 
ATOM   1535 O OE2 . GLU B 1 85  ? 20.055  2.591   1.422   1.00 58.41 ? 89  GLU B OE2 1 
ATOM   1536 N N   . ARG B 1 86  ? 19.605  0.063   -4.579  1.00 36.73 ? 90  ARG B N   1 
ATOM   1537 C CA  . ARG B 1 86  ? 19.677  -0.980  -5.572  1.00 33.36 ? 90  ARG B CA  1 
ATOM   1538 C C   . ARG B 1 86  ? 20.579  -1.978  -4.889  1.00 33.43 ? 90  ARG B C   1 
ATOM   1539 O O   . ARG B 1 86  ? 21.631  -1.628  -4.340  1.00 35.35 ? 90  ARG B O   1 
ATOM   1540 C CB  . ARG B 1 86  ? 20.289  -0.457  -6.817  1.00 30.10 ? 90  ARG B CB  1 
ATOM   1541 C CG  . ARG B 1 86  ? 19.034  0.143   -7.354  1.00 32.05 ? 90  ARG B CG  1 
ATOM   1542 C CD  . ARG B 1 86  ? 19.247  0.958   -8.578  1.00 36.83 ? 90  ARG B CD  1 
ATOM   1543 N NE  . ARG B 1 86  ? 18.920  0.229   -9.776  1.00 37.30 ? 90  ARG B NE  1 
ATOM   1544 C CZ  . ARG B 1 86  ? 19.860  -0.480  -10.371 1.00 39.86 ? 90  ARG B CZ  1 
ATOM   1545 N NH1 . ARG B 1 86  ? 21.132  -0.575  -9.908  1.00 36.83 ? 90  ARG B NH1 1 
ATOM   1546 N NH2 . ARG B 1 86  ? 19.477  -1.046  -11.505 1.00 41.33 ? 90  ARG B NH2 1 
ATOM   1547 N N   . ARG B 1 87  ? 20.067  -3.195  -4.770  1.00 30.56 ? 91  ARG B N   1 
ATOM   1548 C CA  . ARG B 1 87  ? 20.765  -4.282  -4.131  1.00 27.29 ? 91  ARG B CA  1 
ATOM   1549 C C   . ARG B 1 87  ? 20.722  -5.507  -5.049  1.00 23.69 ? 91  ARG B C   1 
ATOM   1550 O O   . ARG B 1 87  ? 20.085  -5.518  -6.104  1.00 18.08 ? 91  ARG B O   1 
ATOM   1551 C CB  . ARG B 1 87  ? 20.100  -4.595  -2.818  1.00 28.97 ? 91  ARG B CB  1 
ATOM   1552 C CG  . ARG B 1 87  ? 19.773  -3.402  -1.998  1.00 27.82 ? 91  ARG B CG  1 
ATOM   1553 C CD  . ARG B 1 87  ? 20.995  -2.791  -1.442  1.00 34.36 ? 91  ARG B CD  1 
ATOM   1554 N NE  . ARG B 1 87  ? 21.829  -3.664  -0.625  1.00 38.82 ? 91  ARG B NE  1 
ATOM   1555 C CZ  . ARG B 1 87  ? 21.411  -4.413  0.409   1.00 42.69 ? 91  ARG B CZ  1 
ATOM   1556 N NH1 . ARG B 1 87  ? 20.124  -4.442  0.797   1.00 44.96 ? 91  ARG B NH1 1 
ATOM   1557 N NH2 . ARG B 1 87  ? 22.334  -5.088  1.113   1.00 42.75 ? 91  ARG B NH2 1 
ATOM   1558 N N   . ARG B 1 88  ? 21.431  -6.513  -4.564  1.00 23.66 ? 92  ARG B N   1 
ATOM   1559 C CA  . ARG B 1 88  ? 21.691  -7.801  -5.218  1.00 27.84 ? 92  ARG B CA  1 
ATOM   1560 C C   . ARG B 1 88  ? 20.453  -8.695  -5.203  1.00 29.27 ? 92  ARG B C   1 
ATOM   1561 O O   . ARG B 1 88  ? 19.647  -8.594  -4.274  1.00 35.06 ? 92  ARG B O   1 
ATOM   1562 C CB  . ARG B 1 88  ? 22.752  -8.656  -4.528  1.00 29.37 ? 92  ARG B CB  1 
ATOM   1563 C CG  . ARG B 1 88  ? 23.834  -8.068  -3.628  1.00 36.55 ? 92  ARG B CG  1 
ATOM   1564 C CD  . ARG B 1 88  ? 23.259  -7.391  -2.354  1.00 42.62 ? 92  ARG B CD  1 
ATOM   1565 N NE  . ARG B 1 88  ? 23.462  -5.963  -2.535  1.00 46.89 ? 92  ARG B NE  1 
ATOM   1566 C CZ  . ARG B 1 88  ? 24.328  -5.257  -1.784  1.00 50.43 ? 92  ARG B CZ  1 
ATOM   1567 N NH1 . ARG B 1 88  ? 25.031  -5.818  -0.784  1.00 50.66 ? 92  ARG B NH1 1 
ATOM   1568 N NH2 . ARG B 1 88  ? 24.610  -3.994  -2.146  1.00 51.15 ? 92  ARG B NH2 1 
ATOM   1569 N N   . VAL B 1 89  ? 20.305  -9.677  -6.092  1.00 28.45 ? 93  VAL B N   1 
ATOM   1570 C CA  . VAL B 1 89  ? 19.125  -10.503 -6.155  1.00 23.90 ? 93  VAL B CA  1 
ATOM   1571 C C   . VAL B 1 89  ? 18.867  -11.231 -4.827  1.00 24.46 ? 93  VAL B C   1 
ATOM   1572 O O   . VAL B 1 89  ? 17.686  -11.258 -4.508  1.00 22.40 ? 93  VAL B O   1 
ATOM   1573 C CB  . VAL B 1 89  ? 19.315  -11.429 -7.397  1.00 21.29 ? 93  VAL B CB  1 
ATOM   1574 C CG1 . VAL B 1 89  ? 18.251  -12.507 -7.499  1.00 22.05 ? 93  VAL B CG1 1 
ATOM   1575 C CG2 . VAL B 1 89  ? 19.041  -10.623 -8.656  1.00 16.02 ? 93  VAL B CG2 1 
ATOM   1576 N N   . ASN B 1 90  ? 19.777  -11.714 -3.961  1.00 22.31 ? 94  ASN B N   1 
ATOM   1577 C CA  . ASN B 1 90  ? 19.325  -12.364 -2.751  1.00 25.26 ? 94  ASN B CA  1 
ATOM   1578 C C   . ASN B 1 90  ? 18.599  -11.378 -1.864  1.00 27.30 ? 94  ASN B C   1 
ATOM   1579 O O   . ASN B 1 90  ? 17.551  -11.745 -1.326  1.00 27.14 ? 94  ASN B O   1 
ATOM   1580 C CB  . ASN B 1 90  ? 20.433  -12.976 -1.909  1.00 31.19 ? 94  ASN B CB  1 
ATOM   1581 C CG  . ASN B 1 90  ? 21.560  -12.022 -1.563  1.00 39.59 ? 94  ASN B CG  1 
ATOM   1582 O OD1 . ASN B 1 90  ? 22.144  -11.487 -2.516  1.00 45.11 ? 94  ASN B OD1 1 
ATOM   1583 N ND2 . ASN B 1 90  ? 21.929  -11.787 -0.294  1.00 36.81 ? 94  ASN B ND2 1 
ATOM   1584 N N   . GLN B 1 91  ? 19.054  -10.134 -1.693  1.00 27.60 ? 95  GLN B N   1 
ATOM   1585 C CA  . GLN B 1 91  ? 18.300  -9.124  -0.952  1.00 25.69 ? 95  GLN B CA  1 
ATOM   1586 C C   . GLN B 1 91  ? 16.967  -8.831  -1.592  1.00 20.46 ? 95  GLN B C   1 
ATOM   1587 O O   . GLN B 1 91  ? 16.000  -8.716  -0.846  1.00 21.78 ? 95  GLN B O   1 
ATOM   1588 C CB  . GLN B 1 91  ? 18.984  -7.780  -0.870  1.00 31.60 ? 95  GLN B CB  1 
ATOM   1589 C CG  . GLN B 1 91  ? 19.615  -7.484  0.469   1.00 38.48 ? 95  GLN B CG  1 
ATOM   1590 C CD  . GLN B 1 91  ? 20.962  -8.133  0.706   1.00 42.48 ? 95  GLN B CD  1 
ATOM   1591 O OE1 . GLN B 1 91  ? 21.390  -9.057  0.003   1.00 46.46 ? 95  GLN B OE1 1 
ATOM   1592 N NE2 . GLN B 1 91  ? 21.660  -7.652  1.729   1.00 41.60 ? 95  GLN B NE2 1 
ATOM   1593 N N   . PHE B 1 92  ? 16.822  -8.699  -2.907  1.00 16.69 ? 96  PHE B N   1 
ATOM   1594 C CA  . PHE B 1 92  ? 15.489  -8.513  -3.438  1.00 16.86 ? 96  PHE B CA  1 
ATOM   1595 C C   . PHE B 1 92  ? 14.572  -9.694  -3.155  1.00 18.70 ? 96  PHE B C   1 
ATOM   1596 O O   . PHE B 1 92  ? 13.393  -9.478  -2.902  1.00 22.06 ? 96  PHE B O   1 
ATOM   1597 C CB  . PHE B 1 92  ? 15.529  -8.312  -4.895  1.00 11.81 ? 96  PHE B CB  1 
ATOM   1598 C CG  . PHE B 1 92  ? 14.146  -8.259  -5.562  1.00 12.89 ? 96  PHE B CG  1 
ATOM   1599 C CD1 . PHE B 1 92  ? 13.349  -7.155  -5.444  1.00 13.24 ? 96  PHE B CD1 1 
ATOM   1600 C CD2 . PHE B 1 92  ? 13.705  -9.303  -6.348  1.00 12.50 ? 96  PHE B CD2 1 
ATOM   1601 C CE1 . PHE B 1 92  ? 12.139  -7.100  -6.116  1.00 14.94 ? 96  PHE B CE1 1 
ATOM   1602 C CE2 . PHE B 1 92  ? 12.501  -9.245  -7.014  1.00 14.29 ? 96  PHE B CE2 1 
ATOM   1603 C CZ  . PHE B 1 92  ? 11.698  -8.138  -6.911  1.00 15.95 ? 96  PHE B CZ  1 
ATOM   1604 N N   . LEU B 1 93  ? 15.062  -10.942 -3.171  1.00 21.22 ? 97  LEU B N   1 
ATOM   1605 C CA  . LEU B 1 93  ? 14.290  -12.149 -2.936  1.00 17.99 ? 97  LEU B CA  1 
ATOM   1606 C C   . LEU B 1 93  ? 13.807  -12.308 -1.499  1.00 18.87 ? 97  LEU B C   1 
ATOM   1607 O O   . LEU B 1 93  ? 12.621  -12.615 -1.297  1.00 18.87 ? 97  LEU B O   1 
ATOM   1608 C CB  . LEU B 1 93  ? 15.136  -13.348 -3.358  1.00 16.49 ? 97  LEU B CB  1 
ATOM   1609 C CG  . LEU B 1 93  ? 15.462  -13.474 -4.842  1.00 11.27 ? 97  LEU B CG  1 
ATOM   1610 C CD1 . LEU B 1 93  ? 16.064  -14.843 -5.074  1.00 17.42 ? 97  LEU B CD1 1 
ATOM   1611 C CD2 . LEU B 1 93  ? 14.238  -13.378 -5.690  1.00 7.42  ? 97  LEU B CD2 1 
ATOM   1612 N N   . ASP B 1 94  ? 14.666  -12.156 -0.482  1.00 18.81 ? 98  ASP B N   1 
ATOM   1613 C CA  . ASP B 1 94  ? 14.206  -12.084 0.889   1.00 19.35 ? 98  ASP B CA  1 
ATOM   1614 C C   . ASP B 1 94  ? 13.135  -11.006 1.062   1.00 21.61 ? 98  ASP B C   1 
ATOM   1615 O O   . ASP B 1 94  ? 12.128  -11.265 1.733   1.00 23.26 ? 98  ASP B O   1 
ATOM   1616 C CB  . ASP B 1 94  ? 15.317  -11.749 1.784   1.00 22.85 ? 98  ASP B CB  1 
ATOM   1617 C CG  . ASP B 1 94  ? 16.298  -12.886 1.908   1.00 27.67 ? 98  ASP B CG  1 
ATOM   1618 O OD1 . ASP B 1 94  ? 15.982  -13.896 2.549   1.00 37.56 ? 98  ASP B OD1 1 
ATOM   1619 O OD2 . ASP B 1 94  ? 17.379  -12.770 1.351   1.00 33.11 ? 98  ASP B OD2 1 
ATOM   1620 N N   . TYR B 1 95  ? 13.260  -9.828  0.428   1.00 19.59 ? 99  TYR B N   1 
ATOM   1621 C CA  . TYR B 1 95  ? 12.227  -8.820  0.524   1.00 17.05 ? 99  TYR B CA  1 
ATOM   1622 C C   . TYR B 1 95  ? 10.954  -9.332  -0.121  1.00 17.58 ? 99  TYR B C   1 
ATOM   1623 O O   . TYR B 1 95  ? 9.893   -9.240  0.492   1.00 20.96 ? 99  TYR B O   1 
ATOM   1624 C CB  . TYR B 1 95  ? 12.637  -7.535  -0.170  1.00 16.99 ? 99  TYR B CB  1 
ATOM   1625 C CG  . TYR B 1 95  ? 11.847  -6.299  0.255   1.00 18.03 ? 99  TYR B CG  1 
ATOM   1626 C CD1 . TYR B 1 95  ? 12.112  -5.699  1.466   1.00 18.13 ? 99  TYR B CD1 1 
ATOM   1627 C CD2 . TYR B 1 95  ? 10.863  -5.778  -0.557  1.00 18.38 ? 99  TYR B CD2 1 
ATOM   1628 C CE1 . TYR B 1 95  ? 11.391  -4.586  1.869   1.00 20.36 ? 99  TYR B CE1 1 
ATOM   1629 C CE2 . TYR B 1 95  ? 10.141  -4.663  -0.164  1.00 17.82 ? 99  TYR B CE2 1 
ATOM   1630 C CZ  . TYR B 1 95  ? 10.411  -4.084  1.054   1.00 20.74 ? 99  TYR B CZ  1 
ATOM   1631 O OH  . TYR B 1 95  ? 9.628   -3.036  1.504   1.00 23.05 ? 99  TYR B OH  1 
ATOM   1632 N N   . LEU B 1 96  ? 10.983  -9.901  -1.324  1.00 18.07 ? 100 LEU B N   1 
ATOM   1633 C CA  . LEU B 1 96  ? 9.782   -10.361 -1.994  1.00 14.09 ? 100 LEU B CA  1 
ATOM   1634 C C   . LEU B 1 96  ? 9.124   -11.501 -1.219  1.00 13.79 ? 100 LEU B C   1 
ATOM   1635 O O   . LEU B 1 96  ? 7.900   -11.553 -1.180  1.00 15.11 ? 100 LEU B O   1 
ATOM   1636 C CB  . LEU B 1 96  ? 10.160  -10.769 -3.408  1.00 9.56  ? 100 LEU B CB  1 
ATOM   1637 C CG  . LEU B 1 96  ? 9.030   -11.397 -4.196  1.00 12.13 ? 100 LEU B CG  1 
ATOM   1638 C CD1 . LEU B 1 96  ? 7.856   -10.433 -4.316  1.00 13.28 ? 100 LEU B CD1 1 
ATOM   1639 C CD2 . LEU B 1 96  ? 9.526   -11.760 -5.579  1.00 14.68 ? 100 LEU B CD2 1 
ATOM   1640 N N   . GLN B 1 97  ? 9.875   -12.368 -0.551  1.00 14.22 ? 101 GLN B N   1 
ATOM   1641 C CA  . GLN B 1 97  ? 9.362   -13.403 0.294   1.00 19.27 ? 101 GLN B CA  1 
ATOM   1642 C C   . GLN B 1 97  ? 8.547   -12.831 1.435   1.00 22.20 ? 101 GLN B C   1 
ATOM   1643 O O   . GLN B 1 97  ? 7.487   -13.323 1.821   1.00 22.81 ? 101 GLN B O   1 
ATOM   1644 C CB  . GLN B 1 97  ? 10.422  -14.175 0.983   1.00 25.16 ? 101 GLN B CB  1 
ATOM   1645 C CG  . GLN B 1 97  ? 11.232  -15.131 0.173   1.00 35.93 ? 101 GLN B CG  1 
ATOM   1646 C CD  . GLN B 1 97  ? 11.782  -16.279 1.033   1.00 42.65 ? 101 GLN B CD  1 
ATOM   1647 O OE1 . GLN B 1 97  ? 12.424  -17.217 0.507   1.00 47.60 ? 101 GLN B OE1 1 
ATOM   1648 N NE2 . GLN B 1 97  ? 11.564  -16.292 2.361   1.00 39.93 ? 101 GLN B NE2 1 
ATOM   1649 N N   . GLU B 1 98  ? 9.171   -11.829 2.055   1.00 23.20 ? 102 GLU B N   1 
ATOM   1650 C CA  . GLU B 1 98  ? 8.596   -11.052 3.110   1.00 19.30 ? 102 GLU B CA  1 
ATOM   1651 C C   . GLU B 1 98  ? 7.338   -10.386 2.587   1.00 16.36 ? 102 GLU B C   1 
ATOM   1652 O O   . GLU B 1 98  ? 6.360   -10.372 3.305   1.00 16.36 ? 102 GLU B O   1 
ATOM   1653 C CB  . GLU B 1 98  ? 9.642   -10.102 3.499   1.00 21.64 ? 102 GLU B CB  1 
ATOM   1654 C CG  . GLU B 1 98  ? 9.205   -9.423  4.725   1.00 29.74 ? 102 GLU B CG  1 
ATOM   1655 C CD  . GLU B 1 98  ? 10.416  -9.031  5.533   1.00 34.36 ? 102 GLU B CD  1 
ATOM   1656 O OE1 . GLU B 1 98  ? 11.068  -9.962  6.040   1.00 32.65 ? 102 GLU B OE1 1 
ATOM   1657 O OE2 . GLU B 1 98  ? 10.676  -7.816  5.632   1.00 35.17 ? 102 GLU B OE2 1 
ATOM   1658 N N   . PHE B 1 99  ? 7.244   -9.857  1.392   1.00 13.05 ? 103 PHE B N   1 
ATOM   1659 C CA  . PHE B 1 99  ? 5.983   -9.373  0.919   1.00 13.58 ? 103 PHE B CA  1 
ATOM   1660 C C   . PHE B 1 99  ? 4.953   -10.510 0.690   1.00 17.81 ? 103 PHE B C   1 
ATOM   1661 O O   . PHE B 1 99  ? 3.731   -10.335 0.892   1.00 21.70 ? 103 PHE B O   1 
ATOM   1662 C CB  . PHE B 1 99  ? 6.248   -8.587  -0.357  1.00 8.30  ? 103 PHE B CB  1 
ATOM   1663 C CG  . PHE B 1 99  ? 4.993   -8.222  -1.137  1.00 7.73  ? 103 PHE B CG  1 
ATOM   1664 C CD1 . PHE B 1 99  ? 3.916   -7.627  -0.541  1.00 6.92  ? 103 PHE B CD1 1 
ATOM   1665 C CD2 . PHE B 1 99  ? 4.925   -8.499  -2.469  1.00 10.19 ? 103 PHE B CD2 1 
ATOM   1666 C CE1 . PHE B 1 99  ? 2.803   -7.319  -1.282  1.00 9.85  ? 103 PHE B CE1 1 
ATOM   1667 C CE2 . PHE B 1 99  ? 3.807   -8.191  -3.208  1.00 10.96 ? 103 PHE B CE2 1 
ATOM   1668 C CZ  . PHE B 1 99  ? 2.733   -7.596  -2.622  1.00 9.46  ? 103 PHE B CZ  1 
ATOM   1669 N N   . LEU B 1 100 ? 5.316   -11.683 0.200   1.00 16.84 ? 104 LEU B N   1 
ATOM   1670 C CA  . LEU B 1 100 ? 4.306   -12.704 0.019   1.00 16.10 ? 104 LEU B CA  1 
ATOM   1671 C C   . LEU B 1 100 ? 3.858   -13.275 1.381   1.00 15.56 ? 104 LEU B C   1 
ATOM   1672 O O   . LEU B 1 100 ? 2.690   -13.603 1.599   1.00 16.61 ? 104 LEU B O   1 
ATOM   1673 C CB  . LEU B 1 100 ? 4.888   -13.788 -0.883  1.00 17.75 ? 104 LEU B CB  1 
ATOM   1674 C CG  . LEU B 1 100 ? 4.994   -13.505 -2.349  1.00 14.92 ? 104 LEU B CG  1 
ATOM   1675 C CD1 . LEU B 1 100 ? 6.064   -14.401 -2.897  1.00 12.95 ? 104 LEU B CD1 1 
ATOM   1676 C CD2 . LEU B 1 100 ? 3.691   -13.778 -3.052  1.00 13.09 ? 104 LEU B CD2 1 
ATOM   1677 N N   . GLY B 1 101 ? 4.760   -13.392 2.341   1.00 15.10 ? 105 GLY B N   1 
ATOM   1678 C CA  . GLY B 1 101 ? 4.474   -13.811 3.703   1.00 19.53 ? 105 GLY B CA  1 
ATOM   1679 C C   . GLY B 1 101 ? 3.338   -12.946 4.270   1.00 21.21 ? 105 GLY B C   1 
ATOM   1680 O O   . GLY B 1 101 ? 2.319   -13.498 4.643   1.00 22.79 ? 105 GLY B O   1 
ATOM   1681 N N   . VAL B 1 102 ? 3.418   -11.611 4.258   1.00 21.58 ? 106 VAL B N   1 
ATOM   1682 C CA  . VAL B 1 102 ? 2.363   -10.653 4.618   1.00 20.27 ? 106 VAL B CA  1 
ATOM   1683 C C   . VAL B 1 102 ? 1.017   -10.883 3.935   1.00 20.74 ? 106 VAL B C   1 
ATOM   1684 O O   . VAL B 1 102 ? -0.038  -10.802 4.588   1.00 20.06 ? 106 VAL B O   1 
ATOM   1685 C CB  . VAL B 1 102 ? 2.870   -9.248  4.299   1.00 18.22 ? 106 VAL B CB  1 
ATOM   1686 C CG1 . VAL B 1 102 ? 1.778   -8.181  4.172   1.00 22.32 ? 106 VAL B CG1 1 
ATOM   1687 C CG2 . VAL B 1 102 ? 3.832   -8.956  5.423   1.00 16.85 ? 106 VAL B CG2 1 
ATOM   1688 N N   . MET B 1 103 ? 1.029   -11.122 2.622   1.00 20.79 ? 107 MET B N   1 
ATOM   1689 C CA  . MET B 1 103 ? -0.203  -11.419 1.926   1.00 18.69 ? 107 MET B CA  1 
ATOM   1690 C C   . MET B 1 103 ? -0.866  -12.665 2.498   1.00 19.62 ? 107 MET B C   1 
ATOM   1691 O O   . MET B 1 103 ? -2.106  -12.681 2.616   1.00 18.92 ? 107 MET B O   1 
ATOM   1692 C CB  . MET B 1 103 ? 0.008   -11.661 0.454   1.00 14.53 ? 107 MET B CB  1 
ATOM   1693 C CG  . MET B 1 103 ? 0.118   -10.417 -0.317  1.00 12.14 ? 107 MET B CG  1 
ATOM   1694 S SD  . MET B 1 103 ? 0.294   -10.797 -2.082  1.00 17.30 ? 107 MET B SD  1 
ATOM   1695 C CE  . MET B 1 103 ? -1.384  -10.851 -2.618  1.00 13.93 ? 107 MET B CE  1 
ATOM   1696 N N   . ASN B 1 104 ? -0.047  -13.654 2.885   1.00 16.53 ? 108 ASN B N   1 
ATOM   1697 C CA  . ASN B 1 104 ? -0.593  -14.906 3.357   1.00 16.15 ? 108 ASN B CA  1 
ATOM   1698 C C   . ASN B 1 104 ? -0.965  -14.861 4.840   1.00 17.87 ? 108 ASN B C   1 
ATOM   1699 O O   . ASN B 1 104 ? -1.842  -15.583 5.272   1.00 19.96 ? 108 ASN B O   1 
ATOM   1700 C CB  . ASN B 1 104 ? 0.455   -15.994 3.071   1.00 15.40 ? 108 ASN B CB  1 
ATOM   1701 C CG  . ASN B 1 104 ? 0.101   -17.429 3.462   1.00 8.73  ? 108 ASN B CG  1 
ATOM   1702 O OD1 . ASN B 1 104 ? -0.861  -17.975 2.958   1.00 7.69  ? 108 ASN B OD1 1 
ATOM   1703 N ND2 . ASN B 1 104 ? 0.828   -18.096 4.329   1.00 4.54  ? 108 ASN B ND2 1 
ATOM   1704 N N   . THR B 1 105 ? -0.262  -14.107 5.688   1.00 21.12 ? 109 THR B N   1 
ATOM   1705 C CA  . THR B 1 105 ? -0.482  -13.874 7.108   1.00 21.16 ? 109 THR B CA  1 
ATOM   1706 C C   . THR B 1 105 ? -1.474  -12.767 7.483   1.00 25.26 ? 109 THR B C   1 
ATOM   1707 O O   . THR B 1 105 ? -2.341  -12.950 8.349   1.00 27.43 ? 109 THR B O   1 
ATOM   1708 C CB  . THR B 1 105 ? 0.861   -13.582 7.681   1.00 18.68 ? 109 THR B CB  1 
ATOM   1709 O OG1 . THR B 1 105 ? 1.369   -14.883 7.789   1.00 18.01 ? 109 THR B OG1 1 
ATOM   1710 C CG2 . THR B 1 105 ? 0.944   -12.892 9.013   1.00 25.25 ? 109 THR B CG2 1 
ATOM   1711 N N   . GLU B 1 106 ? -1.311  -11.609 6.872   1.00 25.38 ? 110 GLU B N   1 
ATOM   1712 C CA  . GLU B 1 106 ? -2.132  -10.469 7.159   1.00 23.21 ? 110 GLU B CA  1 
ATOM   1713 C C   . GLU B 1 106 ? -3.358  -10.326 6.275   1.00 22.57 ? 110 GLU B C   1 
ATOM   1714 O O   . GLU B 1 106 ? -4.428  -10.215 6.826   1.00 28.33 ? 110 GLU B O   1 
ATOM   1715 C CB  . GLU B 1 106 ? -1.331  -9.176  7.023   1.00 28.27 ? 110 GLU B CB  1 
ATOM   1716 C CG  . GLU B 1 106 ? -0.211  -8.713  8.014   1.00 30.58 ? 110 GLU B CG  1 
ATOM   1717 C CD  . GLU B 1 106 ? 0.212   -7.208  7.865   1.00 34.81 ? 110 GLU B CD  1 
ATOM   1718 O OE1 . GLU B 1 106 ? -0.367  -6.396  7.090   1.00 29.48 ? 110 GLU B OE1 1 
ATOM   1719 O OE2 . GLU B 1 106 ? 1.168   -6.830  8.558   1.00 38.16 ? 110 GLU B OE2 1 
ATOM   1720 N N   . TRP B 1 107 ? -3.374  -10.363 4.945   1.00 19.81 ? 111 TRP B N   1 
ATOM   1721 C CA  . TRP B 1 107 ? -4.534  -9.968  4.151   1.00 15.42 ? 111 TRP B CA  1 
ATOM   1722 C C   . TRP B 1 107 ? -5.830  -10.730 4.191   1.00 16.76 ? 111 TRP B C   1 
ATOM   1723 O O   . TRP B 1 107 ? -5.839  -11.879 4.611   1.00 19.78 ? 111 TRP B O   1 
ATOM   1724 C CB  . TRP B 1 107 ? -4.134  -9.873  2.651   1.00 16.57 ? 111 TRP B CB  1 
ATOM   1725 C CG  . TRP B 1 107 ? -3.114  -8.822  2.216   1.00 10.94 ? 111 TRP B CG  1 
ATOM   1726 C CD1 . TRP B 1 107 ? -2.209  -8.301  3.092   1.00 10.49 ? 111 TRP B CD1 1 
ATOM   1727 C CD2 . TRP B 1 107 ? -3.000  -8.318  0.952   1.00 11.88 ? 111 TRP B CD2 1 
ATOM   1728 N NE1 . TRP B 1 107 ? -1.520  -7.456  2.375   1.00 14.16 ? 111 TRP B NE1 1 
ATOM   1729 C CE2 . TRP B 1 107 ? -1.964  -7.437  1.102   1.00 15.72 ? 111 TRP B CE2 1 
ATOM   1730 C CE3 . TRP B 1 107 ? -3.593  -8.462  -0.275  1.00 16.66 ? 111 TRP B CE3 1 
ATOM   1731 C CZ2 . TRP B 1 107 ? -1.493  -6.676  0.041   1.00 19.23 ? 111 TRP B CZ2 1 
ATOM   1732 C CZ3 . TRP B 1 107 ? -3.145  -7.712  -1.344  1.00 17.56 ? 111 TRP B CZ3 1 
ATOM   1733 C CH2 . TRP B 1 107 ? -2.099  -6.817  -1.188  1.00 17.44 ? 111 TRP B CH2 1 
ATOM   1734 N N   . ILE B 1 108 ? -6.830  -10.095 3.561   1.00 19.06 ? 112 ILE B N   1 
ATOM   1735 C CA  . ILE B 1 108 ? -8.206  -10.517 3.329   1.00 26.93 ? 112 ILE B CA  1 
ATOM   1736 C C   . ILE B 1 108 ? -9.182  -10.402 4.564   1.00 31.30 ? 112 ILE B C   1 
ATOM   1737 O O   . ILE B 1 108 ? -10.378 -10.194 4.344   1.00 29.64 ? 112 ILE B O   1 
ATOM   1738 C CB  . ILE B 1 108 ? -8.121  -11.978 2.689   1.00 28.08 ? 112 ILE B CB  1 
ATOM   1739 C CG1 . ILE B 1 108 ? -8.451  -11.871 1.205   1.00 31.25 ? 112 ILE B CG1 1 
ATOM   1740 C CG2 . ILE B 1 108 ? -9.135  -12.977 3.249   1.00 36.64 ? 112 ILE B CG2 1 
ATOM   1741 C CD1 . ILE B 1 108 ? -8.628  -13.217 0.413   1.00 23.83 ? 112 ILE B CD1 1 
ATOM   1742 O OXT . ILE B 1 108 ? -8.774  -10.449 5.730   1.00 32.80 ? 112 ILE B OXT 1 
HETATM 1743 O O   . HOH C 2 .   ? 5.507   -26.872 -8.285  1.00 45.07 ? 851 HOH A O   1 
HETATM 1744 O O   . HOH C 2 .   ? 13.831  -22.830 -16.660 1.00 25.28 ? 852 HOH A O   1 
HETATM 1745 O O   . HOH C 2 .   ? 4.244   -9.689  -13.656 1.00 24.86 ? 853 HOH A O   1 
HETATM 1746 O O   . HOH C 2 .   ? 1.182   -26.404 -4.701  1.00 22.34 ? 854 HOH A O   1 
HETATM 1747 O O   . HOH C 2 .   ? 4.880   -14.738 -17.595 1.00 26.33 ? 855 HOH A O   1 
HETATM 1748 O O   . HOH C 2 .   ? -4.186  -18.708 3.637   1.00 37.41 ? 856 HOH A O   1 
HETATM 1749 O O   . HOH C 2 .   ? 5.738   -12.247 -13.384 1.00 31.68 ? 859 HOH A O   1 
HETATM 1750 O O   . HOH C 2 .   ? -9.039  -8.327  -7.171  1.00 29.18 ? 862 HOH A O   1 
HETATM 1751 O O   . HOH C 2 .   ? 14.292  -27.531 -12.507 1.00 36.85 ? 870 HOH A O   1 
HETATM 1752 O O   . HOH C 2 .   ? -17.663 3.334   4.605   1.00 30.86 ? 871 HOH A O   1 
HETATM 1753 O O   . HOH C 2 .   ? 21.569  -19.838 -16.994 1.00 42.58 ? 872 HOH A O   1 
HETATM 1754 O O   . HOH C 2 .   ? 17.769  -23.406 -3.298  1.00 46.07 ? 873 HOH A O   1 
HETATM 1755 O O   . HOH C 2 .   ? 6.266   -5.123  7.946   1.00 40.52 ? 875 HOH A O   1 
HETATM 1756 O O   . HOH C 2 .   ? 18.860  -17.991 -15.906 1.00 43.89 ? 876 HOH A O   1 
HETATM 1757 O O   . HOH C 2 .   ? 9.650   -26.602 -1.025  1.00 40.04 ? 881 HOH A O   1 
HETATM 1758 O O   . HOH C 2 .   ? 2.711   -25.007 -1.458  1.00 33.97 ? 882 HOH A O   1 
HETATM 1759 O O   . HOH C 2 .   ? -3.114  -1.787  -15.837 1.00 51.09 ? 884 HOH A O   1 
HETATM 1760 O O   . HOH D 2 .   ? -21.740 13.785  1.798   1.00 39.96 ? 857 HOH B O   1 
HETATM 1761 O O   . HOH D 2 .   ? -24.413 12.304  -1.711  1.00 18.34 ? 858 HOH B O   1 
HETATM 1762 O O   . HOH D 2 .   ? -7.926  -14.181 5.573   1.00 20.15 ? 860 HOH B O   1 
HETATM 1763 O O   . HOH D 2 .   ? 1.516   6.857   19.466  1.00 35.47 ? 861 HOH B O   1 
HETATM 1764 O O   . HOH D 2 .   ? -4.229  -13.738 4.635   1.00 29.14 ? 863 HOH B O   1 
HETATM 1765 O O   . HOH D 2 .   ? 3.593   -17.054 5.682   1.00 29.02 ? 864 HOH B O   1 
HETATM 1766 O O   . HOH D 2 .   ? 23.067  -0.342  -1.424  1.00 43.53 ? 865 HOH B O   1 
HETATM 1767 O O   . HOH D 2 .   ? -0.287  -18.129 8.081   1.00 29.54 ? 866 HOH B O   1 
HETATM 1768 O O   . HOH D 2 .   ? 22.336  -11.980 -6.326  1.00 36.47 ? 867 HOH B O   1 
HETATM 1769 O O   . HOH D 2 .   ? 7.773   10.405  -8.869  1.00 37.23 ? 869 HOH B O   1 
HETATM 1770 O O   . HOH D 2 .   ? -24.859 19.395  9.645   1.00 31.93 ? 874 HOH B O   1 
HETATM 1771 O O   . HOH D 2 .   ? -3.812  16.248  1.776   1.00 38.73 ? 877 HOH B O   1 
HETATM 1772 O O   . HOH D 2 .   ? -4.963  18.170  4.467   1.00 32.03 ? 878 HOH B O   1 
HETATM 1773 O O   . HOH D 2 .   ? -19.467 23.943  1.169   1.00 43.91 ? 879 HOH B O   1 
HETATM 1774 O O   . HOH D 2 .   ? -10.252 -6.551  2.522   1.00 28.41 ? 880 HOH B O   1 
HETATM 1775 O O   . HOH D 2 .   ? -12.728 -13.629 -0.420  1.00 43.59 ? 883 HOH B O   1 
# 
